data_7U87
# 
_entry.id   7U87 
# 
_audit_conform.dict_name       mmcif_pdbx.dic 
_audit_conform.dict_version    5.390 
_audit_conform.dict_location   http://mmcif.pdb.org/dictionaries/ascii/mmcif_pdbx.dic 
# 
loop_
_database_2.database_id 
_database_2.database_code 
_database_2.pdbx_database_accession 
_database_2.pdbx_DOI 
PDB   7U87         pdb_00007u87 10.2210/pdb7u87/pdb 
WWPDB D_1000263607 ?            ?                   
# 
loop_
_pdbx_audit_revision_history.ordinal 
_pdbx_audit_revision_history.data_content_type 
_pdbx_audit_revision_history.major_revision 
_pdbx_audit_revision_history.minor_revision 
_pdbx_audit_revision_history.revision_date 
1 'Structure model' 1 0 2023-03-15 
2 'Structure model' 1 1 2023-10-25 
3 'Structure model' 1 2 2024-04-17 
# 
_pdbx_audit_revision_details.ordinal             1 
_pdbx_audit_revision_details.revision_ordinal    1 
_pdbx_audit_revision_details.data_content_type   'Structure model' 
_pdbx_audit_revision_details.provider            repository 
_pdbx_audit_revision_details.type                'Initial release' 
_pdbx_audit_revision_details.description         ? 
_pdbx_audit_revision_details.details             ? 
# 
loop_
_pdbx_audit_revision_group.ordinal 
_pdbx_audit_revision_group.revision_ordinal 
_pdbx_audit_revision_group.data_content_type 
_pdbx_audit_revision_group.group 
1 2 'Structure model' 'Data collection'        
2 2 'Structure model' 'Refinement description' 
3 3 'Structure model' 'Database references'    
# 
loop_
_pdbx_audit_revision_category.ordinal 
_pdbx_audit_revision_category.revision_ordinal 
_pdbx_audit_revision_category.data_content_type 
_pdbx_audit_revision_category.category 
1 2 'Structure model' chem_comp_atom                
2 2 'Structure model' chem_comp_bond                
3 2 'Structure model' pdbx_initial_refinement_model 
4 3 'Structure model' citation                      
5 3 'Structure model' citation_author               
# 
loop_
_pdbx_audit_revision_item.ordinal 
_pdbx_audit_revision_item.revision_ordinal 
_pdbx_audit_revision_item.data_content_type 
_pdbx_audit_revision_item.item 
1 3 'Structure model' '_citation.country'                 
2 3 'Structure model' '_citation.journal_abbrev'          
3 3 'Structure model' '_citation.journal_id_ASTM'         
4 3 'Structure model' '_citation.journal_id_CSD'          
5 3 'Structure model' '_citation.journal_id_ISSN'         
6 3 'Structure model' '_citation.pdbx_database_id_DOI'    
7 3 'Structure model' '_citation.pdbx_database_id_PubMed' 
8 3 'Structure model' '_citation.title'                   
9 3 'Structure model' '_citation.year'                    
# 
_pdbx_database_status.status_code                     REL 
_pdbx_database_status.status_code_sf                  REL 
_pdbx_database_status.status_code_mr                  ? 
_pdbx_database_status.entry_id                        7U87 
_pdbx_database_status.recvd_initial_deposition_date   2022-03-08 
_pdbx_database_status.SG_entry                        N 
_pdbx_database_status.deposit_site                    RCSB 
_pdbx_database_status.process_site                    RCSB 
_pdbx_database_status.status_code_cs                  ? 
_pdbx_database_status.status_code_nmr_data            ? 
_pdbx_database_status.methods_development_category    ? 
_pdbx_database_status.pdb_format_compatible           Y 
# 
_pdbx_contact_author.id                 2 
_pdbx_contact_author.email              szostak@molbio.mgh.harvard.edu 
_pdbx_contact_author.name_first         Jack 
_pdbx_contact_author.name_last          Szostak 
_pdbx_contact_author.name_mi            W 
_pdbx_contact_author.role               'principal investigator/group leader' 
_pdbx_contact_author.identifier_ORCID   0000-0003-4131-1203 
# 
loop_
_audit_author.name 
_audit_author.pdbx_ordinal 
_audit_author.identifier_ORCID 
'Fang, Z.'      1 0000-0001-8679-6633 
'Szostak, J.W.' 2 0000-0003-4131-1203 
# 
_citation.abstract                  ? 
_citation.abstract_id_CAS           ? 
_citation.book_id_ISBN              ? 
_citation.book_publisher            ? 
_citation.book_publisher_city       ? 
_citation.book_title                ? 
_citation.coordinate_linkage        ? 
_citation.country                   US 
_citation.database_id_Medline       ? 
_citation.details                   ? 
_citation.id                        primary 
_citation.journal_abbrev            J.Am.Chem.Soc. 
_citation.journal_id_ASTM           JACSAT 
_citation.journal_id_CSD            ? 
_citation.journal_id_ISSN           1520-5126 
_citation.journal_full              ? 
_citation.journal_issue             ? 
_citation.journal_volume            ? 
_citation.language                  ? 
_citation.page_first                ? 
_citation.page_last                 ? 
_citation.title                     'Catalytic Metal Ion-Substrate Coordination during Nonenzymatic RNA Primer Extension.' 
_citation.year                      2024 
_citation.database_id_CSD           ? 
_citation.pdbx_database_id_DOI      10.1021/jacs.4c00323 
_citation.pdbx_database_id_PubMed   38579124 
_citation.pdbx_database_id_patent   ? 
_citation.unpublished_flag          ? 
# 
loop_
_citation_author.citation_id 
_citation_author.name 
_citation_author.ordinal 
_citation_author.identifier_ORCID 
primary 'Fang, Z.'       1 0000-0001-8679-6633 
primary 'Pazienza, L.T.' 2 ?                   
primary 'Zhang, J.'      3 ?                   
primary 'Tam, C.P.'      4 ?                   
primary 'Szostak, J.W.'  5 0000-0003-4131-1203 
# 
loop_
_entity.id 
_entity.type 
_entity.src_method 
_entity.pdbx_description 
_entity.formula_weight 
_entity.pdbx_number_of_molecules 
_entity.pdbx_ec 
_entity.pdbx_mutation 
_entity.pdbx_fragment 
_entity.details 
1 polymer     syn 
;RNA (5'-R(*(LCC)P*(LCC)P*(LCC)P*(LCG)P*AP*CP*UP*UP*AP*AP*GP*UP*CP*(G46)P*(G46))-3')
;
4890.140 2   ? ? ? ? 
2 non-polymer syn "5'-O-[(R)-(2-amino-1H-imidazol-1-yl)(sulfanyl)phosphoryl]guanosine"                  444.363  2   ? ? ? ? 
3 non-polymer syn 'MAGNESIUM ION'                                                                       24.305   3   ? ? ? ? 
4 water       nat water                                                                                 18.015   107 ? ? ? ? 
# 
_entity_poly.entity_id                      1 
_entity_poly.type                           polyribonucleotide 
_entity_poly.nstd_linkage                   no 
_entity_poly.nstd_monomer                   yes 
_entity_poly.pdbx_seq_one_letter_code       '(LCC)(LCC)(LCC)(LCG)ACUUAAGUC(G46)(G46)' 
_entity_poly.pdbx_seq_one_letter_code_can   NNNGACUUAAGUCGG 
_entity_poly.pdbx_strand_id                 A,B 
_entity_poly.pdbx_target_identifier         ? 
# 
loop_
_pdbx_entity_nonpoly.entity_id 
_pdbx_entity_nonpoly.name 
_pdbx_entity_nonpoly.comp_id 
2 "5'-O-[(R)-(2-amino-1H-imidazol-1-yl)(sulfanyl)phosphoryl]guanosine" LXI 
3 'MAGNESIUM ION'                                                      MG  
4 water                                                                HOH 
# 
loop_
_entity_poly_seq.entity_id 
_entity_poly_seq.num 
_entity_poly_seq.mon_id 
_entity_poly_seq.hetero 
1 1  LCC n 
1 2  LCC n 
1 3  LCC n 
1 4  LCG n 
1 5  A   n 
1 6  C   n 
1 7  U   n 
1 8  U   n 
1 9  A   n 
1 10 A   n 
1 11 G   n 
1 12 U   n 
1 13 C   n 
1 14 G46 n 
1 15 G46 n 
# 
_pdbx_entity_src_syn.entity_id              1 
_pdbx_entity_src_syn.pdbx_src_id            1 
_pdbx_entity_src_syn.pdbx_alt_source_flag   sample 
_pdbx_entity_src_syn.pdbx_beg_seq_num       1 
_pdbx_entity_src_syn.pdbx_end_seq_num       15 
_pdbx_entity_src_syn.organism_scientific    'synthetic construct' 
_pdbx_entity_src_syn.organism_common_name   ? 
_pdbx_entity_src_syn.ncbi_taxonomy_id       32630 
_pdbx_entity_src_syn.details                ? 
# 
loop_
_chem_comp.id 
_chem_comp.type 
_chem_comp.mon_nstd_flag 
_chem_comp.name 
_chem_comp.pdbx_synonyms 
_chem_comp.formula 
_chem_comp.formula_weight 
A   'RNA linking' y "ADENOSINE-5'-MONOPHOSPHATE" ?                             'C10 H14 N5 O7 P'   347.221 
C   'RNA linking' y "CYTIDINE-5'-MONOPHOSPHATE" ?                             'C9 H14 N3 O8 P'    323.197 
G   'RNA linking' y "GUANOSINE-5'-MONOPHOSPHATE" ?                             'C10 H14 N5 O8 P'   363.221 
G46 'RNA linking' n "GUANOSINE-5'-MONOTHIOPHOSPHATE" "5'-O-thiophosphonoguanosine" 'C10 H14 N5 O7 P S' 379.286 
HOH non-polymer   . WATER ?                             'H2 O'              18.015  
LCC 'RNA linking' . 
'[(1R,3R,4R,7S)-7-HYDROXY-3-(5-METHYLCYTOSIN-1-YL)-2,5-DIOXABICYCLO[2.2.1]HEPT-1-YL]METHYL DIHYDROGEN PHOSPHATE' ? 
'C11 H16 N3 O8 P'   349.234 
LCG 'RNA linking' n '[(1R,3R,4R,7S)-7-HYDROXY-3-(GUANIN-9-YL)-2,5-DIOXABICYCLO[2.2.1]HEPT-1-YL]METHYL DIHYDROGEN PHOSPHATE' ? 
'C11 H14 N5 O8 P'   375.231 
LXI non-polymer   . "5'-O-[(R)-(2-amino-1H-imidazol-1-yl)(sulfanyl)phosphoryl]guanosine" ?                             
'C13 H17 N8 O6 P S' 444.363 
MG  non-polymer   . 'MAGNESIUM ION' ?                             'Mg 2'              24.305  
U   'RNA linking' y "URIDINE-5'-MONOPHOSPHATE" ?                             'C9 H13 N2 O9 P'    324.181 
# 
loop_
_pdbx_poly_seq_scheme.asym_id 
_pdbx_poly_seq_scheme.entity_id 
_pdbx_poly_seq_scheme.seq_id 
_pdbx_poly_seq_scheme.mon_id 
_pdbx_poly_seq_scheme.ndb_seq_num 
_pdbx_poly_seq_scheme.pdb_seq_num 
_pdbx_poly_seq_scheme.auth_seq_num 
_pdbx_poly_seq_scheme.pdb_mon_id 
_pdbx_poly_seq_scheme.auth_mon_id 
_pdbx_poly_seq_scheme.pdb_strand_id 
_pdbx_poly_seq_scheme.pdb_ins_code 
_pdbx_poly_seq_scheme.hetero 
A 1 1  LCC 1  1  1  LCC LCC A . n 
A 1 2  LCC 2  2  2  LCC LCC A . n 
A 1 3  LCC 3  3  3  LCC LCC A . n 
A 1 4  LCG 4  4  4  LCG LCG A . n 
A 1 5  A   5  5  5  A   A   A . n 
A 1 6  C   6  6  6  C   C   A . n 
A 1 7  U   7  7  7  U   U   A . n 
A 1 8  U   8  8  8  U   U   A . n 
A 1 9  A   9  9  9  A   A   A . n 
A 1 10 A   10 10 10 A   A   A . n 
A 1 11 G   11 11 11 G   G   A . n 
A 1 12 U   12 12 12 U   U   A . n 
A 1 13 C   13 13 13 C   C   A . n 
A 1 14 G46 14 14 14 G46 1SG A . n 
A 1 15 G46 15 15 15 G46 1SG A . n 
B 1 1  LCC 1  1  1  LCC LCC B . n 
B 1 2  LCC 2  2  2  LCC LCC B . n 
B 1 3  LCC 3  3  3  LCC LCC B . n 
B 1 4  LCG 4  4  4  LCG LCG B . n 
B 1 5  A   5  5  5  A   A   B . n 
B 1 6  C   6  6  6  C   C   B . n 
B 1 7  U   7  7  7  U   U   B . n 
B 1 8  U   8  8  8  U   U   B . n 
B 1 9  A   9  9  9  A   A   B . n 
B 1 10 A   10 10 10 A   A   B . n 
B 1 11 G   11 11 11 G   G   B . n 
B 1 12 U   12 12 12 U   U   B . n 
B 1 13 C   13 13 13 C   C   B . n 
B 1 14 G46 14 14 14 G46 1SG B . n 
B 1 15 G46 15 15 15 G46 1SG B . n 
# 
loop_
_pdbx_nonpoly_scheme.asym_id 
_pdbx_nonpoly_scheme.entity_id 
_pdbx_nonpoly_scheme.mon_id 
_pdbx_nonpoly_scheme.ndb_seq_num 
_pdbx_nonpoly_scheme.pdb_seq_num 
_pdbx_nonpoly_scheme.auth_seq_num 
_pdbx_nonpoly_scheme.pdb_mon_id 
_pdbx_nonpoly_scheme.auth_mon_id 
_pdbx_nonpoly_scheme.pdb_strand_id 
_pdbx_nonpoly_scheme.pdb_ins_code 
C 2 LXI 1  101 16  LXI SPG A . 
D 3 MG  1  102 2   MG  MG  A . 
E 2 LXI 1  101 16  LXI SPG B . 
F 3 MG  1  102 1   MG  MG  B . 
G 3 MG  1  103 3   MG  MG  B . 
H 4 HOH 1  201 89  HOH HOH A . 
H 4 HOH 2  202 13  HOH HOH A . 
H 4 HOH 3  203 68  HOH HOH A . 
H 4 HOH 4  204 30  HOH HOH A . 
H 4 HOH 5  205 7   HOH HOH A . 
H 4 HOH 6  206 9   HOH HOH A . 
H 4 HOH 7  207 86  HOH HOH A . 
H 4 HOH 8  208 103 HOH HOH A . 
H 4 HOH 9  209 48  HOH HOH A . 
H 4 HOH 10 210 97  HOH HOH A . 
H 4 HOH 11 211 82  HOH HOH A . 
H 4 HOH 12 212 16  HOH HOH A . 
H 4 HOH 13 213 104 HOH HOH A . 
H 4 HOH 14 214 78  HOH HOH A . 
H 4 HOH 15 215 66  HOH HOH A . 
H 4 HOH 16 216 95  HOH HOH A . 
H 4 HOH 17 217 11  HOH HOH A . 
H 4 HOH 18 218 39  HOH HOH A . 
H 4 HOH 19 219 58  HOH HOH A . 
H 4 HOH 20 220 92  HOH HOH A . 
H 4 HOH 21 221 31  HOH HOH A . 
H 4 HOH 22 222 72  HOH HOH A . 
H 4 HOH 23 223 50  HOH HOH A . 
H 4 HOH 24 224 28  HOH HOH A . 
H 4 HOH 25 225 83  HOH HOH A . 
H 4 HOH 26 226 64  HOH HOH A . 
H 4 HOH 27 227 6   HOH HOH A . 
H 4 HOH 28 228 10  HOH HOH A . 
H 4 HOH 29 229 51  HOH HOH A . 
H 4 HOH 30 230 73  HOH HOH A . 
H 4 HOH 31 231 57  HOH HOH A . 
H 4 HOH 32 232 38  HOH HOH A . 
H 4 HOH 33 233 90  HOH HOH A . 
H 4 HOH 34 234 98  HOH HOH A . 
H 4 HOH 35 235 33  HOH HOH A . 
H 4 HOH 36 236 35  HOH HOH A . 
H 4 HOH 37 237 32  HOH HOH A . 
H 4 HOH 38 238 59  HOH HOH A . 
H 4 HOH 39 239 37  HOH HOH A . 
H 4 HOH 40 240 63  HOH HOH A . 
H 4 HOH 41 241 5   HOH HOH A . 
H 4 HOH 42 242 36  HOH HOH A . 
H 4 HOH 43 243 67  HOH HOH A . 
H 4 HOH 44 244 3   HOH HOH A . 
H 4 HOH 45 245 52  HOH HOH A . 
H 4 HOH 46 246 4   HOH HOH A . 
I 4 HOH 1  201 77  HOH HOH B . 
I 4 HOH 2  202 44  HOH HOH B . 
I 4 HOH 3  203 106 HOH HOH B . 
I 4 HOH 4  204 54  HOH HOH B . 
I 4 HOH 5  205 34  HOH HOH B . 
I 4 HOH 6  206 71  HOH HOH B . 
I 4 HOH 7  207 80  HOH HOH B . 
I 4 HOH 8  208 47  HOH HOH B . 
I 4 HOH 9  209 100 HOH HOH B . 
I 4 HOH 10 210 40  HOH HOH B . 
I 4 HOH 11 211 88  HOH HOH B . 
I 4 HOH 12 212 8   HOH HOH B . 
I 4 HOH 13 213 94  HOH HOH B . 
I 4 HOH 14 214 102 HOH HOH B . 
I 4 HOH 15 215 84  HOH HOH B . 
I 4 HOH 16 216 85  HOH HOH B . 
I 4 HOH 17 217 74  HOH HOH B . 
I 4 HOH 18 218 43  HOH HOH B . 
I 4 HOH 19 219 15  HOH HOH B . 
I 4 HOH 20 220 23  HOH HOH B . 
I 4 HOH 21 221 22  HOH HOH B . 
I 4 HOH 22 222 18  HOH HOH B . 
I 4 HOH 23 223 25  HOH HOH B . 
I 4 HOH 24 224 21  HOH HOH B . 
I 4 HOH 25 225 56  HOH HOH B . 
I 4 HOH 26 226 20  HOH HOH B . 
I 4 HOH 27 227 42  HOH HOH B . 
I 4 HOH 28 228 62  HOH HOH B . 
I 4 HOH 29 229 93  HOH HOH B . 
I 4 HOH 30 230 79  HOH HOH B . 
I 4 HOH 31 231 53  HOH HOH B . 
I 4 HOH 32 232 17  HOH HOH B . 
I 4 HOH 33 233 26  HOH HOH B . 
I 4 HOH 34 234 1   HOH HOH B . 
I 4 HOH 35 235 2   HOH HOH B . 
I 4 HOH 36 236 61  HOH HOH B . 
I 4 HOH 37 237 60  HOH HOH B . 
I 4 HOH 38 238 65  HOH HOH B . 
I 4 HOH 39 239 107 HOH HOH B . 
I 4 HOH 40 240 24  HOH HOH B . 
I 4 HOH 41 241 91  HOH HOH B . 
I 4 HOH 42 242 81  HOH HOH B . 
I 4 HOH 43 243 49  HOH HOH B . 
I 4 HOH 44 244 76  HOH HOH B . 
I 4 HOH 45 245 27  HOH HOH B . 
I 4 HOH 46 246 41  HOH HOH B . 
I 4 HOH 47 247 75  HOH HOH B . 
I 4 HOH 48 248 19  HOH HOH B . 
I 4 HOH 49 249 29  HOH HOH B . 
I 4 HOH 50 250 87  HOH HOH B . 
I 4 HOH 51 251 46  HOH HOH B . 
I 4 HOH 52 252 12  HOH HOH B . 
I 4 HOH 53 253 55  HOH HOH B . 
I 4 HOH 54 254 99  HOH HOH B . 
I 4 HOH 55 255 101 HOH HOH B . 
I 4 HOH 56 256 14  HOH HOH B . 
I 4 HOH 57 257 69  HOH HOH B . 
I 4 HOH 58 258 96  HOH HOH B . 
I 4 HOH 59 259 105 HOH HOH B . 
I 4 HOH 60 260 70  HOH HOH B . 
I 4 HOH 61 261 45  HOH HOH B . 
# 
loop_
_software.citation_id 
_software.classification 
_software.compiler_name 
_software.compiler_version 
_software.contact_author 
_software.contact_author_email 
_software.date 
_software.description 
_software.dependencies 
_software.hardware 
_software.language 
_software.location 
_software.mods 
_software.name 
_software.os 
_software.os_version 
_software.type 
_software.version 
_software.pdbx_ordinal 
? refinement       ? ? ? ? ? ? ? ? ? ? ? REFMAC   ? ? ? 5.8.0267 1 
? 'data reduction' ? ? ? ? ? ? ? ? ? ? ? HKL-2000 ? ? ? .        2 
? 'data scaling'   ? ? ? ? ? ? ? ? ? ? ? HKL-2000 ? ? ? .        3 
? phasing          ? ? ? ? ? ? ? ? ? ? ? PHASER   ? ? ? .        4 
# 
_cell.angle_alpha                  90.000 
_cell.angle_alpha_esd              ? 
_cell.angle_beta                   90.000 
_cell.angle_beta_esd               ? 
_cell.angle_gamma                  120.000 
_cell.angle_gamma_esd              ? 
_cell.entry_id                     7U87 
_cell.details                      ? 
_cell.formula_units_Z              ? 
_cell.length_a                     42.741 
_cell.length_a_esd                 ? 
_cell.length_b                     42.741 
_cell.length_b_esd                 ? 
_cell.length_c                     83.280 
_cell.length_c_esd                 ? 
_cell.volume                       ? 
_cell.volume_esd                   ? 
_cell.Z_PDB                        12 
_cell.reciprocal_angle_alpha       ? 
_cell.reciprocal_angle_beta        ? 
_cell.reciprocal_angle_gamma       ? 
_cell.reciprocal_angle_alpha_esd   ? 
_cell.reciprocal_angle_beta_esd    ? 
_cell.reciprocal_angle_gamma_esd   ? 
_cell.reciprocal_length_a          ? 
_cell.reciprocal_length_b          ? 
_cell.reciprocal_length_c          ? 
_cell.reciprocal_length_a_esd      ? 
_cell.reciprocal_length_b_esd      ? 
_cell.reciprocal_length_c_esd      ? 
_cell.pdbx_unique_axis             ? 
# 
_symmetry.entry_id                         7U87 
_symmetry.cell_setting                     ? 
_symmetry.Int_Tables_number                150 
_symmetry.space_group_name_Hall            ? 
_symmetry.space_group_name_H-M             'P 3 2 1' 
_symmetry.pdbx_full_space_group_name_H-M   ? 
# 
_exptl.absorpt_coefficient_mu     ? 
_exptl.absorpt_correction_T_max   ? 
_exptl.absorpt_correction_T_min   ? 
_exptl.absorpt_correction_type    ? 
_exptl.absorpt_process_details    ? 
_exptl.entry_id                   7U87 
_exptl.crystals_number            1 
_exptl.details                    ? 
_exptl.method                     'X-RAY DIFFRACTION' 
_exptl.method_details             ? 
# 
_exptl_crystal.colour                      ? 
_exptl_crystal.density_diffrn              ? 
_exptl_crystal.density_Matthews            2.25 
_exptl_crystal.density_method              ? 
_exptl_crystal.density_percent_sol         45.22 
_exptl_crystal.description                 ? 
_exptl_crystal.F_000                       ? 
_exptl_crystal.id                          1 
_exptl_crystal.preparation                 ? 
_exptl_crystal.size_max                    ? 
_exptl_crystal.size_mid                    ? 
_exptl_crystal.size_min                    ? 
_exptl_crystal.size_rad                    ? 
_exptl_crystal.colour_lustre               ? 
_exptl_crystal.colour_modifier             ? 
_exptl_crystal.colour_primary              ? 
_exptl_crystal.density_meas                ? 
_exptl_crystal.density_meas_esd            ? 
_exptl_crystal.density_meas_gt             ? 
_exptl_crystal.density_meas_lt             ? 
_exptl_crystal.density_meas_temp           ? 
_exptl_crystal.density_meas_temp_esd       ? 
_exptl_crystal.density_meas_temp_gt        ? 
_exptl_crystal.density_meas_temp_lt        ? 
_exptl_crystal.pdbx_crystal_image_url      ? 
_exptl_crystal.pdbx_crystal_image_format   ? 
_exptl_crystal.pdbx_mosaicity              ? 
_exptl_crystal.pdbx_mosaicity_esd          ? 
# 
_exptl_crystal_grow.apparatus       ? 
_exptl_crystal_grow.atmosphere      ? 
_exptl_crystal_grow.crystal_id      1 
_exptl_crystal_grow.details         ? 
_exptl_crystal_grow.method          'VAPOR DIFFUSION, SITTING DROP' 
_exptl_crystal_grow.method_ref      ? 
_exptl_crystal_grow.pH              6.5 
_exptl_crystal_grow.pressure        ? 
_exptl_crystal_grow.pressure_esd    ? 
_exptl_crystal_grow.seeding         ? 
_exptl_crystal_grow.seeding_ref     ? 
_exptl_crystal_grow.temp            293.15 
_exptl_crystal_grow.temp_details    ? 
_exptl_crystal_grow.temp_esd        ? 
_exptl_crystal_grow.time            ? 
_exptl_crystal_grow.pdbx_details    '0.2 M Ammonium acetate, 0.1 M BIS-TRIS pH 6.5, 45% v/v (+/-)-2-Methyl-2,4-pentanediol' 
_exptl_crystal_grow.pdbx_pH_range   ? 
# 
_diffrn.ambient_environment              ? 
_diffrn.ambient_temp                     98 
_diffrn.ambient_temp_details             ? 
_diffrn.ambient_temp_esd                 ? 
_diffrn.crystal_id                       1 
_diffrn.crystal_support                  ? 
_diffrn.crystal_treatment                ? 
_diffrn.details                          ? 
_diffrn.id                               1 
_diffrn.ambient_pressure                 ? 
_diffrn.ambient_pressure_esd             ? 
_diffrn.ambient_pressure_gt              ? 
_diffrn.ambient_pressure_lt              ? 
_diffrn.ambient_temp_gt                  ? 
_diffrn.ambient_temp_lt                  ? 
_diffrn.pdbx_serial_crystal_experiment   N 
# 
_diffrn_detector.details                      ? 
_diffrn_detector.detector                     CCD 
_diffrn_detector.diffrn_id                    1 
_diffrn_detector.type                         'ADSC QUANTUM 315r' 
_diffrn_detector.area_resol_mean              ? 
_diffrn_detector.dtime                        ? 
_diffrn_detector.pdbx_frames_total            ? 
_diffrn_detector.pdbx_collection_time_total   ? 
_diffrn_detector.pdbx_collection_date         2021-05-04 
_diffrn_detector.pdbx_frequency               ? 
# 
_diffrn_radiation.collimation                      ? 
_diffrn_radiation.diffrn_id                        1 
_diffrn_radiation.filter_edge                      ? 
_diffrn_radiation.inhomogeneity                    ? 
_diffrn_radiation.monochromator                    ? 
_diffrn_radiation.polarisn_norm                    ? 
_diffrn_radiation.polarisn_ratio                   ? 
_diffrn_radiation.probe                            ? 
_diffrn_radiation.type                             ? 
_diffrn_radiation.xray_symbol                      ? 
_diffrn_radiation.wavelength_id                    1 
_diffrn_radiation.pdbx_monochromatic_or_laue_m_l   M 
_diffrn_radiation.pdbx_wavelength_list             ? 
_diffrn_radiation.pdbx_wavelength                  ? 
_diffrn_radiation.pdbx_diffrn_protocol             'SINGLE WAVELENGTH' 
_diffrn_radiation.pdbx_analyzer                    ? 
_diffrn_radiation.pdbx_scattering_type             x-ray 
# 
_diffrn_radiation_wavelength.id           1 
_diffrn_radiation_wavelength.wavelength   1.000 
_diffrn_radiation_wavelength.wt           1.0 
# 
_diffrn_source.current                     ? 
_diffrn_source.details                     ? 
_diffrn_source.diffrn_id                   1 
_diffrn_source.power                       ? 
_diffrn_source.size                        ? 
_diffrn_source.source                      SYNCHROTRON 
_diffrn_source.target                      ? 
_diffrn_source.type                        'ALS BEAMLINE 8.2.2' 
_diffrn_source.voltage                     ? 
_diffrn_source.take-off_angle              ? 
_diffrn_source.pdbx_wavelength_list        1.000 
_diffrn_source.pdbx_wavelength             ? 
_diffrn_source.pdbx_synchrotron_beamline   8.2.2 
_diffrn_source.pdbx_synchrotron_site       ALS 
# 
_reflns.B_iso_Wilson_estimate                          ? 
_reflns.entry_id                                       7U87 
_reflns.data_reduction_details                         ? 
_reflns.data_reduction_method                          ? 
_reflns.d_resolution_high                              1.70 
_reflns.d_resolution_low                               50 
_reflns.details                                        ? 
_reflns.limit_h_max                                    ? 
_reflns.limit_h_min                                    ? 
_reflns.limit_k_max                                    ? 
_reflns.limit_k_min                                    ? 
_reflns.limit_l_max                                    ? 
_reflns.limit_l_min                                    ? 
_reflns.number_all                                     ? 
_reflns.number_obs                                     10199 
_reflns.observed_criterion                             ? 
_reflns.observed_criterion_F_max                       ? 
_reflns.observed_criterion_F_min                       ? 
_reflns.observed_criterion_I_max                       ? 
_reflns.observed_criterion_I_min                       ? 
_reflns.observed_criterion_sigma_F                     ? 
_reflns.observed_criterion_sigma_I                     ? 
_reflns.percent_possible_obs                           99.9 
_reflns.R_free_details                                 ? 
_reflns.Rmerge_F_all                                   ? 
_reflns.Rmerge_F_obs                                   ? 
_reflns.Friedel_coverage                               ? 
_reflns.number_gt                                      ? 
_reflns.threshold_expression                           ? 
_reflns.pdbx_redundancy                                9.9 
_reflns.pdbx_Rmerge_I_obs                              0.089 
_reflns.pdbx_Rmerge_I_all                              ? 
_reflns.pdbx_Rsym_value                                ? 
_reflns.pdbx_netI_over_av_sigmaI                       ? 
_reflns.pdbx_netI_over_sigmaI                          19.4 
_reflns.pdbx_res_netI_over_av_sigmaI_2                 ? 
_reflns.pdbx_res_netI_over_sigmaI_2                    ? 
_reflns.pdbx_chi_squared                               ? 
_reflns.pdbx_scaling_rejects                           ? 
_reflns.pdbx_d_res_high_opt                            ? 
_reflns.pdbx_d_res_low_opt                             ? 
_reflns.pdbx_d_res_opt_method                          ? 
_reflns.phase_calculation_details                      ? 
_reflns.pdbx_Rrim_I_all                                0.094 
_reflns.pdbx_Rpim_I_all                                0.030 
_reflns.pdbx_d_opt                                     ? 
_reflns.pdbx_number_measured_all                       ? 
_reflns.pdbx_diffrn_id                                 1 
_reflns.pdbx_ordinal                                   1 
_reflns.pdbx_CC_half                                   1.0 
_reflns.pdbx_CC_star                                   1.0 
_reflns.pdbx_R_split                                   ? 
_reflns.pdbx_aniso_diffraction_limit_axis_1_ortho[1]   ? 
_reflns.pdbx_aniso_diffraction_limit_axis_1_ortho[2]   ? 
_reflns.pdbx_aniso_diffraction_limit_axis_1_ortho[3]   ? 
_reflns.pdbx_aniso_diffraction_limit_axis_2_ortho[1]   ? 
_reflns.pdbx_aniso_diffraction_limit_axis_2_ortho[2]   ? 
_reflns.pdbx_aniso_diffraction_limit_axis_2_ortho[3]   ? 
_reflns.pdbx_aniso_diffraction_limit_axis_3_ortho[1]   ? 
_reflns.pdbx_aniso_diffraction_limit_axis_3_ortho[2]   ? 
_reflns.pdbx_aniso_diffraction_limit_axis_3_ortho[3]   ? 
_reflns.pdbx_aniso_diffraction_limit_1                 ? 
_reflns.pdbx_aniso_diffraction_limit_2                 ? 
_reflns.pdbx_aniso_diffraction_limit_3                 ? 
_reflns.pdbx_aniso_B_tensor_eigenvector_1_ortho[1]     ? 
_reflns.pdbx_aniso_B_tensor_eigenvector_1_ortho[2]     ? 
_reflns.pdbx_aniso_B_tensor_eigenvector_1_ortho[3]     ? 
_reflns.pdbx_aniso_B_tensor_eigenvector_2_ortho[1]     ? 
_reflns.pdbx_aniso_B_tensor_eigenvector_2_ortho[2]     ? 
_reflns.pdbx_aniso_B_tensor_eigenvector_2_ortho[3]     ? 
_reflns.pdbx_aniso_B_tensor_eigenvector_3_ortho[1]     ? 
_reflns.pdbx_aniso_B_tensor_eigenvector_3_ortho[2]     ? 
_reflns.pdbx_aniso_B_tensor_eigenvector_3_ortho[3]     ? 
_reflns.pdbx_aniso_B_tensor_eigenvalue_1               ? 
_reflns.pdbx_aniso_B_tensor_eigenvalue_2               ? 
_reflns.pdbx_aniso_B_tensor_eigenvalue_3               ? 
_reflns.pdbx_orthogonalization_convention              ? 
_reflns.pdbx_percent_possible_ellipsoidal              ? 
_reflns.pdbx_percent_possible_spherical                ? 
_reflns.pdbx_percent_possible_ellipsoidal_anomalous    ? 
_reflns.pdbx_percent_possible_spherical_anomalous      ? 
_reflns.pdbx_redundancy_anomalous                      ? 
_reflns.pdbx_CC_half_anomalous                         ? 
_reflns.pdbx_absDiff_over_sigma_anomalous              ? 
_reflns.pdbx_percent_possible_anomalous                ? 
_reflns.pdbx_observed_signal_threshold                 ? 
_reflns.pdbx_signal_type                               ? 
_reflns.pdbx_signal_details                            ? 
_reflns.pdbx_signal_software_id                        ? 
# 
_reflns_shell.d_res_high                                    1.70 
_reflns_shell.d_res_low                                     1.73 
_reflns_shell.meanI_over_sigI_all                           ? 
_reflns_shell.meanI_over_sigI_obs                           2.7 
_reflns_shell.number_measured_all                           ? 
_reflns_shell.number_measured_obs                           ? 
_reflns_shell.number_possible                               ? 
_reflns_shell.number_unique_all                             ? 
_reflns_shell.number_unique_obs                             474 
_reflns_shell.percent_possible_all                          ? 
_reflns_shell.percent_possible_obs                          ? 
_reflns_shell.Rmerge_F_all                                  ? 
_reflns_shell.Rmerge_F_obs                                  ? 
_reflns_shell.Rmerge_I_all                                  ? 
_reflns_shell.Rmerge_I_obs                                  0.348 
_reflns_shell.meanI_over_sigI_gt                            ? 
_reflns_shell.meanI_over_uI_all                             ? 
_reflns_shell.meanI_over_uI_gt                              ? 
_reflns_shell.number_measured_gt                            ? 
_reflns_shell.number_unique_gt                              ? 
_reflns_shell.percent_possible_gt                           ? 
_reflns_shell.Rmerge_F_gt                                   ? 
_reflns_shell.Rmerge_I_gt                                   ? 
_reflns_shell.pdbx_redundancy                               6.5 
_reflns_shell.pdbx_Rsym_value                               ? 
_reflns_shell.pdbx_chi_squared                              ? 
_reflns_shell.pdbx_netI_over_sigmaI_all                     ? 
_reflns_shell.pdbx_netI_over_sigmaI_obs                     ? 
_reflns_shell.pdbx_Rrim_I_all                               0.376 
_reflns_shell.pdbx_Rpim_I_all                               0.139 
_reflns_shell.pdbx_rejects                                  ? 
_reflns_shell.pdbx_ordinal                                  1 
_reflns_shell.pdbx_diffrn_id                                1 
_reflns_shell.pdbx_CC_half                                  0.989 
_reflns_shell.pdbx_CC_star                                  0.997 
_reflns_shell.pdbx_R_split                                  ? 
_reflns_shell.pdbx_percent_possible_ellipsoidal             ? 
_reflns_shell.pdbx_percent_possible_spherical               ? 
_reflns_shell.pdbx_percent_possible_ellipsoidal_anomalous   ? 
_reflns_shell.pdbx_percent_possible_spherical_anomalous     ? 
_reflns_shell.pdbx_redundancy_anomalous                     ? 
_reflns_shell.pdbx_CC_half_anomalous                        ? 
_reflns_shell.pdbx_absDiff_over_sigma_anomalous             ? 
_reflns_shell.pdbx_percent_possible_anomalous               ? 
# 
_refine.aniso_B[1][1]                            0.010 
_refine.aniso_B[1][2]                            0.005 
_refine.aniso_B[1][3]                            -0.000 
_refine.aniso_B[2][2]                            0.010 
_refine.aniso_B[2][3]                            0.000 
_refine.aniso_B[3][3]                            -0.031 
_refine.B_iso_max                                ? 
_refine.B_iso_mean                               15.893 
_refine.B_iso_min                                ? 
_refine.correlation_coeff_Fo_to_Fc               0.957 
_refine.correlation_coeff_Fo_to_Fc_free          0.934 
_refine.details                                  'Hydrogens have been added in their riding positions' 
_refine.diff_density_max                         ? 
_refine.diff_density_max_esd                     ? 
_refine.diff_density_min                         ? 
_refine.diff_density_min_esd                     ? 
_refine.diff_density_rms                         ? 
_refine.diff_density_rms_esd                     ? 
_refine.entry_id                                 7U87 
_refine.pdbx_refine_id                           'X-RAY DIFFRACTION' 
_refine.ls_abs_structure_details                 ? 
_refine.ls_abs_structure_Flack                   ? 
_refine.ls_abs_structure_Flack_esd               ? 
_refine.ls_abs_structure_Rogers                  ? 
_refine.ls_abs_structure_Rogers_esd              ? 
_refine.ls_d_res_high                            1.701 
_refine.ls_d_res_low                             41.675 
_refine.ls_extinction_coef                       ? 
_refine.ls_extinction_coef_esd                   ? 
_refine.ls_extinction_expression                 ? 
_refine.ls_extinction_method                     ? 
_refine.ls_goodness_of_fit_all                   ? 
_refine.ls_goodness_of_fit_all_esd               ? 
_refine.ls_goodness_of_fit_obs                   ? 
_refine.ls_goodness_of_fit_obs_esd               ? 
_refine.ls_hydrogen_treatment                    ? 
_refine.ls_matrix_type                           ? 
_refine.ls_number_constraints                    ? 
_refine.ls_number_parameters                     ? 
_refine.ls_number_reflns_all                     ? 
_refine.ls_number_reflns_obs                     9027 
_refine.ls_number_reflns_R_free                  469 
_refine.ls_number_reflns_R_work                  8558 
_refine.ls_number_restraints                     ? 
_refine.ls_percent_reflns_obs                    88.491 
_refine.ls_percent_reflns_R_free                 5.196 
_refine.ls_R_factor_all                          0.191 
_refine.ls_R_factor_obs                          ? 
_refine.ls_R_factor_R_free                       0.2399 
_refine.ls_R_factor_R_free_error                 ? 
_refine.ls_R_factor_R_free_error_details         ? 
_refine.ls_R_factor_R_work                       0.1879 
_refine.ls_R_Fsqd_factor_obs                     ? 
_refine.ls_R_I_factor_obs                        ? 
_refine.ls_redundancy_reflns_all                 ? 
_refine.ls_redundancy_reflns_obs                 ? 
_refine.ls_restrained_S_all                      ? 
_refine.ls_restrained_S_obs                      ? 
_refine.ls_shift_over_esd_max                    ? 
_refine.ls_shift_over_esd_mean                   ? 
_refine.ls_structure_factor_coef                 ? 
_refine.ls_weighting_details                     ? 
_refine.ls_weighting_scheme                      ? 
_refine.ls_wR_factor_all                         ? 
_refine.ls_wR_factor_obs                         ? 
_refine.ls_wR_factor_R_free                      ? 
_refine.ls_wR_factor_R_work                      ? 
_refine.occupancy_max                            ? 
_refine.occupancy_min                            ? 
_refine.solvent_model_details                    'MASK BULK SOLVENT' 
_refine.solvent_model_param_bsol                 ? 
_refine.solvent_model_param_ksol                 ? 
_refine.pdbx_R_complete                          ? 
_refine.ls_R_factor_gt                           ? 
_refine.ls_goodness_of_fit_gt                    ? 
_refine.ls_goodness_of_fit_ref                   ? 
_refine.ls_shift_over_su_max                     ? 
_refine.ls_shift_over_su_max_lt                  ? 
_refine.ls_shift_over_su_mean                    ? 
_refine.ls_shift_over_su_mean_lt                 ? 
_refine.pdbx_ls_sigma_I                          ? 
_refine.pdbx_ls_sigma_F                          ? 
_refine.pdbx_ls_sigma_Fsqd                       ? 
_refine.pdbx_data_cutoff_high_absF               ? 
_refine.pdbx_data_cutoff_high_rms_absF           ? 
_refine.pdbx_data_cutoff_low_absF                ? 
_refine.pdbx_isotropic_thermal_model             ? 
_refine.pdbx_ls_cross_valid_method               THROUGHOUT 
_refine.pdbx_method_to_determine_struct          'MOLECULAR REPLACEMENT' 
_refine.pdbx_starting_model                      6C8O 
_refine.pdbx_stereochemistry_target_values       ? 
_refine.pdbx_R_Free_selection_details            ? 
_refine.pdbx_stereochem_target_val_spec_case     ? 
_refine.pdbx_overall_ESU_R                       0.133 
_refine.pdbx_overall_ESU_R_Free                  0.133 
_refine.pdbx_solvent_vdw_probe_radii             1.200 
_refine.pdbx_solvent_ion_probe_radii             0.800 
_refine.pdbx_solvent_shrinkage_radii             0.800 
_refine.pdbx_real_space_R                        ? 
_refine.pdbx_density_correlation                 ? 
_refine.pdbx_pd_number_of_powder_patterns        ? 
_refine.pdbx_pd_number_of_points                 ? 
_refine.pdbx_pd_meas_number_of_points            ? 
_refine.pdbx_pd_proc_ls_prof_R_factor            ? 
_refine.pdbx_pd_proc_ls_prof_wR_factor           ? 
_refine.pdbx_pd_Marquardt_correlation_coeff      ? 
_refine.pdbx_pd_Fsqrd_R_factor                   ? 
_refine.pdbx_pd_ls_matrix_band_width             ? 
_refine.pdbx_overall_phase_error                 ? 
_refine.pdbx_overall_SU_R_free_Cruickshank_DPI   ? 
_refine.pdbx_overall_SU_R_free_Blow_DPI          ? 
_refine.pdbx_overall_SU_R_Blow_DPI               ? 
_refine.pdbx_TLS_residual_ADP_flag               ? 
_refine.pdbx_diffrn_id                           1 
_refine.overall_SU_B                             2.416 
_refine.overall_SU_ML                            0.078 
_refine.overall_SU_R_Cruickshank_DPI             ? 
_refine.overall_SU_R_free                        ? 
_refine.overall_FOM_free_R_set                   ? 
_refine.overall_FOM_work_R_set                   ? 
_refine.pdbx_average_fsc_overall                 ? 
_refine.pdbx_average_fsc_work                    ? 
_refine.pdbx_average_fsc_free                    ? 
# 
_refine_hist.pdbx_refine_id                   'X-RAY DIFFRACTION' 
_refine_hist.cycle_id                         LAST 
_refine_hist.pdbx_number_atoms_protein        0 
_refine_hist.pdbx_number_atoms_nucleic_acid   378 
_refine_hist.pdbx_number_atoms_ligand         327 
_refine_hist.number_atoms_solvent             107 
_refine_hist.number_atoms_total               812 
_refine_hist.d_res_high                       1.701 
_refine_hist.d_res_low                        41.675 
# 
loop_
_refine_ls_restr.pdbx_refine_id 
_refine_ls_restr.criterion 
_refine_ls_restr.dev_ideal 
_refine_ls_restr.dev_ideal_target 
_refine_ls_restr.number 
_refine_ls_restr.rejects 
_refine_ls_restr.type 
_refine_ls_restr.weight 
_refine_ls_restr.pdbx_restraint_function 
'X-RAY DIFFRACTION' ? 0.033 0.019  788  ? r_bond_refined_d               ? ? 
'X-RAY DIFFRACTION' ? 0.030 0.024  358  ? r_bond_other_d                 ? ? 
'X-RAY DIFFRACTION' ? 3.256 2.377  1192 ? r_angle_refined_deg            ? ? 
'X-RAY DIFFRACTION' ? 3.509 2.604  840  ? r_angle_other_deg              ? ? 
'X-RAY DIFFRACTION' ? 0.197 0.200  152  ? r_chiral_restr                 ? ? 
'X-RAY DIFFRACTION' ? 1.478 0.200  26   ? r_chiral_restr_other           ? ? 
'X-RAY DIFFRACTION' ? 0.018 0.021  418  ? r_gen_planes_refined           ? ? 
'X-RAY DIFFRACTION' ? 0.001 0.023  136  ? r_gen_planes_other             ? ? 
'X-RAY DIFFRACTION' ? 0.124 0.200  94   ? r_nbd_refined                  ? ? 
'X-RAY DIFFRACTION' ? 0.239 0.200  479  ? r_symmetry_nbd_other           ? ? 
'X-RAY DIFFRACTION' ? 0.250 0.200  317  ? r_nbtor_refined                ? ? 
'X-RAY DIFFRACTION' ? 0.294 0.200  189  ? r_symmetry_nbtor_other         ? ? 
'X-RAY DIFFRACTION' ? 0.140 0.200  73   ? r_xyhbond_nbd_refined          ? ? 
'X-RAY DIFFRACTION' ? 0.079 0.200  1    ? r_metal_ion_refined            ? ? 
'X-RAY DIFFRACTION' ? 0.287 0.200  10   ? r_symmetry_nbd_refined         ? ? 
'X-RAY DIFFRACTION' ? 0.188 0.200  46   ? r_nbd_other                    ? ? 
'X-RAY DIFFRACTION' ? 0.185 0.200  20   ? r_symmetry_xyhbond_nbd_refined ? ? 
'X-RAY DIFFRACTION' ? 2.300 1.586  788  ? r_scbond_it                    ? ? 
'X-RAY DIFFRACTION' ? 2.299 1.595  789  ? r_scbond_other                 ? ? 
'X-RAY DIFFRACTION' ? 3.691 2.367  1192 ? r_scangle_it                   ? ? 
'X-RAY DIFFRACTION' ? 3.689 2.376  1193 ? r_scangle_other                ? ? 
'X-RAY DIFFRACTION' ? 7.786 14.436 1131 ? r_lrange_it                    ? ? 
'X-RAY DIFFRACTION' ? 7.776 14.229 1113 ? r_lrange_other                 ? ? 
# 
loop_
_refine_ls_shell.pdbx_refine_id 
_refine_ls_shell.d_res_high 
_refine_ls_shell.d_res_low 
_refine_ls_shell.number_reflns_all 
_refine_ls_shell.number_reflns_obs 
_refine_ls_shell.number_reflns_R_free 
_refine_ls_shell.number_reflns_R_work 
_refine_ls_shell.percent_reflns_obs 
_refine_ls_shell.percent_reflns_R_free 
_refine_ls_shell.R_factor_all 
_refine_ls_shell.R_factor_obs 
_refine_ls_shell.R_factor_R_free 
_refine_ls_shell.R_factor_R_free_error 
_refine_ls_shell.R_factor_R_work 
_refine_ls_shell.redundancy_reflns_all 
_refine_ls_shell.redundancy_reflns_obs 
_refine_ls_shell.wR_factor_all 
_refine_ls_shell.wR_factor_obs 
_refine_ls_shell.wR_factor_R_free 
_refine_ls_shell.wR_factor_R_work 
_refine_ls_shell.pdbx_R_complete 
_refine_ls_shell.pdbx_total_number_of_bins_used 
_refine_ls_shell.pdbx_phase_error 
_refine_ls_shell.pdbx_fsc_work 
_refine_ls_shell.pdbx_fsc_free 
'X-RAY DIFFRACTION' 1.701 1.745  . . 13 246 36.4276  . . . 0.298 . 0.173 . . . . . . . . . . . 
'X-RAY DIFFRACTION' 1.745 1.793  . . 15 348 48.7903  . . . 0.282 . 0.201 . . . . . . . . . . . 
'X-RAY DIFFRACTION' 1.793 1.845  . . 26 433 65.3846  . . . 0.309 . 0.220 . . . . . . . . . . . 
'X-RAY DIFFRACTION' 1.845 1.902  . . 20 593 91.3562  . . . 0.267 . 0.241 . . . . . . . . . . . 
'X-RAY DIFFRACTION' 1.902 1.964  . . 43 591 97.9907  . . . 0.289 . 0.248 . . . . . . . . . . . 
'X-RAY DIFFRACTION' 1.964 2.033  . . 26 628 100.0000 . . . 0.268 . 0.199 . . . . . . . . . . . 
'X-RAY DIFFRACTION' 2.033 2.110  . . 42 563 100.0000 . . . 0.240 . 0.217 . . . . . . . . . . . 
'X-RAY DIFFRACTION' 2.110 2.196  . . 28 567 100.0000 . . . 0.210 . 0.186 . . . . . . . . . . . 
'X-RAY DIFFRACTION' 2.196 2.293  . . 33 543 98.9691  . . . 0.331 . 0.219 . . . . . . . . . . . 
'X-RAY DIFFRACTION' 2.293 2.405  . . 31 519 100.0000 . . . 0.248 . 0.184 . . . . . . . . . . . 
'X-RAY DIFFRACTION' 2.405 2.535  . . 45 488 100.0000 . . . 0.323 . 0.185 . . . . . . . . . . . 
'X-RAY DIFFRACTION' 2.535 2.689  . . 22 481 100.0000 . . . 0.323 . 0.215 . . . . . . . . . . . 
'X-RAY DIFFRACTION' 2.689 2.874  . . 21 446 100.0000 . . . 0.216 . 0.201 . . . . . . . . . . . 
'X-RAY DIFFRACTION' 2.874 3.104  . . 13 420 99.0847  . . . 0.191 . 0.178 . . . . . . . . . . . 
'X-RAY DIFFRACTION' 3.104 3.400  . . 18 387 99.5086  . . . 0.180 . 0.161 . . . . . . . . . . . 
'X-RAY DIFFRACTION' 3.400 3.801  . . 23 349 98.4127  . . . 0.231 . 0.160 . . . . . . . . . . . 
'X-RAY DIFFRACTION' 3.801 4.387  . . 9  328 100.0000 . . . 0.145 . 0.134 . . . . . . . . . . . 
'X-RAY DIFFRACTION' 4.387 5.369  . . 15 280 100.0000 . . . 0.133 . 0.136 . . . . . . . . . . . 
'X-RAY DIFFRACTION' 5.369 7.578  . . 17 214 99.5690  . . . 0.152 . 0.183 . . . . . . . . . . . 
'X-RAY DIFFRACTION' 7.578 41.675 . . 9  134 94.7020  . . . 0.283 . 0.217 . . . . . . . . . . . 
# 
_struct.entry_id                     7U87 
_struct.title                        'Product of 13mer primer with activated G monomer diastereomer 1' 
_struct.pdbx_model_details           ? 
_struct.pdbx_formula_weight          ? 
_struct.pdbx_formula_weight_method   ? 
_struct.pdbx_model_type_details      ? 
_struct.pdbx_CASP_flag               N 
# 
_struct_keywords.entry_id        7U87 
_struct_keywords.text            'RNA duplex, Phosphorothioate, Non-enzymatic RNA extension, RNA' 
_struct_keywords.pdbx_keywords   RNA 
# 
loop_
_struct_asym.id 
_struct_asym.pdbx_blank_PDB_chainid_flag 
_struct_asym.pdbx_modified 
_struct_asym.entity_id 
_struct_asym.details 
A N N 1 ? 
B N N 1 ? 
C N N 2 ? 
D N N 3 ? 
E N N 2 ? 
F N N 3 ? 
G N N 3 ? 
H N N 4 ? 
I N N 4 ? 
# 
_struct_ref.id                         1 
_struct_ref.db_name                    PDB 
_struct_ref.db_code                    7U87 
_struct_ref.pdbx_db_accession          7U87 
_struct_ref.pdbx_db_isoform            ? 
_struct_ref.entity_id                  1 
_struct_ref.pdbx_seq_one_letter_code   ? 
_struct_ref.pdbx_align_begin           1 
# 
loop_
_struct_ref_seq.align_id 
_struct_ref_seq.ref_id 
_struct_ref_seq.pdbx_PDB_id_code 
_struct_ref_seq.pdbx_strand_id 
_struct_ref_seq.seq_align_beg 
_struct_ref_seq.pdbx_seq_align_beg_ins_code 
_struct_ref_seq.seq_align_end 
_struct_ref_seq.pdbx_seq_align_end_ins_code 
_struct_ref_seq.pdbx_db_accession 
_struct_ref_seq.db_align_beg 
_struct_ref_seq.pdbx_db_align_beg_ins_code 
_struct_ref_seq.db_align_end 
_struct_ref_seq.pdbx_db_align_end_ins_code 
_struct_ref_seq.pdbx_auth_seq_align_beg 
_struct_ref_seq.pdbx_auth_seq_align_end 
1 1 7U87 A 1 ? 15 ? 7U87 1 ? 15 ? 1 15 
2 1 7U87 B 1 ? 15 ? 7U87 1 ? 15 ? 1 15 
# 
_pdbx_struct_assembly.id                   1 
_pdbx_struct_assembly.details              author_and_software_defined_assembly 
_pdbx_struct_assembly.method_details       PISA 
_pdbx_struct_assembly.oligomeric_details   dimeric 
_pdbx_struct_assembly.oligomeric_count     2 
# 
loop_
_pdbx_struct_assembly_prop.biol_id 
_pdbx_struct_assembly_prop.type 
_pdbx_struct_assembly_prop.value 
_pdbx_struct_assembly_prop.details 
1 'ABSA (A^2)' 4730 ? 
1 MORE         1    ? 
1 'SSA (A^2)'  5650 ? 
# 
_pdbx_struct_assembly_gen.assembly_id       1 
_pdbx_struct_assembly_gen.oper_expression   1 
_pdbx_struct_assembly_gen.asym_id_list      A,B,C,D,E,F,G,H,I 
# 
_pdbx_struct_assembly_auth_evidence.id                     1 
_pdbx_struct_assembly_auth_evidence.assembly_id            1 
_pdbx_struct_assembly_auth_evidence.experimental_support   none 
_pdbx_struct_assembly_auth_evidence.details                ? 
# 
_pdbx_struct_oper_list.id                   1 
_pdbx_struct_oper_list.type                 'identity operation' 
_pdbx_struct_oper_list.name                 1_555 
_pdbx_struct_oper_list.symmetry_operation   x,y,z 
_pdbx_struct_oper_list.matrix[1][1]         1.0000000000 
_pdbx_struct_oper_list.matrix[1][2]         0.0000000000 
_pdbx_struct_oper_list.matrix[1][3]         0.0000000000 
_pdbx_struct_oper_list.vector[1]            0.0000000000 
_pdbx_struct_oper_list.matrix[2][1]         0.0000000000 
_pdbx_struct_oper_list.matrix[2][2]         1.0000000000 
_pdbx_struct_oper_list.matrix[2][3]         0.0000000000 
_pdbx_struct_oper_list.vector[2]            0.0000000000 
_pdbx_struct_oper_list.matrix[3][1]         0.0000000000 
_pdbx_struct_oper_list.matrix[3][2]         0.0000000000 
_pdbx_struct_oper_list.matrix[3][3]         1.0000000000 
_pdbx_struct_oper_list.vector[3]            0.0000000000 
# 
loop_
_struct_conn.id 
_struct_conn.conn_type_id 
_struct_conn.pdbx_leaving_atom_flag 
_struct_conn.pdbx_PDB_id 
_struct_conn.ptnr1_label_asym_id 
_struct_conn.ptnr1_label_comp_id 
_struct_conn.ptnr1_label_seq_id 
_struct_conn.ptnr1_label_atom_id 
_struct_conn.pdbx_ptnr1_label_alt_id 
_struct_conn.pdbx_ptnr1_PDB_ins_code 
_struct_conn.pdbx_ptnr1_standard_comp_id 
_struct_conn.ptnr1_symmetry 
_struct_conn.ptnr2_label_asym_id 
_struct_conn.ptnr2_label_comp_id 
_struct_conn.ptnr2_label_seq_id 
_struct_conn.ptnr2_label_atom_id 
_struct_conn.pdbx_ptnr2_label_alt_id 
_struct_conn.pdbx_ptnr2_PDB_ins_code 
_struct_conn.ptnr1_auth_asym_id 
_struct_conn.ptnr1_auth_comp_id 
_struct_conn.ptnr1_auth_seq_id 
_struct_conn.ptnr2_auth_asym_id 
_struct_conn.ptnr2_auth_comp_id 
_struct_conn.ptnr2_auth_seq_id 
_struct_conn.ptnr2_symmetry 
_struct_conn.pdbx_ptnr3_label_atom_id 
_struct_conn.pdbx_ptnr3_label_seq_id 
_struct_conn.pdbx_ptnr3_label_comp_id 
_struct_conn.pdbx_ptnr3_label_asym_id 
_struct_conn.pdbx_ptnr3_label_alt_id 
_struct_conn.pdbx_ptnr3_PDB_ins_code 
_struct_conn.details 
_struct_conn.pdbx_dist_value 
_struct_conn.pdbx_value_order 
_struct_conn.pdbx_role 
covale1  covale both ? A LCC 1  "O3'" ? ? ? 1_555 A LCC 2  P  ? ? A LCC 1   A LCC 2   1_555 ? ? ? ? ? ? ?            1.632 ? ? 
covale2  covale both ? A LCC 2  "O3'" ? ? ? 1_555 A LCC 3  P  ? ? A LCC 2   A LCC 3   1_555 ? ? ? ? ? ? ?            1.610 ? ? 
covale3  covale both ? A LCC 3  "O3'" ? ? ? 1_555 A LCG 4  P  ? ? A LCC 3   A LCG 4   1_555 ? ? ? ? ? ? ?            1.541 ? ? 
covale4  covale both ? A LCG 4  "O3'" ? ? ? 1_555 A A   5  P  ? ? A LCG 4   A A   5   1_555 ? ? ? ? ? ? ?            1.554 ? ? 
covale5  covale both ? A C   13 "O3'" ? ? ? 1_555 A G46 14 P  ? ? A C   13  A G46 14  1_555 ? ? ? ? ? ? ?            1.630 ? ? 
covale6  covale one  ? A G46 14 "O3'" ? ? ? 1_555 A G46 15 P  ? ? A G46 14  A G46 15  1_555 ? ? ? ? ? ? ?            1.669 ? ? 
covale7  covale both ? B LCC 1  "O3'" ? ? ? 1_555 B LCC 2  P  ? ? B LCC 1   B LCC 2   1_555 ? ? ? ? ? ? ?            1.636 ? ? 
covale8  covale both ? B LCC 2  "O3'" ? ? ? 1_555 B LCC 3  P  ? ? B LCC 2   B LCC 3   1_555 ? ? ? ? ? ? ?            1.616 ? ? 
covale9  covale both ? B LCC 3  "O3'" ? ? ? 1_555 B LCG 4  P  ? ? B LCC 3   B LCG 4   1_555 ? ? ? ? ? ? ?            1.584 ? ? 
covale10 covale both ? B LCG 4  "O3'" ? ? ? 1_555 B A   5  P  ? ? B LCG 4   B A   5   1_555 ? ? ? ? ? ? ?            1.571 ? ? 
covale11 covale both ? B C   13 "O3'" ? ? ? 1_555 B G46 14 P  ? ? B C   13  B G46 14  1_555 ? ? ? ? ? ? ?            1.631 ? ? 
covale12 covale one  ? B G46 14 "O3'" ? ? ? 1_555 B G46 15 P  ? ? B G46 14  B G46 15  1_555 ? ? ? ? ? ? ?            1.613 ? ? 
metalc1  metalc ?    ? D MG  .  MG    ? ? ? 1_555 H HOH .  O  ? ? A MG  102 A HOH 202 1_555 ? ? ? ? ? ? ?            2.122 ? ? 
metalc2  metalc ?    ? D MG  .  MG    ? ? ? 1_555 H HOH .  O  ? ? A MG  102 A HOH 217 2_655 ? ? ? ? ? ? ?            2.080 ? ? 
metalc3  metalc ?    ? D MG  .  MG    ? ? ? 1_555 H HOH .  O  ? ? A MG  102 A HOH 228 1_555 ? ? ? ? ? ? ?            2.064 ? ? 
metalc4  metalc ?    ? D MG  .  MG    ? ? ? 1_555 I HOH .  O  ? ? A MG  102 B HOH 218 1_555 ? ? ? ? ? ? ?            2.341 ? ? 
metalc5  metalc ?    ? D MG  .  MG    ? ? ? 1_555 I HOH .  O  ? ? A MG  102 B HOH 252 1_555 ? ? ? ? ? ? ?            2.303 ? ? 
metalc6  metalc ?    ? D MG  .  MG    ? ? ? 1_555 I HOH .  O  ? ? A MG  102 B HOH 256 1_555 ? ? ? ? ? ? ?            2.053 ? ? 
metalc7  metalc ?    ? H HOH .  O     ? ? ? 1_555 F MG  .  MG ? ? A HOH 241 B MG  102 1_555 ? ? ? ? ? ? ?            2.011 ? ? 
metalc8  metalc ?    ? H HOH .  O     ? ? ? 1_555 F MG  .  MG ? ? A HOH 244 B MG  102 1_555 ? ? ? ? ? ? ?            2.000 ? ? 
metalc9  metalc ?    ? H HOH .  O     ? ? ? 1_555 F MG  .  MG ? ? A HOH 246 B MG  102 1_555 ? ? ? ? ? ? ?            2.104 ? ? 
metalc10 metalc ?    ? F MG  .  MG    ? ? ? 1_555 I HOH .  O  ? ? B MG  102 B HOH 210 1_555 ? ? ? ? ? ? ?            2.030 ? ? 
metalc11 metalc ?    ? F MG  .  MG    ? ? ? 1_555 I HOH .  O  ? ? B MG  102 B HOH 234 3_665 ? ? ? ? ? ? ?            2.119 ? ? 
metalc12 metalc ?    ? F MG  .  MG    ? ? ? 1_555 I HOH .  O  ? ? B MG  102 B HOH 235 1_555 ? ? ? ? ? ? ?            2.195 ? ? 
metalc13 metalc ?    ? G MG  .  MG    ? ? ? 1_555 I HOH .  O  ? ? B MG  103 B HOH 202 1_555 ? ? ? ? ? ? ?            2.331 ? ? 
metalc14 metalc ?    ? G MG  .  MG    ? ? ? 1_555 I HOH .  O  ? ? B MG  103 B HOH 220 1_555 ? ? ? ? ? ? ?            2.323 ? ? 
metalc15 metalc ?    ? G MG  .  MG    ? ? ? 1_555 I HOH .  O  ? ? B MG  103 B HOH 221 1_555 ? ? ? ? ? ? ?            2.083 ? ? 
metalc16 metalc ?    ? G MG  .  MG    ? ? ? 1_555 I HOH .  O  ? ? B MG  103 B HOH 257 1_555 ? ? ? ? ? ? ?            1.911 ? ? 
metalc17 metalc ?    ? G MG  .  MG    ? ? ? 1_555 I HOH .  O  ? ? B MG  103 B HOH 260 1_555 ? ? ? ? ? ? ?            2.097 ? ? 
metalc18 metalc ?    ? G MG  .  MG    ? ? ? 1_555 I HOH .  O  ? ? B MG  103 B HOH 261 1_555 ? ? ? ? ? ? ?            2.164 ? ? 
hydrog1  hydrog ?    ? A LCG 4  N1    ? ? ? 1_555 B C   13 N3 ? ? A LCG 4   B C   13  1_555 ? ? ? ? ? ? WATSON-CRICK ?     ? ? 
hydrog2  hydrog ?    ? A LCG 4  N2    ? ? ? 1_555 B C   13 O2 ? ? A LCG 4   B C   13  1_555 ? ? ? ? ? ? WATSON-CRICK ?     ? ? 
hydrog3  hydrog ?    ? A LCG 4  O6    ? ? ? 1_555 B C   13 N4 ? ? A LCG 4   B C   13  1_555 ? ? ? ? ? ? WATSON-CRICK ?     ? ? 
hydrog4  hydrog ?    ? A A   5  N1    ? ? ? 1_555 B U   12 N3 ? ? A A   5   B U   12  1_555 ? ? ? ? ? ? WATSON-CRICK ?     ? ? 
hydrog5  hydrog ?    ? A A   5  N6    ? ? ? 1_555 B U   12 O4 ? ? A A   5   B U   12  1_555 ? ? ? ? ? ? WATSON-CRICK ?     ? ? 
hydrog6  hydrog ?    ? A C   6  N3    ? ? ? 1_555 B G   11 N1 ? ? A C   6   B G   11  1_555 ? ? ? ? ? ? WATSON-CRICK ?     ? ? 
hydrog7  hydrog ?    ? A C   6  N4    ? ? ? 1_555 B G   11 O6 ? ? A C   6   B G   11  1_555 ? ? ? ? ? ? WATSON-CRICK ?     ? ? 
hydrog8  hydrog ?    ? A C   6  O2    ? ? ? 1_555 B G   11 N2 ? ? A C   6   B G   11  1_555 ? ? ? ? ? ? WATSON-CRICK ?     ? ? 
hydrog9  hydrog ?    ? A U   7  N3    ? ? ? 1_555 B A   10 N1 ? ? A U   7   B A   10  1_555 ? ? ? ? ? ? WATSON-CRICK ?     ? ? 
hydrog10 hydrog ?    ? A U   7  O4    ? ? ? 1_555 B A   10 N6 ? ? A U   7   B A   10  1_555 ? ? ? ? ? ? WATSON-CRICK ?     ? ? 
hydrog11 hydrog ?    ? A U   8  N3    ? ? ? 1_555 B A   9  N1 ? ? A U   8   B A   9   1_555 ? ? ? ? ? ? WATSON-CRICK ?     ? ? 
hydrog12 hydrog ?    ? A U   8  O4    ? ? ? 1_555 B A   9  N6 ? ? A U   8   B A   9   1_555 ? ? ? ? ? ? WATSON-CRICK ?     ? ? 
hydrog13 hydrog ?    ? A A   9  N1    ? ? ? 1_555 B U   8  N3 ? ? A A   9   B U   8   1_555 ? ? ? ? ? ? WATSON-CRICK ?     ? ? 
hydrog14 hydrog ?    ? A A   9  N6    ? ? ? 1_555 B U   8  O4 ? ? A A   9   B U   8   1_555 ? ? ? ? ? ? WATSON-CRICK ?     ? ? 
hydrog15 hydrog ?    ? A A   10 N1    ? ? ? 1_555 B U   7  N3 ? ? A A   10  B U   7   1_555 ? ? ? ? ? ? WATSON-CRICK ?     ? ? 
hydrog16 hydrog ?    ? A A   10 N6    ? ? ? 1_555 B U   7  O4 ? ? A A   10  B U   7   1_555 ? ? ? ? ? ? WATSON-CRICK ?     ? ? 
hydrog17 hydrog ?    ? A G   11 N1    ? ? ? 1_555 B C   6  N3 ? ? A G   11  B C   6   1_555 ? ? ? ? ? ? WATSON-CRICK ?     ? ? 
hydrog18 hydrog ?    ? A G   11 N2    ? ? ? 1_555 B C   6  O2 ? ? A G   11  B C   6   1_555 ? ? ? ? ? ? WATSON-CRICK ?     ? ? 
hydrog19 hydrog ?    ? A G   11 O6    ? ? ? 1_555 B C   6  N4 ? ? A G   11  B C   6   1_555 ? ? ? ? ? ? WATSON-CRICK ?     ? ? 
hydrog20 hydrog ?    ? A U   12 N3    ? ? ? 1_555 B A   5  N1 ? ? A U   12  B A   5   1_555 ? ? ? ? ? ? WATSON-CRICK ?     ? ? 
hydrog21 hydrog ?    ? A U   12 O4    ? ? ? 1_555 B A   5  N6 ? ? A U   12  B A   5   1_555 ? ? ? ? ? ? WATSON-CRICK ?     ? ? 
hydrog22 hydrog ?    ? A C   13 N3    ? ? ? 1_555 B LCG 4  N1 ? ? A C   13  B LCG 4   1_555 ? ? ? ? ? ? WATSON-CRICK ?     ? ? 
hydrog23 hydrog ?    ? A C   13 N4    ? ? ? 1_555 B LCG 4  O6 ? ? A C   13  B LCG 4   1_555 ? ? ? ? ? ? WATSON-CRICK ?     ? ? 
hydrog24 hydrog ?    ? A C   13 O2    ? ? ? 1_555 B LCG 4  N2 ? ? A C   13  B LCG 4   1_555 ? ? ? ? ? ? WATSON-CRICK ?     ? ? 
# 
loop_
_struct_conn_type.id 
_struct_conn_type.criteria 
_struct_conn_type.reference 
covale ? ? 
metalc ? ? 
hydrog ? ? 
# 
loop_
_pdbx_struct_conn_angle.id 
_pdbx_struct_conn_angle.ptnr1_label_atom_id 
_pdbx_struct_conn_angle.ptnr1_label_alt_id 
_pdbx_struct_conn_angle.ptnr1_label_asym_id 
_pdbx_struct_conn_angle.ptnr1_label_comp_id 
_pdbx_struct_conn_angle.ptnr1_label_seq_id 
_pdbx_struct_conn_angle.ptnr1_auth_atom_id 
_pdbx_struct_conn_angle.ptnr1_auth_asym_id 
_pdbx_struct_conn_angle.ptnr1_auth_comp_id 
_pdbx_struct_conn_angle.ptnr1_auth_seq_id 
_pdbx_struct_conn_angle.ptnr1_PDB_ins_code 
_pdbx_struct_conn_angle.ptnr1_symmetry 
_pdbx_struct_conn_angle.ptnr2_label_atom_id 
_pdbx_struct_conn_angle.ptnr2_label_alt_id 
_pdbx_struct_conn_angle.ptnr2_label_asym_id 
_pdbx_struct_conn_angle.ptnr2_label_comp_id 
_pdbx_struct_conn_angle.ptnr2_label_seq_id 
_pdbx_struct_conn_angle.ptnr2_auth_atom_id 
_pdbx_struct_conn_angle.ptnr2_auth_asym_id 
_pdbx_struct_conn_angle.ptnr2_auth_comp_id 
_pdbx_struct_conn_angle.ptnr2_auth_seq_id 
_pdbx_struct_conn_angle.ptnr2_PDB_ins_code 
_pdbx_struct_conn_angle.ptnr2_symmetry 
_pdbx_struct_conn_angle.ptnr3_label_atom_id 
_pdbx_struct_conn_angle.ptnr3_label_alt_id 
_pdbx_struct_conn_angle.ptnr3_label_asym_id 
_pdbx_struct_conn_angle.ptnr3_label_comp_id 
_pdbx_struct_conn_angle.ptnr3_label_seq_id 
_pdbx_struct_conn_angle.ptnr3_auth_atom_id 
_pdbx_struct_conn_angle.ptnr3_auth_asym_id 
_pdbx_struct_conn_angle.ptnr3_auth_comp_id 
_pdbx_struct_conn_angle.ptnr3_auth_seq_id 
_pdbx_struct_conn_angle.ptnr3_PDB_ins_code 
_pdbx_struct_conn_angle.ptnr3_symmetry 
_pdbx_struct_conn_angle.value 
_pdbx_struct_conn_angle.value_esd 
1  O ? H HOH . ? A HOH 202 ? 1_555 MG ? D MG . ? A MG 102 ? 1_555 O ? H HOH . ? A HOH 217 ? 2_655 91.1  ? 
2  O ? H HOH . ? A HOH 202 ? 1_555 MG ? D MG . ? A MG 102 ? 1_555 O ? H HOH . ? A HOH 228 ? 1_555 97.5  ? 
3  O ? H HOH . ? A HOH 217 ? 2_655 MG ? D MG . ? A MG 102 ? 1_555 O ? H HOH . ? A HOH 228 ? 1_555 89.6  ? 
4  O ? H HOH . ? A HOH 202 ? 1_555 MG ? D MG . ? A MG 102 ? 1_555 O ? I HOH . ? B HOH 218 ? 1_555 86.0  ? 
5  O ? H HOH . ? A HOH 217 ? 2_655 MG ? D MG . ? A MG 102 ? 1_555 O ? I HOH . ? B HOH 218 ? 1_555 175.2 ? 
6  O ? H HOH . ? A HOH 228 ? 1_555 MG ? D MG . ? A MG 102 ? 1_555 O ? I HOH . ? B HOH 218 ? 1_555 87.0  ? 
7  O ? H HOH . ? A HOH 202 ? 1_555 MG ? D MG . ? A MG 102 ? 1_555 O ? I HOH . ? B HOH 252 ? 1_555 82.0  ? 
8  O ? H HOH . ? A HOH 217 ? 2_655 MG ? D MG . ? A MG 102 ? 1_555 O ? I HOH . ? B HOH 252 ? 1_555 91.0  ? 
9  O ? H HOH . ? A HOH 228 ? 1_555 MG ? D MG . ? A MG 102 ? 1_555 O ? I HOH . ? B HOH 252 ? 1_555 179.3 ? 
10 O ? I HOH . ? B HOH 218 ? 1_555 MG ? D MG . ? A MG 102 ? 1_555 O ? I HOH . ? B HOH 252 ? 1_555 92.4  ? 
11 O ? H HOH . ? A HOH 202 ? 1_555 MG ? D MG . ? A MG 102 ? 1_555 O ? I HOH . ? B HOH 256 ? 1_555 162.9 ? 
12 O ? H HOH . ? A HOH 217 ? 2_655 MG ? D MG . ? A MG 102 ? 1_555 O ? I HOH . ? B HOH 256 ? 1_555 101.9 ? 
13 O ? H HOH . ? A HOH 228 ? 1_555 MG ? D MG . ? A MG 102 ? 1_555 O ? I HOH . ? B HOH 256 ? 1_555 93.7  ? 
14 O ? I HOH . ? B HOH 218 ? 1_555 MG ? D MG . ? A MG 102 ? 1_555 O ? I HOH . ? B HOH 256 ? 1_555 81.7  ? 
15 O ? I HOH . ? B HOH 252 ? 1_555 MG ? D MG . ? A MG 102 ? 1_555 O ? I HOH . ? B HOH 256 ? 1_555 86.6  ? 
16 O ? H HOH . ? A HOH 241 ? 1_555 MG ? F MG . ? B MG 102 ? 1_555 O ? H HOH . ? A HOH 244 ? 1_555 96.8  ? 
17 O ? H HOH . ? A HOH 241 ? 1_555 MG ? F MG . ? B MG 102 ? 1_555 O ? H HOH . ? A HOH 246 ? 1_555 88.0  ? 
18 O ? H HOH . ? A HOH 244 ? 1_555 MG ? F MG . ? B MG 102 ? 1_555 O ? H HOH . ? A HOH 246 ? 1_555 92.1  ? 
19 O ? H HOH . ? A HOH 241 ? 1_555 MG ? F MG . ? B MG 102 ? 1_555 O ? I HOH . ? B HOH 210 ? 1_555 85.3  ? 
20 O ? H HOH . ? A HOH 244 ? 1_555 MG ? F MG . ? B MG 102 ? 1_555 O ? I HOH . ? B HOH 210 ? 1_555 83.1  ? 
21 O ? H HOH . ? A HOH 246 ? 1_555 MG ? F MG . ? B MG 102 ? 1_555 O ? I HOH . ? B HOH 210 ? 1_555 171.2 ? 
22 O ? H HOH . ? A HOH 241 ? 1_555 MG ? F MG . ? B MG 102 ? 1_555 O ? I HOH . ? B HOH 234 ? 3_665 174.2 ? 
23 O ? H HOH . ? A HOH 244 ? 1_555 MG ? F MG . ? B MG 102 ? 1_555 O ? I HOH . ? B HOH 234 ? 3_665 88.6  ? 
24 O ? H HOH . ? A HOH 246 ? 1_555 MG ? F MG . ? B MG 102 ? 1_555 O ? I HOH . ? B HOH 234 ? 3_665 94.0  ? 
25 O ? I HOH . ? B HOH 210 ? 1_555 MG ? F MG . ? B MG 102 ? 1_555 O ? I HOH . ? B HOH 234 ? 3_665 93.3  ? 
26 O ? H HOH . ? A HOH 241 ? 1_555 MG ? F MG . ? B MG 102 ? 1_555 O ? I HOH . ? B HOH 235 ? 1_555 84.6  ? 
27 O ? H HOH . ? A HOH 244 ? 1_555 MG ? F MG . ? B MG 102 ? 1_555 O ? I HOH . ? B HOH 235 ? 1_555 177.9 ? 
28 O ? H HOH . ? A HOH 246 ? 1_555 MG ? F MG . ? B MG 102 ? 1_555 O ? I HOH . ? B HOH 235 ? 1_555 89.5  ? 
29 O ? I HOH . ? B HOH 210 ? 1_555 MG ? F MG . ? B MG 102 ? 1_555 O ? I HOH . ? B HOH 235 ? 1_555 95.4  ? 
30 O ? I HOH . ? B HOH 234 ? 3_665 MG ? F MG . ? B MG 102 ? 1_555 O ? I HOH . ? B HOH 235 ? 1_555 89.9  ? 
31 O ? I HOH . ? B HOH 202 ? 1_555 MG ? G MG . ? B MG 103 ? 1_555 O ? I HOH . ? B HOH 220 ? 1_555 86.1  ? 
32 O ? I HOH . ? B HOH 202 ? 1_555 MG ? G MG . ? B MG 103 ? 1_555 O ? I HOH . ? B HOH 221 ? 1_555 99.4  ? 
33 O ? I HOH . ? B HOH 220 ? 1_555 MG ? G MG . ? B MG 103 ? 1_555 O ? I HOH . ? B HOH 221 ? 1_555 92.3  ? 
34 O ? I HOH . ? B HOH 202 ? 1_555 MG ? G MG . ? B MG 103 ? 1_555 O ? I HOH . ? B HOH 257 ? 1_555 170.2 ? 
35 O ? I HOH . ? B HOH 220 ? 1_555 MG ? G MG . ? B MG 103 ? 1_555 O ? I HOH . ? B HOH 257 ? 1_555 91.6  ? 
36 O ? I HOH . ? B HOH 221 ? 1_555 MG ? G MG . ? B MG 103 ? 1_555 O ? I HOH . ? B HOH 257 ? 1_555 90.3  ? 
37 O ? I HOH . ? B HOH 202 ? 1_555 MG ? G MG . ? B MG 103 ? 1_555 O ? I HOH . ? B HOH 260 ? 1_555 86.5  ? 
38 O ? I HOH . ? B HOH 220 ? 1_555 MG ? G MG . ? B MG 103 ? 1_555 O ? I HOH . ? B HOH 260 ? 1_555 83.3  ? 
39 O ? I HOH . ? B HOH 221 ? 1_555 MG ? G MG . ? B MG 103 ? 1_555 O ? I HOH . ? B HOH 260 ? 1_555 172.5 ? 
40 O ? I HOH . ? B HOH 257 ? 1_555 MG ? G MG . ? B MG 103 ? 1_555 O ? I HOH . ? B HOH 260 ? 1_555 83.7  ? 
41 O ? I HOH . ? B HOH 202 ? 1_555 MG ? G MG . ? B MG 103 ? 1_555 O ? I HOH . ? B HOH 261 ? 1_555 84.8  ? 
42 O ? I HOH . ? B HOH 220 ? 1_555 MG ? G MG . ? B MG 103 ? 1_555 O ? I HOH . ? B HOH 261 ? 1_555 170.6 ? 
43 O ? I HOH . ? B HOH 221 ? 1_555 MG ? G MG . ? B MG 103 ? 1_555 O ? I HOH . ? B HOH 261 ? 1_555 87.0  ? 
44 O ? I HOH . ? B HOH 257 ? 1_555 MG ? G MG . ? B MG 103 ? 1_555 O ? I HOH . ? B HOH 261 ? 1_555 97.7  ? 
45 O ? I HOH . ? B HOH 260 ? 1_555 MG ? G MG . ? B MG 103 ? 1_555 O ? I HOH . ? B HOH 261 ? 1_555 98.3  ? 
# 
_pdbx_validate_symm_contact.id                1 
_pdbx_validate_symm_contact.PDB_model_num     1 
_pdbx_validate_symm_contact.auth_atom_id_1    O1P 
_pdbx_validate_symm_contact.auth_asym_id_1    A 
_pdbx_validate_symm_contact.auth_comp_id_1    G46 
_pdbx_validate_symm_contact.auth_seq_id_1     15 
_pdbx_validate_symm_contact.PDB_ins_code_1    ? 
_pdbx_validate_symm_contact.label_alt_id_1    ? 
_pdbx_validate_symm_contact.site_symmetry_1   1_555 
_pdbx_validate_symm_contact.auth_atom_id_2    O3 
_pdbx_validate_symm_contact.auth_asym_id_2    A 
_pdbx_validate_symm_contact.auth_comp_id_2    LXI 
_pdbx_validate_symm_contact.auth_seq_id_2     101 
_pdbx_validate_symm_contact.PDB_ins_code_2    ? 
_pdbx_validate_symm_contact.label_alt_id_2    ? 
_pdbx_validate_symm_contact.site_symmetry_2   2_655 
_pdbx_validate_symm_contact.dist              2.14 
# 
_pdbx_validate_rmsd_bond.id                        1 
_pdbx_validate_rmsd_bond.PDB_model_num             1 
_pdbx_validate_rmsd_bond.auth_atom_id_1            P 
_pdbx_validate_rmsd_bond.auth_asym_id_1            B 
_pdbx_validate_rmsd_bond.auth_comp_id_1            G 
_pdbx_validate_rmsd_bond.auth_seq_id_1             11 
_pdbx_validate_rmsd_bond.PDB_ins_code_1            ? 
_pdbx_validate_rmsd_bond.label_alt_id_1            ? 
_pdbx_validate_rmsd_bond.auth_atom_id_2            "O5'" 
_pdbx_validate_rmsd_bond.auth_asym_id_2            B 
_pdbx_validate_rmsd_bond.auth_comp_id_2            G 
_pdbx_validate_rmsd_bond.auth_seq_id_2             11 
_pdbx_validate_rmsd_bond.PDB_ins_code_2            ? 
_pdbx_validate_rmsd_bond.label_alt_id_2            ? 
_pdbx_validate_rmsd_bond.bond_value                1.656 
_pdbx_validate_rmsd_bond.bond_target_value         1.593 
_pdbx_validate_rmsd_bond.bond_deviation            0.063 
_pdbx_validate_rmsd_bond.bond_standard_deviation   0.010 
_pdbx_validate_rmsd_bond.linker_flag               N 
# 
loop_
_pdbx_validate_rmsd_angle.id 
_pdbx_validate_rmsd_angle.PDB_model_num 
_pdbx_validate_rmsd_angle.auth_atom_id_1 
_pdbx_validate_rmsd_angle.auth_asym_id_1 
_pdbx_validate_rmsd_angle.auth_comp_id_1 
_pdbx_validate_rmsd_angle.auth_seq_id_1 
_pdbx_validate_rmsd_angle.PDB_ins_code_1 
_pdbx_validate_rmsd_angle.label_alt_id_1 
_pdbx_validate_rmsd_angle.auth_atom_id_2 
_pdbx_validate_rmsd_angle.auth_asym_id_2 
_pdbx_validate_rmsd_angle.auth_comp_id_2 
_pdbx_validate_rmsd_angle.auth_seq_id_2 
_pdbx_validate_rmsd_angle.PDB_ins_code_2 
_pdbx_validate_rmsd_angle.label_alt_id_2 
_pdbx_validate_rmsd_angle.auth_atom_id_3 
_pdbx_validate_rmsd_angle.auth_asym_id_3 
_pdbx_validate_rmsd_angle.auth_comp_id_3 
_pdbx_validate_rmsd_angle.auth_seq_id_3 
_pdbx_validate_rmsd_angle.PDB_ins_code_3 
_pdbx_validate_rmsd_angle.label_alt_id_3 
_pdbx_validate_rmsd_angle.angle_value 
_pdbx_validate_rmsd_angle.angle_target_value 
_pdbx_validate_rmsd_angle.angle_deviation 
_pdbx_validate_rmsd_angle.angle_standard_deviation 
_pdbx_validate_rmsd_angle.linker_flag 
1 1 "O3'" A U   7  ? ? P     A U   8  ? ? OP2 A U   8  ? ? 119.49 110.50 8.99  1.10 Y 
2 1 "O5'" A U   8  ? ? P     A U   8  ? ? OP2 A U   8  ? ? 97.95  105.70 -7.75 0.90 N 
3 1 "O3'" A U   12 ? ? P     A C   13 ? ? OP2 A C   13 ? ? 119.51 110.50 9.01  1.10 Y 
4 1 "C3'" B LCC 1  ? ? "O3'" B LCC 1  ? ? P   B LCC 2  ? ? 128.77 119.70 9.07  1.20 Y 
5 1 "O3'" B U   12 ? ? P     B C   13 ? ? OP2 B C   13 ? ? 117.14 110.50 6.64  1.10 Y 
# 
loop_
_pdbx_struct_special_symmetry.id 
_pdbx_struct_special_symmetry.PDB_model_num 
_pdbx_struct_special_symmetry.auth_asym_id 
_pdbx_struct_special_symmetry.auth_comp_id 
_pdbx_struct_special_symmetry.auth_seq_id 
_pdbx_struct_special_symmetry.PDB_ins_code 
_pdbx_struct_special_symmetry.label_asym_id 
_pdbx_struct_special_symmetry.label_comp_id 
_pdbx_struct_special_symmetry.label_seq_id 
1 1 A HOH 233 ? H HOH . 
2 1 A HOH 238 ? H HOH . 
3 1 B HOH 236 ? I HOH . 
4 1 B HOH 237 ? I HOH . 
# 
_pdbx_entry_details.entry_id                 7U87 
_pdbx_entry_details.has_ligand_of_interest   Y 
_pdbx_entry_details.compound_details         ? 
_pdbx_entry_details.source_details           ? 
_pdbx_entry_details.nonpolymer_details       ? 
_pdbx_entry_details.sequence_details         ? 
# 
loop_
_chem_comp_atom.comp_id 
_chem_comp_atom.atom_id 
_chem_comp_atom.type_symbol 
_chem_comp_atom.pdbx_aromatic_flag 
_chem_comp_atom.pdbx_stereo_config 
_chem_comp_atom.pdbx_ordinal 
A   OP3    O  N N 1   
A   P      P  N N 2   
A   OP1    O  N N 3   
A   OP2    O  N N 4   
A   "O5'"  O  N N 5   
A   "C5'"  C  N N 6   
A   "C4'"  C  N R 7   
A   "O4'"  O  N N 8   
A   "C3'"  C  N S 9   
A   "O3'"  O  N N 10  
A   "C2'"  C  N R 11  
A   "O2'"  O  N N 12  
A   "C1'"  C  N R 13  
A   N9     N  Y N 14  
A   C8     C  Y N 15  
A   N7     N  Y N 16  
A   C5     C  Y N 17  
A   C6     C  Y N 18  
A   N6     N  N N 19  
A   N1     N  Y N 20  
A   C2     C  Y N 21  
A   N3     N  Y N 22  
A   C4     C  Y N 23  
A   HOP3   H  N N 24  
A   HOP2   H  N N 25  
A   "H5'"  H  N N 26  
A   "H5''" H  N N 27  
A   "H4'"  H  N N 28  
A   "H3'"  H  N N 29  
A   "HO3'" H  N N 30  
A   "H2'"  H  N N 31  
A   "HO2'" H  N N 32  
A   "H1'"  H  N N 33  
A   H8     H  N N 34  
A   H61    H  N N 35  
A   H62    H  N N 36  
A   H2     H  N N 37  
C   OP3    O  N N 38  
C   P      P  N N 39  
C   OP1    O  N N 40  
C   OP2    O  N N 41  
C   "O5'"  O  N N 42  
C   "C5'"  C  N N 43  
C   "C4'"  C  N R 44  
C   "O4'"  O  N N 45  
C   "C3'"  C  N S 46  
C   "O3'"  O  N N 47  
C   "C2'"  C  N R 48  
C   "O2'"  O  N N 49  
C   "C1'"  C  N R 50  
C   N1     N  N N 51  
C   C2     C  N N 52  
C   O2     O  N N 53  
C   N3     N  N N 54  
C   C4     C  N N 55  
C   N4     N  N N 56  
C   C5     C  N N 57  
C   C6     C  N N 58  
C   HOP3   H  N N 59  
C   HOP2   H  N N 60  
C   "H5'"  H  N N 61  
C   "H5''" H  N N 62  
C   "H4'"  H  N N 63  
C   "H3'"  H  N N 64  
C   "HO3'" H  N N 65  
C   "H2'"  H  N N 66  
C   "HO2'" H  N N 67  
C   "H1'"  H  N N 68  
C   H41    H  N N 69  
C   H42    H  N N 70  
C   H5     H  N N 71  
C   H6     H  N N 72  
G   OP3    O  N N 73  
G   P      P  N N 74  
G   OP1    O  N N 75  
G   OP2    O  N N 76  
G   "O5'"  O  N N 77  
G   "C5'"  C  N N 78  
G   "C4'"  C  N R 79  
G   "O4'"  O  N N 80  
G   "C3'"  C  N S 81  
G   "O3'"  O  N N 82  
G   "C2'"  C  N R 83  
G   "O2'"  O  N N 84  
G   "C1'"  C  N R 85  
G   N9     N  Y N 86  
G   C8     C  Y N 87  
G   N7     N  Y N 88  
G   C5     C  Y N 89  
G   C6     C  N N 90  
G   O6     O  N N 91  
G   N1     N  N N 92  
G   C2     C  N N 93  
G   N2     N  N N 94  
G   N3     N  N N 95  
G   C4     C  Y N 96  
G   HOP3   H  N N 97  
G   HOP2   H  N N 98  
G   "H5'"  H  N N 99  
G   "H5''" H  N N 100 
G   "H4'"  H  N N 101 
G   "H3'"  H  N N 102 
G   "HO3'" H  N N 103 
G   "H2'"  H  N N 104 
G   "HO2'" H  N N 105 
G   "H1'"  H  N N 106 
G   H8     H  N N 107 
G   H1     H  N N 108 
G   H21    H  N N 109 
G   H22    H  N N 110 
G46 P      P  N N 111 
G46 O1P    O  N N 112 
G46 S2P    S  N N 113 
G46 O3P    O  N N 114 
G46 "O5'"  O  N N 115 
G46 "C5'"  C  N N 116 
G46 "C4'"  C  N R 117 
G46 "O4'"  O  N N 118 
G46 "C3'"  C  N S 119 
G46 "O3'"  O  N N 120 
G46 "C2'"  C  N R 121 
G46 "C1'"  C  N R 122 
G46 "O2'"  O  N N 123 
G46 N9     N  Y N 124 
G46 C8     C  Y N 125 
G46 N7     N  Y N 126 
G46 C5     C  Y N 127 
G46 C6     C  N N 128 
G46 O6     O  N N 129 
G46 N1     N  N N 130 
G46 C2     C  N N 131 
G46 N2     N  N N 132 
G46 N3     N  N N 133 
G46 C4     C  Y N 134 
G46 H1P    H  N N 135 
G46 HS     H  N N 136 
G46 "H5'1" H  N N 137 
G46 "H5'2" H  N N 138 
G46 "H4'"  H  N N 139 
G46 "H3'"  H  N N 140 
G46 HA     H  N N 141 
G46 "H2'"  H  N N 142 
G46 "H1'"  H  N N 143 
G46 HB     H  N N 144 
G46 H8     H  N N 145 
G46 H1     H  N N 146 
G46 H2N1   H  N N 147 
G46 H2N2   H  N N 148 
HOH O      O  N N 149 
HOH H1     H  N N 150 
HOH H2     H  N N 151 
LCC "O5'"  O  N N 152 
LCC "C5'"  C  N N 153 
LCC "C4'"  C  N R 154 
LCC "O4'"  O  N N 155 
LCC "C1'"  C  N R 156 
LCC N1     N  N N 157 
LCC C6     C  N N 158 
LCC C5     C  N N 159 
LCC C5M    C  N N 160 
LCC C4     C  N N 161 
LCC N4     N  N N 162 
LCC N3     N  N N 163 
LCC C2     C  N N 164 
LCC O2     O  N N 165 
LCC "C3'"  C  N S 166 
LCC "C2'"  C  N R 167 
LCC "O2'"  O  N N 168 
LCC "O3'"  O  N N 169 
LCC "C6'"  C  N N 170 
LCC P      P  N N 171 
LCC O1P    O  N N 172 
LCC O2P    O  N N 173 
LCC OXT    O  N N 174 
LCC "H5'1" H  N N 175 
LCC "H5'2" H  N N 176 
LCC "H1'"  H  N N 177 
LCC H6     H  N N 178 
LCC H5M1   H  N N 179 
LCC H5M2   H  N N 180 
LCC H5M3   H  N N 181 
LCC H41    H  N N 182 
LCC H42    H  N N 183 
LCC "H3'"  H  N N 184 
LCC "H2'1" H  N N 185 
LCC H3T    H  N N 186 
LCC "H6'1" H  N N 187 
LCC "H6'2" H  N N 188 
LCC H1P    H  N N 189 
LCC HXT    H  N N 190 
LCG P      P  N N 191 
LCG OP1    O  N N 192 
LCG "O5'"  O  N N 193 
LCG "C5'"  C  N N 194 
LCG "C3'"  C  N S 195 
LCG "C6'"  C  N N 196 
LCG N9     N  Y N 197 
LCG C8     C  Y N 198 
LCG C4     C  Y N 199 
LCG N7     N  Y N 200 
LCG C5     C  Y N 201 
LCG C6     C  N N 202 
LCG "C2'"  C  N R 203 
LCG O6     O  N N 204 
LCG "C4'"  C  N R 205 
LCG "C1'"  C  N R 206 
LCG C2     C  N N 207 
LCG N1     N  N N 208 
LCG "O4'"  O  N N 209 
LCG OP2    O  N N 210 
LCG N2     N  N N 211 
LCG N3     N  N N 212 
LCG "O2'"  O  N N 213 
LCG "O3'"  O  N N 214 
LCG OP3    O  N N 215 
LCG "H5'"  H  N N 216 
LCG "H5''" H  N N 217 
LCG "H3'"  H  N N 218 
LCG "H6'1" H  N N 219 
LCG "H6'2" H  N N 220 
LCG H8     H  N N 221 
LCG "H2'"  H  N N 222 
LCG "H1'"  H  N N 223 
LCG H1     H  N N 224 
LCG HOP2   H  N N 225 
LCG H21    H  N N 226 
LCG H22    H  N N 227 
LCG "HO3'" H  N N 228 
LCG HOP3   H  N N 229 
LXI N1     N  Y N 230 
LXI C1     C  Y N 231 
LXI N2     N  Y N 232 
LXI C2     C  Y N 233 
LXI C3     C  N N 234 
LXI N3     N  N N 235 
LXI C4     C  N N 236 
LXI N4     N  N N 237 
LXI C5     C  Y N 238 
LXI O1     O  N N 239 
LXI N5     N  N N 240 
LXI C6     C  N R 241 
LXI O2     O  N N 242 
LXI C7     C  N R 243 
LXI O3     O  N N 244 
LXI C8     C  N S 245 
LXI O4     O  N N 246 
LXI C9     C  N R 247 
LXI C10    C  N N 248 
LXI O5     O  N N 249 
LXI P1     P  N R 250 
LXI S1     S  N N 251 
LXI O6     O  N N 252 
LXI N6     N  Y N 253 
LXI C11    C  Y N 254 
LXI C12    C  Y N 255 
LXI N7     N  Y N 256 
LXI C13    C  Y N 257 
LXI N8     N  N N 258 
LXI H1     H  N N 259 
LXI H2     H  N N 260 
LXI H3     H  N N 261 
LXI H4     H  N N 262 
LXI H5     H  N N 263 
LXI H6     H  N N 264 
LXI H7     H  N N 265 
LXI H8     H  N N 266 
LXI H9     H  N N 267 
LXI H10    H  N N 268 
LXI H11    H  N N 269 
LXI H12    H  N N 270 
LXI H13    H  N N 271 
LXI H14    H  N N 272 
LXI H15    H  N N 273 
LXI H16    H  N N 274 
LXI H17    H  N N 275 
MG  MG     MG N N 276 
U   OP3    O  N N 277 
U   P      P  N N 278 
U   OP1    O  N N 279 
U   OP2    O  N N 280 
U   "O5'"  O  N N 281 
U   "C5'"  C  N N 282 
U   "C4'"  C  N R 283 
U   "O4'"  O  N N 284 
U   "C3'"  C  N S 285 
U   "O3'"  O  N N 286 
U   "C2'"  C  N R 287 
U   "O2'"  O  N N 288 
U   "C1'"  C  N R 289 
U   N1     N  N N 290 
U   C2     C  N N 291 
U   O2     O  N N 292 
U   N3     N  N N 293 
U   C4     C  N N 294 
U   O4     O  N N 295 
U   C5     C  N N 296 
U   C6     C  N N 297 
U   HOP3   H  N N 298 
U   HOP2   H  N N 299 
U   "H5'"  H  N N 300 
U   "H5''" H  N N 301 
U   "H4'"  H  N N 302 
U   "H3'"  H  N N 303 
U   "HO3'" H  N N 304 
U   "H2'"  H  N N 305 
U   "HO2'" H  N N 306 
U   "H1'"  H  N N 307 
U   H3     H  N N 308 
U   H5     H  N N 309 
U   H6     H  N N 310 
# 
loop_
_chem_comp_bond.comp_id 
_chem_comp_bond.atom_id_1 
_chem_comp_bond.atom_id_2 
_chem_comp_bond.value_order 
_chem_comp_bond.pdbx_aromatic_flag 
_chem_comp_bond.pdbx_stereo_config 
_chem_comp_bond.pdbx_ordinal 
A   OP3   P      sing N N 1   
A   OP3   HOP3   sing N N 2   
A   P     OP1    doub N N 3   
A   P     OP2    sing N N 4   
A   P     "O5'"  sing N N 5   
A   OP2   HOP2   sing N N 6   
A   "O5'" "C5'"  sing N N 7   
A   "C5'" "C4'"  sing N N 8   
A   "C5'" "H5'"  sing N N 9   
A   "C5'" "H5''" sing N N 10  
A   "C4'" "O4'"  sing N N 11  
A   "C4'" "C3'"  sing N N 12  
A   "C4'" "H4'"  sing N N 13  
A   "O4'" "C1'"  sing N N 14  
A   "C3'" "O3'"  sing N N 15  
A   "C3'" "C2'"  sing N N 16  
A   "C3'" "H3'"  sing N N 17  
A   "O3'" "HO3'" sing N N 18  
A   "C2'" "O2'"  sing N N 19  
A   "C2'" "C1'"  sing N N 20  
A   "C2'" "H2'"  sing N N 21  
A   "O2'" "HO2'" sing N N 22  
A   "C1'" N9     sing N N 23  
A   "C1'" "H1'"  sing N N 24  
A   N9    C8     sing Y N 25  
A   N9    C4     sing Y N 26  
A   C8    N7     doub Y N 27  
A   C8    H8     sing N N 28  
A   N7    C5     sing Y N 29  
A   C5    C6     sing Y N 30  
A   C5    C4     doub Y N 31  
A   C6    N6     sing N N 32  
A   C6    N1     doub Y N 33  
A   N6    H61    sing N N 34  
A   N6    H62    sing N N 35  
A   N1    C2     sing Y N 36  
A   C2    N3     doub Y N 37  
A   C2    H2     sing N N 38  
A   N3    C4     sing Y N 39  
C   OP3   P      sing N N 40  
C   OP3   HOP3   sing N N 41  
C   P     OP1    doub N N 42  
C   P     OP2    sing N N 43  
C   P     "O5'"  sing N N 44  
C   OP2   HOP2   sing N N 45  
C   "O5'" "C5'"  sing N N 46  
C   "C5'" "C4'"  sing N N 47  
C   "C5'" "H5'"  sing N N 48  
C   "C5'" "H5''" sing N N 49  
C   "C4'" "O4'"  sing N N 50  
C   "C4'" "C3'"  sing N N 51  
C   "C4'" "H4'"  sing N N 52  
C   "O4'" "C1'"  sing N N 53  
C   "C3'" "O3'"  sing N N 54  
C   "C3'" "C2'"  sing N N 55  
C   "C3'" "H3'"  sing N N 56  
C   "O3'" "HO3'" sing N N 57  
C   "C2'" "O2'"  sing N N 58  
C   "C2'" "C1'"  sing N N 59  
C   "C2'" "H2'"  sing N N 60  
C   "O2'" "HO2'" sing N N 61  
C   "C1'" N1     sing N N 62  
C   "C1'" "H1'"  sing N N 63  
C   N1    C2     sing N N 64  
C   N1    C6     sing N N 65  
C   C2    O2     doub N N 66  
C   C2    N3     sing N N 67  
C   N3    C4     doub N N 68  
C   C4    N4     sing N N 69  
C   C4    C5     sing N N 70  
C   N4    H41    sing N N 71  
C   N4    H42    sing N N 72  
C   C5    C6     doub N N 73  
C   C5    H5     sing N N 74  
C   C6    H6     sing N N 75  
G   OP3   P      sing N N 76  
G   OP3   HOP3   sing N N 77  
G   P     OP1    doub N N 78  
G   P     OP2    sing N N 79  
G   P     "O5'"  sing N N 80  
G   OP2   HOP2   sing N N 81  
G   "O5'" "C5'"  sing N N 82  
G   "C5'" "C4'"  sing N N 83  
G   "C5'" "H5'"  sing N N 84  
G   "C5'" "H5''" sing N N 85  
G   "C4'" "O4'"  sing N N 86  
G   "C4'" "C3'"  sing N N 87  
G   "C4'" "H4'"  sing N N 88  
G   "O4'" "C1'"  sing N N 89  
G   "C3'" "O3'"  sing N N 90  
G   "C3'" "C2'"  sing N N 91  
G   "C3'" "H3'"  sing N N 92  
G   "O3'" "HO3'" sing N N 93  
G   "C2'" "O2'"  sing N N 94  
G   "C2'" "C1'"  sing N N 95  
G   "C2'" "H2'"  sing N N 96  
G   "O2'" "HO2'" sing N N 97  
G   "C1'" N9     sing N N 98  
G   "C1'" "H1'"  sing N N 99  
G   N9    C8     sing Y N 100 
G   N9    C4     sing Y N 101 
G   C8    N7     doub Y N 102 
G   C8    H8     sing N N 103 
G   N7    C5     sing Y N 104 
G   C5    C6     sing N N 105 
G   C5    C4     doub Y N 106 
G   C6    O6     doub N N 107 
G   C6    N1     sing N N 108 
G   N1    C2     sing N N 109 
G   N1    H1     sing N N 110 
G   C2    N2     sing N N 111 
G   C2    N3     doub N N 112 
G   N2    H21    sing N N 113 
G   N2    H22    sing N N 114 
G   N3    C4     sing N N 115 
G46 P     O1P    sing N N 116 
G46 P     S2P    sing N N 117 
G46 P     O3P    doub N N 118 
G46 P     "O5'"  sing N N 119 
G46 O1P   H1P    sing N N 120 
G46 S2P   HS     sing N N 121 
G46 "O5'" "C5'"  sing N N 122 
G46 "C5'" "C4'"  sing N N 123 
G46 "C5'" "H5'1" sing N N 124 
G46 "C5'" "H5'2" sing N N 125 
G46 "C4'" "O4'"  sing N N 126 
G46 "C4'" "C3'"  sing N N 127 
G46 "C4'" "H4'"  sing N N 128 
G46 "O4'" "C1'"  sing N N 129 
G46 "C3'" "O3'"  sing N N 130 
G46 "C3'" "C2'"  sing N N 131 
G46 "C3'" "H3'"  sing N N 132 
G46 "O3'" HA     sing N N 133 
G46 "C2'" "C1'"  sing N N 134 
G46 "C2'" "O2'"  sing N N 135 
G46 "C2'" "H2'"  sing N N 136 
G46 "C1'" N9     sing N N 137 
G46 "C1'" "H1'"  sing N N 138 
G46 "O2'" HB     sing N N 139 
G46 N9    C8     sing Y N 140 
G46 N9    C4     sing Y N 141 
G46 C8    N7     doub Y N 142 
G46 C8    H8     sing N N 143 
G46 N7    C5     sing Y N 144 
G46 C5    C6     sing N N 145 
G46 C5    C4     doub Y N 146 
G46 C6    O6     doub N N 147 
G46 C6    N1     sing N N 148 
G46 N1    C2     sing N N 149 
G46 N1    H1     sing N N 150 
G46 C2    N2     sing N N 151 
G46 C2    N3     doub N N 152 
G46 N2    H2N1   sing N N 153 
G46 N2    H2N2   sing N N 154 
G46 N3    C4     sing N N 155 
HOH O     H1     sing N N 156 
HOH O     H2     sing N N 157 
LCC "O5'" "C5'"  sing N N 158 
LCC "O5'" P      sing N N 159 
LCC "C5'" "C4'"  sing N N 160 
LCC "C5'" "H5'1" sing N N 161 
LCC "C5'" "H5'2" sing N N 162 
LCC "C4'" "O4'"  sing N N 163 
LCC "C4'" "C3'"  sing N N 164 
LCC "C4'" "C6'"  sing N N 165 
LCC "O4'" "C1'"  sing N N 166 
LCC "C1'" N1     sing N N 167 
LCC "C1'" "C2'"  sing N N 168 
LCC "C1'" "H1'"  sing N N 169 
LCC N1    C6     sing N N 170 
LCC N1    C2     sing N N 171 
LCC C6    C5     doub N N 172 
LCC C6    H6     sing N N 173 
LCC C5    C5M    sing N N 174 
LCC C5    C4     sing N N 175 
LCC C5M   H5M1   sing N N 176 
LCC C5M   H5M2   sing N N 177 
LCC C5M   H5M3   sing N N 178 
LCC C4    N4     sing N N 179 
LCC C4    N3     doub N N 180 
LCC N4    H41    sing N N 181 
LCC N4    H42    sing N N 182 
LCC N3    C2     sing N N 183 
LCC C2    O2     doub N N 184 
LCC "C3'" "C2'"  sing N N 185 
LCC "C3'" "O3'"  sing N N 186 
LCC "C3'" "H3'"  sing N N 187 
LCC "C2'" "O2'"  sing N N 188 
LCC "C2'" "H2'1" sing N N 189 
LCC "O2'" "C6'"  sing N N 190 
LCC "O3'" H3T    sing N N 191 
LCC "C6'" "H6'1" sing N N 192 
LCC "C6'" "H6'2" sing N N 193 
LCC P     O1P    sing N N 194 
LCC P     O2P    doub N N 195 
LCC P     OXT    sing N N 196 
LCC O1P   H1P    sing N N 197 
LCC OXT   HXT    sing N N 198 
LCG P     OP1    doub N N 199 
LCG P     "O5'"  sing N N 200 
LCG P     OP2    sing N N 201 
LCG P     OP3    sing N N 202 
LCG "O5'" "C5'"  sing N N 203 
LCG "C5'" "C4'"  sing N N 204 
LCG "C5'" "H5'"  sing N N 205 
LCG "C5'" "H5''" sing N N 206 
LCG "C3'" "C2'"  sing N N 207 
LCG "C3'" "C4'"  sing N N 208 
LCG "C3'" "O3'"  sing N N 209 
LCG "C3'" "H3'"  sing N N 210 
LCG "C6'" "C4'"  sing N N 211 
LCG "C6'" "O2'"  sing N N 212 
LCG "C6'" "H6'1" sing N N 213 
LCG "C6'" "H6'2" sing N N 214 
LCG N9    C8     sing Y N 215 
LCG N9    C4     sing Y N 216 
LCG N9    "C1'"  sing N N 217 
LCG C8    N7     doub Y N 218 
LCG C8    H8     sing N N 219 
LCG C4    C5     doub Y N 220 
LCG C4    N3     sing N N 221 
LCG N7    C5     sing Y N 222 
LCG C5    C6     sing N N 223 
LCG C6    O6     doub N N 224 
LCG C6    N1     sing N N 225 
LCG "C2'" "C1'"  sing N N 226 
LCG "C2'" "O2'"  sing N N 227 
LCG "C2'" "H2'"  sing N N 228 
LCG "C4'" "O4'"  sing N N 229 
LCG "C1'" "O4'"  sing N N 230 
LCG "C1'" "H1'"  sing N N 231 
LCG C2    N1     sing N N 232 
LCG C2    N2     sing N N 233 
LCG C2    N3     doub N N 234 
LCG N1    H1     sing N N 235 
LCG OP2   HOP2   sing N N 236 
LCG N2    H21    sing N N 237 
LCG N2    H22    sing N N 238 
LCG "O3'" "HO3'" sing N N 239 
LCG OP3   HOP3   sing N N 240 
LXI N5    C4     sing N N 241 
LXI N3    C4     sing N N 242 
LXI N3    C3     sing N N 243 
LXI C4    N4     doub N N 244 
LXI N4    C5     sing N N 245 
LXI C3    O1     doub N N 246 
LXI C3    C2     sing N N 247 
LXI C5    C2     doub Y N 248 
LXI C5    N1     sing Y N 249 
LXI C2    N2     sing Y N 250 
LXI N8    C13    sing N N 251 
LXI N2    C1     doub Y N 252 
LXI N1    C6     sing N N 253 
LXI N1    C1     sing Y N 254 
LXI C6    O2     sing N N 255 
LXI C6    C7     sing N N 256 
LXI O2    C9     sing N N 257 
LXI O3    C7     sing N N 258 
LXI N7    C13    doub Y N 259 
LXI N7    C12    sing Y N 260 
LXI C13   N6     sing Y N 261 
LXI C7    C8     sing N N 262 
LXI C9    C8     sing N N 263 
LXI C9    C10    sing N N 264 
LXI O4    C8     sing N N 265 
LXI C12   C11    doub Y N 266 
LXI O5    C10    sing N N 267 
LXI O5    P1     sing N N 268 
LXI N6    C11    sing Y N 269 
LXI N6    P1     sing N N 270 
LXI P1    S1     sing N N 271 
LXI P1    O6     doub N N 272 
LXI C1    H1     sing N N 273 
LXI N3    H2     sing N N 274 
LXI N5    H3     sing N N 275 
LXI N5    H4     sing N N 276 
LXI C6    H5     sing N N 277 
LXI C7    H6     sing N N 278 
LXI O3    H7     sing N N 279 
LXI C8    H8     sing N N 280 
LXI O4    H9     sing N N 281 
LXI C9    H10    sing N N 282 
LXI C10   H11    sing N N 283 
LXI C10   H12    sing N N 284 
LXI S1    H13    sing N N 285 
LXI C11   H14    sing N N 286 
LXI C12   H15    sing N N 287 
LXI N8    H16    sing N N 288 
LXI N8    H17    sing N N 289 
U   OP3   P      sing N N 290 
U   OP3   HOP3   sing N N 291 
U   P     OP1    doub N N 292 
U   P     OP2    sing N N 293 
U   P     "O5'"  sing N N 294 
U   OP2   HOP2   sing N N 295 
U   "O5'" "C5'"  sing N N 296 
U   "C5'" "C4'"  sing N N 297 
U   "C5'" "H5'"  sing N N 298 
U   "C5'" "H5''" sing N N 299 
U   "C4'" "O4'"  sing N N 300 
U   "C4'" "C3'"  sing N N 301 
U   "C4'" "H4'"  sing N N 302 
U   "O4'" "C1'"  sing N N 303 
U   "C3'" "O3'"  sing N N 304 
U   "C3'" "C2'"  sing N N 305 
U   "C3'" "H3'"  sing N N 306 
U   "O3'" "HO3'" sing N N 307 
U   "C2'" "O2'"  sing N N 308 
U   "C2'" "C1'"  sing N N 309 
U   "C2'" "H2'"  sing N N 310 
U   "O2'" "HO2'" sing N N 311 
U   "C1'" N1     sing N N 312 
U   "C1'" "H1'"  sing N N 313 
U   N1    C2     sing N N 314 
U   N1    C6     sing N N 315 
U   C2    O2     doub N N 316 
U   C2    N3     sing N N 317 
U   N3    C4     sing N N 318 
U   N3    H3     sing N N 319 
U   C4    O4     doub N N 320 
U   C4    C5     sing N N 321 
U   C5    C6     doub N N 322 
U   C5    H5     sing N N 323 
U   C6    H6     sing N N 324 
# 
_ndb_struct_conf_na.entry_id   7U87 
_ndb_struct_conf_na.feature    'a-form double helix' 
# 
loop_
_ndb_struct_na_base_pair.model_number 
_ndb_struct_na_base_pair.i_label_asym_id 
_ndb_struct_na_base_pair.i_label_comp_id 
_ndb_struct_na_base_pair.i_label_seq_id 
_ndb_struct_na_base_pair.i_symmetry 
_ndb_struct_na_base_pair.j_label_asym_id 
_ndb_struct_na_base_pair.j_label_comp_id 
_ndb_struct_na_base_pair.j_label_seq_id 
_ndb_struct_na_base_pair.j_symmetry 
_ndb_struct_na_base_pair.shear 
_ndb_struct_na_base_pair.stretch 
_ndb_struct_na_base_pair.stagger 
_ndb_struct_na_base_pair.buckle 
_ndb_struct_na_base_pair.propeller 
_ndb_struct_na_base_pair.opening 
_ndb_struct_na_base_pair.pair_number 
_ndb_struct_na_base_pair.pair_name 
_ndb_struct_na_base_pair.i_auth_asym_id 
_ndb_struct_na_base_pair.i_auth_seq_id 
_ndb_struct_na_base_pair.i_PDB_ins_code 
_ndb_struct_na_base_pair.j_auth_asym_id 
_ndb_struct_na_base_pair.j_auth_seq_id 
_ndb_struct_na_base_pair.j_PDB_ins_code 
_ndb_struct_na_base_pair.hbond_type_28 
_ndb_struct_na_base_pair.hbond_type_12 
1 A LCG 4  1_555 B C   13 1_555 -0.176 -0.231 0.049  -1.555 -13.336 -0.382 1  A_LCG4:C13_B A 4  ? B 13 ? 19 1 
1 A A   5  1_555 B U   12 1_555 0.018  -0.081 0.194  4.695  -11.512 -3.206 2  A_A5:U12_B   A 5  ? B 12 ? 20 1 
1 A C   6  1_555 B G   11 1_555 0.178  -0.094 0.041  9.884  -14.901 0.131  3  A_C6:G11_B   A 6  ? B 11 ? 19 1 
1 A U   7  1_555 B A   10 1_555 0.065  -0.136 -0.051 4.517  -17.937 2.210  4  A_U7:A10_B   A 7  ? B 10 ? 20 1 
1 A U   8  1_555 B A   9  1_555 -0.100 -0.116 0.060  2.583  -12.166 2.765  5  A_U8:A9_B    A 8  ? B 9  ? 20 1 
1 A A   9  1_555 B U   8  1_555 0.104  -0.097 0.114  -1.949 -16.582 2.555  6  A_A9:U8_B    A 9  ? B 8  ? 20 1 
1 A A   10 1_555 B U   7  1_555 0.017  -0.102 0.166  0.996  -13.925 2.567  7  A_A10:U7_B   A 10 ? B 7  ? 20 1 
1 A G   11 1_555 B C   6  1_555 -0.163 -0.114 0.019  -8.022 -20.074 -0.878 8  A_G11:C6_B   A 11 ? B 6  ? 19 1 
1 A U   12 1_555 B A   5  1_555 -0.044 -0.163 0.154  -5.730 -12.233 -5.019 9  A_U12:A5_B   A 12 ? B 5  ? 20 1 
1 A C   13 1_555 B LCG 4  1_555 0.260  -0.162 0.270  -3.294 -12.693 -1.605 10 A_C13:LCG4_B A 13 ? B 4  ? 19 1 
# 
loop_
_ndb_struct_na_base_pair_step.model_number 
_ndb_struct_na_base_pair_step.i_label_asym_id_1 
_ndb_struct_na_base_pair_step.i_label_comp_id_1 
_ndb_struct_na_base_pair_step.i_label_seq_id_1 
_ndb_struct_na_base_pair_step.i_symmetry_1 
_ndb_struct_na_base_pair_step.j_label_asym_id_1 
_ndb_struct_na_base_pair_step.j_label_comp_id_1 
_ndb_struct_na_base_pair_step.j_label_seq_id_1 
_ndb_struct_na_base_pair_step.j_symmetry_1 
_ndb_struct_na_base_pair_step.i_label_asym_id_2 
_ndb_struct_na_base_pair_step.i_label_comp_id_2 
_ndb_struct_na_base_pair_step.i_label_seq_id_2 
_ndb_struct_na_base_pair_step.i_symmetry_2 
_ndb_struct_na_base_pair_step.j_label_asym_id_2 
_ndb_struct_na_base_pair_step.j_label_comp_id_2 
_ndb_struct_na_base_pair_step.j_label_seq_id_2 
_ndb_struct_na_base_pair_step.j_symmetry_2 
_ndb_struct_na_base_pair_step.shift 
_ndb_struct_na_base_pair_step.slide 
_ndb_struct_na_base_pair_step.rise 
_ndb_struct_na_base_pair_step.tilt 
_ndb_struct_na_base_pair_step.roll 
_ndb_struct_na_base_pair_step.twist 
_ndb_struct_na_base_pair_step.x_displacement 
_ndb_struct_na_base_pair_step.y_displacement 
_ndb_struct_na_base_pair_step.helical_rise 
_ndb_struct_na_base_pair_step.inclination 
_ndb_struct_na_base_pair_step.tip 
_ndb_struct_na_base_pair_step.helical_twist 
_ndb_struct_na_base_pair_step.step_number 
_ndb_struct_na_base_pair_step.step_name 
_ndb_struct_na_base_pair_step.i_auth_asym_id_1 
_ndb_struct_na_base_pair_step.i_auth_seq_id_1 
_ndb_struct_na_base_pair_step.i_PDB_ins_code_1 
_ndb_struct_na_base_pair_step.j_auth_asym_id_1 
_ndb_struct_na_base_pair_step.j_auth_seq_id_1 
_ndb_struct_na_base_pair_step.j_PDB_ins_code_1 
_ndb_struct_na_base_pair_step.i_auth_asym_id_2 
_ndb_struct_na_base_pair_step.i_auth_seq_id_2 
_ndb_struct_na_base_pair_step.i_PDB_ins_code_2 
_ndb_struct_na_base_pair_step.j_auth_asym_id_2 
_ndb_struct_na_base_pair_step.j_auth_seq_id_2 
_ndb_struct_na_base_pair_step.j_PDB_ins_code_2 
1 A LCG 4  1_555 B C 13 1_555 A A 5  1_555 B U   12 1_555 -0.326 -1.199 3.055 -1.180 3.871  32.203 -2.767 0.393  2.904 6.945  
2.118  32.449 1 AA_LCG4A5:U12C13_BB A 4  ? B 13 ? A 5  ? B 12 ? 
1 A A   5  1_555 B U 12 1_555 A C 6  1_555 B G   11 1_555 0.496  -1.509 3.095 1.156  3.524  33.184 -3.167 -0.687 2.939 6.147  
-2.017 33.385 2 AA_A5C6:G11U12_BB   A 5  ? B 12 ? A 6  ? B 11 ? 
1 A C   6  1_555 B G 11 1_555 A U 7  1_555 B A   10 1_555 -0.287 -1.605 3.319 -1.947 10.557 30.321 -4.676 0.190  2.639 19.434 
3.584  32.123 3 AA_C6U7:A10G11_BB   A 6  ? B 11 ? A 7  ? B 10 ? 
1 A U   7  1_555 B A 10 1_555 A U 8  1_555 B A   9  1_555 -0.297 -1.326 3.285 -2.995 11.217 29.956 -4.295 0.032  2.647 20.746 
5.540  32.079 4 AA_U7U8:A9A10_BB    A 7  ? B 10 ? A 8  ? B 9  ? 
1 A U   8  1_555 B A 9  1_555 A A 9  1_555 B U   8  1_555 0.257  -1.547 3.198 0.850  18.016 31.010 -4.756 -0.313 2.030 30.663 
-1.447 35.762 5 AA_U8A9:U8A9_BB     A 8  ? B 9  ? A 9  ? B 8  ? 
1 A A   9  1_555 B U 8  1_555 A A 10 1_555 B U   7  1_555 -0.157 -1.158 3.121 1.242  3.835  31.736 -2.749 0.494  2.956 6.977  
-2.259 31.985 6 AA_A9A10:U7U8_BB    A 9  ? B 8  ? A 10 ? B 7  ? 
1 A A   10 1_555 B U 7  1_555 A G 11 1_555 B C   6  1_555 0.200  -1.495 3.381 2.758  10.077 32.144 -4.159 0.090  2.805 17.628 
-4.825 33.757 7 AA_A10G11:C6U7_BB   A 10 ? B 7  ? A 11 ? B 6  ? 
1 A G   11 1_555 B C 6  1_555 A U 12 1_555 B A   5  1_555 -0.496 -1.454 3.146 -1.766 6.614  33.153 -3.484 0.588  2.833 11.440 
3.054  33.833 8 AA_G11U12:A5C6_BB   A 11 ? B 6  ? A 12 ? B 5  ? 
1 A U   12 1_555 B A 5  1_555 A C 13 1_555 B LCG 4  1_555 0.591  -1.288 3.164 -0.234 4.963  33.075 -3.008 -1.063 2.941 8.656  
0.407  33.436 9 AA_U12C13:LCG4A5_BB A 12 ? B 5  ? A 13 ? B 4  ? 
# 
loop_
_pdbx_audit_support.funding_organization 
_pdbx_audit_support.country 
_pdbx_audit_support.grant_number 
_pdbx_audit_support.ordinal 
'National Science Foundation (NSF, United States)' 'United States' 'CHE 1607034' 1 
'National Science Foundation (NSF, United States)' 'United States' 'CHE 2104708' 2 
# 
_pdbx_entity_instance_feature.ordinal        1 
_pdbx_entity_instance_feature.comp_id        G46 
_pdbx_entity_instance_feature.asym_id        ? 
_pdbx_entity_instance_feature.seq_num        ? 
_pdbx_entity_instance_feature.auth_comp_id   G46 
_pdbx_entity_instance_feature.auth_asym_id   ? 
_pdbx_entity_instance_feature.auth_seq_num   ? 
_pdbx_entity_instance_feature.feature_type   'SUBJECT OF INVESTIGATION' 
_pdbx_entity_instance_feature.details        ? 
# 
_pdbx_initial_refinement_model.id               1 
_pdbx_initial_refinement_model.entity_id_list   ? 
_pdbx_initial_refinement_model.type             'experimental model' 
_pdbx_initial_refinement_model.source_name      PDB 
_pdbx_initial_refinement_model.accession_code   6C8O 
_pdbx_initial_refinement_model.details          ? 
# 
_atom_sites.entry_id                    7U87 
_atom_sites.Cartn_transf_matrix[1][1]   ? 
_atom_sites.Cartn_transf_matrix[1][2]   ? 
_atom_sites.Cartn_transf_matrix[1][3]   ? 
_atom_sites.Cartn_transf_matrix[2][1]   ? 
_atom_sites.Cartn_transf_matrix[2][2]   ? 
_atom_sites.Cartn_transf_matrix[2][3]   ? 
_atom_sites.Cartn_transf_matrix[3][1]   ? 
_atom_sites.Cartn_transf_matrix[3][2]   ? 
_atom_sites.Cartn_transf_matrix[3][3]   ? 
_atom_sites.Cartn_transf_vector[1]      ? 
_atom_sites.Cartn_transf_vector[2]      ? 
_atom_sites.Cartn_transf_vector[3]      ? 
_atom_sites.fract_transf_matrix[1][1]   0.02391556 
_atom_sites.fract_transf_matrix[1][2]   0.01226623 
_atom_sites.fract_transf_matrix[1][3]   -0.00273336 
_atom_sites.fract_transf_matrix[2][1]   0.01320727 
_atom_sites.fract_transf_matrix[2][2]   0.00886652 
_atom_sites.fract_transf_matrix[2][3]   0.02183614 
_atom_sites.fract_transf_matrix[3][1]   0.00554875 
_atom_sites.fract_transf_matrix[3][2]   -0.01060658 
_atom_sites.fract_transf_matrix[3][3]   0.00095070 
_atom_sites.fract_transf_vector[1]      0.368526 
_atom_sites.fract_transf_vector[2]      0.146308 
_atom_sites.fract_transf_vector[3]      0.250545 
_atom_sites.solution_primary            ? 
_atom_sites.solution_secondary          ? 
_atom_sites.solution_hydrogens          ? 
_atom_sites.special_details             ? 
# 
loop_
_atom_type.symbol 
_atom_type.pdbx_scat_Z 
_atom_type.pdbx_N_electrons 
_atom_type.scat_Cromer_Mann_a1 
_atom_type.scat_Cromer_Mann_b1 
_atom_type.scat_Cromer_Mann_a2 
_atom_type.scat_Cromer_Mann_b2 
_atom_type.scat_Cromer_Mann_a3 
_atom_type.scat_Cromer_Mann_b3 
_atom_type.scat_Cromer_Mann_a4 
_atom_type.scat_Cromer_Mann_b4 
_atom_type.scat_Cromer_Mann_c 
C  6  6  2.310  20.844 1.020 10.208 1.589 0.569  0.865 51.651 0.216   
H  1  1  0.493  10.511 0.323 26.126 0.140 3.142  0.041 57.800 0.003   
MG 12 12 5.427  2.828  2.176 79.261 1.228 0.381  2.310 7.194  0.859   
N  7  7  12.222 0.006  3.135 9.893  2.014 28.997 1.167 0.583  -11.538 
O  8  8  3.049  13.277 2.287 5.701  1.546 0.324  0.867 32.909 0.251   
P  15 15 6.435  1.907  4.179 27.157 1.780 0.526  1.491 68.164 1.115   
S  16 16 6.905  1.468  5.203 22.215 1.438 0.254  1.586 56.172 0.867   
# 
loop_
_atom_site.group_PDB 
_atom_site.id 
_atom_site.type_symbol 
_atom_site.label_atom_id 
_atom_site.label_alt_id 
_atom_site.label_comp_id 
_atom_site.label_asym_id 
_atom_site.label_entity_id 
_atom_site.label_seq_id 
_atom_site.pdbx_PDB_ins_code 
_atom_site.Cartn_x 
_atom_site.Cartn_y 
_atom_site.Cartn_z 
_atom_site.occupancy 
_atom_site.B_iso_or_equiv 
_atom_site.pdbx_formal_charge 
_atom_site.auth_seq_id 
_atom_site.auth_comp_id 
_atom_site.auth_asym_id 
_atom_site.auth_atom_id 
_atom_site.pdbx_PDB_model_num 
_atom_site.calc_flag 
HETATM 1   O  "O5'" . LCC A 1 1  ? -10.870 12.908  -12.217 1.000 26.546  0 1   LCC A "O5'" 1 ? 
HETATM 2   C  "C5'" . LCC A 1 1  ? -10.443 13.085  -13.599 1.000 25.624  0 1   LCC A "C5'" 1 ? 
HETATM 3   C  "C4'" . LCC A 1 1  ? -9.233  14.022  -13.499 1.000 25.994  0 1   LCC A "C4'" 1 ? 
HETATM 4   O  "O4'" . LCC A 1 1  ? -9.475  15.237  -12.645 1.000 25.167  0 1   LCC A "O4'" 1 ? 
HETATM 5   C  "C1'" . LCC A 1 1  ? -8.176  15.749  -12.355 1.000 22.914  0 1   LCC A "C1'" 1 ? 
HETATM 6   N  N1    . LCC A 1 1  ? -8.165  16.026  -10.903 1.000 18.838  0 1   LCC A N1    1 ? 
HETATM 7   C  C6    . LCC A 1 1  ? -9.209  15.513  -10.095 1.000 17.781  0 1   LCC A C6    1 ? 
HETATM 8   C  C5    . LCC A 1 1  ? -9.189  15.841  -8.754  1.000 17.341  0 1   LCC A C5    1 ? 
HETATM 9   C  C5M   . LCC A 1 1  ? -10.225 15.334  -7.923  1.000 17.921  0 1   LCC A C5M   1 ? 
HETATM 10  C  C4    . LCC A 1 1  ? -8.127  16.653  -8.262  1.000 16.656  0 1   LCC A C4    1 ? 
HETATM 11  N  N4    . LCC A 1 1  ? -8.153  16.945  -6.936  1.000 16.996  0 1   LCC A N4    1 ? 
HETATM 12  N  N3    . LCC A 1 1  ? -7.131  17.111  -9.080  1.000 16.740  0 1   LCC A N3    1 ? 
HETATM 13  C  C2    . LCC A 1 1  ? -7.164  16.788  -10.391 1.000 18.564  0 1   LCC A C2    1 ? 
HETATM 14  O  O2    . LCC A 1 1  ? -6.283  17.194  -11.178 1.000 19.720  0 1   LCC A O2    1 ? 
HETATM 15  C  "C3'" . LCC A 1 1  ? -8.038  13.388  -12.774 1.000 24.607  0 1   LCC A "C3'" 1 ? 
HETATM 16  C  "C2'" . LCC A 1 1  ? -7.250  14.665  -12.940 1.000 25.375  0 1   LCC A "C2'" 1 ? 
HETATM 17  O  "O2'" . LCC A 1 1  ? -7.270  14.913  -14.386 1.000 25.997  0 1   LCC A "O2'" 1 ? 
HETATM 18  O  "O3'" . LCC A 1 1  ? -7.474  12.238  -13.519 1.000 23.200  0 1   LCC A "O3'" 1 ? 
HETATM 19  C  "C6'" . LCC A 1 1  ? -8.641  14.413  -14.855 1.000 26.069  0 1   LCC A "C6'" 1 ? 
HETATM 20  O  "O5'" . LCC A 1 2  ? -5.481  11.856  -12.002 1.000 17.841  0 2   LCC A "O5'" 1 ? 
HETATM 21  C  "C5'" . LCC A 1 2  ? -4.399  12.236  -12.871 1.000 16.436  0 2   LCC A "C5'" 1 ? 
HETATM 22  C  "C4'" . LCC A 1 2  ? -3.640  13.253  -12.017 1.000 15.022  0 2   LCC A "C4'" 1 ? 
HETATM 23  O  "O4'" . LCC A 1 2  ? -4.413  14.354  -11.467 1.000 13.952  0 2   LCC A "O4'" 1 ? 
HETATM 24  C  "C1'" . LCC A 1 2  ? -3.659  14.807  -10.343 1.000 12.893  0 2   LCC A "C1'" 1 ? 
HETATM 25  N  N1    . LCC A 1 2  ? -4.532  14.594  -9.190  1.000 11.393  0 2   LCC A N1    1 ? 
HETATM 26  C  C6    . LCC A 1 2  ? -5.653  13.755  -9.239  1.000 11.439  0 2   LCC A C6    1 ? 
HETATM 27  C  C5    . LCC A 1 2  ? -6.434  13.635  -8.089  1.000 11.199  0 2   LCC A C5    1 ? 
HETATM 28  C  C5M   . LCC A 1 2  ? -7.567  12.790  -8.127  1.000 11.618  0 2   LCC A C5M   1 ? 
HETATM 29  C  C4    . LCC A 1 2  ? -6.043  14.353  -6.951  1.000 10.888  0 2   LCC A C4    1 ? 
HETATM 30  N  N4    . LCC A 1 2  ? -6.799  14.244  -5.869  1.000 10.942  0 2   LCC A N4    1 ? 
HETATM 31  N  N3    . LCC A 1 2  ? -4.946  15.150  -6.939  1.000 10.688  0 2   LCC A N3    1 ? 
HETATM 32  C  C2    . LCC A 1 2  ? -4.171  15.249  -8.050  1.000 11.315  0 2   LCC A C2    1 ? 
HETATM 33  O  O2    . LCC A 1 2  ? -3.161  15.996  -8.058  1.000 10.580  0 2   LCC A O2    1 ? 
HETATM 34  C  "C3'" . LCC A 1 2  ? -3.094  12.588  -10.782 1.000 13.763  0 2   LCC A "C3'" 1 ? 
HETATM 35  C  "C2'" . LCC A 1 2  ? -2.462  13.865  -10.327 1.000 13.422  0 2   LCC A "C2'" 1 ? 
HETATM 36  O  "O2'" . LCC A 1 2  ? -1.635  14.240  -11.449 1.000 14.513  0 2   LCC A "O2'" 1 ? 
HETATM 37  O  "O3'" . LCC A 1 2  ? -2.133  11.539  -11.098 1.000 13.908  0 2   LCC A "O3'" 1 ? 
HETATM 38  C  "C6'" . LCC A 1 2  ? -2.406  13.897  -12.729 1.000 14.913  0 2   LCC A "C6'" 1 ? 
HETATM 39  P  P     . LCC A 1 2  ? -6.842  11.063  -12.579 1.000 20.072  0 2   LCC A P     1 ? 
HETATM 40  O  O1P   . LCC A 1 2  ? -6.415  10.161  -13.650 1.000 20.272  0 2   LCC A O1P   1 ? 
HETATM 41  O  O2P   . LCC A 1 2  ? -7.486  10.579  -11.327 1.000 18.288  0 2   LCC A O2P   1 ? 
HETATM 42  O  "O5'" . LCC A 1 3  ? -0.817  11.259  -8.922  1.000 11.394  0 3   LCC A "O5'" 1 ? 
HETATM 43  C  "C5'" . LCC A 1 3  ? 0.378   11.945  -9.385  1.000 10.279  0 3   LCC A "C5'" 1 ? 
HETATM 44  C  "C4'" . LCC A 1 3  ? 0.798   12.729  -8.193  1.000 9.561   0 3   LCC A "C4'" 1 ? 
HETATM 45  O  "O4'" . LCC A 1 3  ? -0.207  13.678  -7.865  1.000 9.030   0 3   LCC A "O4'" 1 ? 
HETATM 46  C  "C1'" . LCC A 1 3  ? 0.035   13.884  -6.439  1.000 8.818   0 3   LCC A "C1'" 1 ? 
HETATM 47  N  N1    . LCC A 1 3  ? -1.160  13.477  -5.680  1.000 9.091   0 3   LCC A N1    1 ? 
HETATM 48  C  C6    . LCC A 1 3  ? -2.172  12.677  -6.243  1.000 8.891   0 3   LCC A C6    1 ? 
HETATM 49  C  C5    . LCC A 1 3  ? -3.278  12.347  -5.474  1.000 9.054   0 3   LCC A C5    1 ? 
HETATM 50  C  C5M   . LCC A 1 3  ? -4.303  11.530  -6.029  1.000 9.264   0 3   LCC A C5M   1 ? 
HETATM 51  C  C4    . LCC A 1 3  ? -3.352  12.868  -4.168  1.000 9.206   0 3   LCC A C4    1 ? 
HETATM 52  N  N4    . LCC A 1 3  ? -4.438  12.537  -3.451  1.000 9.798   0 3   LCC A N4    1 ? 
HETATM 53  N  N3    . LCC A 1 3  ? -2.365  13.628  -3.651  1.000 9.009   0 3   LCC A N3    1 ? 
HETATM 54  C  C2    . LCC A 1 3  ? -1.286  13.926  -4.384  1.000 9.228   0 3   LCC A C2    1 ? 
HETATM 55  O  O2    . LCC A 1 3  ? -0.371  14.604  -3.890  1.000 9.966   0 3   LCC A O2    1 ? 
HETATM 56  C  "C3'" . LCC A 1 3  ? 0.958   11.898  -6.917  1.000 9.141   0 3   LCC A "C3'" 1 ? 
HETATM 57  C  "C2'" . LCC A 1 3  ? 1.248   13.098  -6.111  1.000 9.070   0 3   LCC A "C2'" 1 ? 
HETATM 58  O  "O2'" . LCC A 1 3  ? 2.362   13.699  -6.805  1.000 9.409   0 3   LCC A "O2'" 1 ? 
HETATM 59  O  "O3'" . LCC A 1 3  ? 2.082   11.033  -7.033  1.000 9.156   0 3   LCC A "O3'" 1 ? 
HETATM 60  C  "C6'" . LCC A 1 3  ? 2.124   13.470  -8.325  1.000 9.516   0 3   LCC A "C6'" 1 ? 
HETATM 61  P  P     . LCC A 1 3  ? -1.707  10.447  -9.995  1.000 13.966  0 3   LCC A P     1 ? 
HETATM 62  O  O1P   . LCC A 1 3  ? -0.804  9.523   -10.776 1.000 12.482  0 3   LCC A O1P   1 ? 
HETATM 63  O  O2P   . LCC A 1 3  ? -2.897  9.898   -9.284  1.000 11.757  0 3   LCC A O2P   1 ? 
HETATM 64  P  P     . LCG A 1 4  ? 2.246   9.647   -6.379  1.000 10.052  0 4   LCG A P     1 ? 
HETATM 65  O  OP1   . LCG A 1 4  ? 3.478   9.029   -6.889  1.000 9.767   0 4   LCG A OP1   1 ? 
HETATM 66  O  "O5'" . LCG A 1 4  ? 2.452   10.115  -4.841  1.000 8.756   0 4   LCG A "O5'" 1 ? 
HETATM 67  C  "C5'" . LCG A 1 4  ? 3.602   10.819  -4.406  1.000 8.419   0 4   LCG A "C5'" 1 ? 
HETATM 68  C  "C3'" . LCG A 1 4  ? 3.049   10.087  -2.072  1.000 8.031   0 4   LCG A "C3'" 1 ? 
HETATM 69  C  "C6'" . LCG A 1 4  ? 4.572   11.796  -2.303  1.000 8.150   0 4   LCG A "C6'" 1 ? 
HETATM 70  N  N9    . LCG A 1 4  ? 0.470   11.474  -1.501  1.000 7.465   0 4   LCG A N9    1 ? 
HETATM 71  C  C8    . LCG A 1 4  ? -0.217  11.010  -2.575  1.000 7.578   0 4   LCG A C8    1 ? 
HETATM 72  C  C4    . LCG A 1 4  ? -0.378  11.545  -0.492  1.000 7.412   0 4   LCG A C4    1 ? 
HETATM 73  N  N7    . LCG A 1 4  ? -1.478  10.785  -2.213  1.000 7.356   0 4   LCG A N7    1 ? 
HETATM 74  C  C5    . LCG A 1 4  ? -1.602  11.118  -0.903  1.000 7.460   0 4   LCG A C5    1 ? 
HETATM 75  C  C6    . LCG A 1 4  ? -2.678  11.080  -0.066  1.000 7.986   0 4   LCG A C6    1 ? 
HETATM 76  C  "C2'" . LCG A 1 4  ? 2.923   10.953  -0.895  1.000 8.144   0 4   LCG A "C2'" 1 ? 
HETATM 77  O  O6    . LCG A 1 4  ? -3.845  10.694  -0.374  1.000 6.837   0 4   LCG A O6    1 ? 
HETATM 78  C  "C4'" . LCG A 1 4  ? 3.356   11.188  -2.937  1.000 8.261   0 4   LCG A "C4'" 1 ? 
HETATM 79  C  "C1'" . LCG A 1 4  ? 1.870   11.906  -1.408  1.000 7.525   0 4   LCG A "C1'" 1 ? 
HETATM 80  C  C2    . LCG A 1 4  ? -1.155  11.970  1.613   1.000 7.593   0 4   LCG A C2    1 ? 
HETATM 81  N  N1    . LCG A 1 4  ? -2.424  11.525  1.216   1.000 7.578   0 4   LCG A N1    1 ? 
HETATM 82  O  "O4'" . LCG A 1 4  ? 2.235   12.080  -2.806  1.000 7.884   0 4   LCG A "O4'" 1 ? 
HETATM 83  O  OP2   . LCG A 1 4  ? 1.018   8.851   -6.301  1.000 7.959   0 4   LCG A OP2   1 ? 
HETATM 84  N  N2    . LCG A 1 4  ? -0.990  12.330  2.901   1.000 7.863   0 4   LCG A N2    1 ? 
HETATM 85  N  N3    . LCG A 1 4  ? -0.094  11.974  0.755   1.000 7.613   0 4   LCG A N3    1 ? 
HETATM 86  O  "O2'" . LCG A 1 4  ? 4.186   11.753  -0.839  1.000 8.110   0 4   LCG A "O2'" 1 ? 
HETATM 87  O  "O3'" . LCG A 1 4  ? 4.152   9.158   -1.942  1.000 9.270   0 4   LCG A "O3'" 1 ? 
ATOM   88  P  P     . A   A 1 5  ? 3.929   7.660   -1.594  1.000 11.749  0 5   A   A P     1 ? 
ATOM   89  O  OP1   . A   A 1 5  ? 5.265   7.004   -1.922  1.000 12.146  0 5   A   A OP1   1 ? 
ATOM   90  O  OP2   . A   A 1 5  ? 2.694   7.030   -2.173  1.000 11.101  0 5   A   A OP2   1 ? 
ATOM   91  O  "O5'" . A   A 1 5  ? 3.732   7.632   -0.024  1.000 11.298  0 5   A   A "O5'" 1 ? 
ATOM   92  C  "C5'" . A   A 1 5  ? 4.779   8.146   0.805   1.000 10.491  0 5   A   A "C5'" 1 ? 
ATOM   93  C  "C4'" . A   A 1 5  ? 4.176   8.358   2.174   1.000 9.992   0 5   A   A "C4'" 1 ? 
ATOM   94  O  "O4'" . A   A 1 5  ? 3.153   9.400   2.135   1.000 8.673   0 5   A   A "O4'" 1 ? 
ATOM   95  C  "C3'" . A   A 1 5  ? 3.439   7.148   2.756   1.000 9.558   0 5   A   A "C3'" 1 ? 
ATOM   96  O  "O3'" . A   A 1 5  ? 4.369   6.266   3.352   1.000 9.452   0 5   A   A "O3'" 1 ? 
ATOM   97  C  "C2'" . A   A 1 5  ? 2.589   7.856   3.805   1.000 9.083   0 5   A   A "C2'" 1 ? 
ATOM   98  O  "O2'" . A   A 1 5  ? 3.446   8.223   4.850   1.000 10.171  0 5   A   A "O2'" 1 ? 
ATOM   99  C  "C1'" . A   A 1 5  ? 2.100   9.056   3.006   1.000 8.638   0 5   A   A "C1'" 1 ? 
ATOM   100 N  N9    . A   A 1 5  ? 0.904   8.756   2.238   1.000 8.260   0 5   A   A N9    1 ? 
ATOM   101 C  C8    . A   A 1 5  ? 0.838   8.395   0.913   1.000 7.784   0 5   A   A C8    1 ? 
ATOM   102 N  N7    . A   A 1 5  ? -0.379  8.109   0.524   1.000 8.244   0 5   A   A N7    1 ? 
ATOM   103 C  C5    . A   A 1 5  ? -1.159  8.331   1.649   1.000 7.536   0 5   A   A C5    1 ? 
ATOM   104 C  C6    . A   A 1 5  ? -2.550  8.261   1.843   1.000 7.950   0 5   A   A C6    1 ? 
ATOM   105 N  N6    . A   A 1 5  ? -3.402  7.889   0.895   1.000 7.735   0 5   A   A N6    1 ? 
ATOM   106 N  N1    . A   A 1 5  ? -3.010  8.494   3.092   1.000 7.714   0 5   A   A N1    1 ? 
ATOM   107 C  C2    . A   A 1 5  ? -2.126  8.833   4.042   1.000 7.877   0 5   A   A C2    1 ? 
ATOM   108 N  N3    . A   A 1 5  ? -0.808  8.996   3.966   1.000 7.575   0 5   A   A N3    1 ? 
ATOM   109 C  C4    . A   A 1 5  ? -0.375  8.675   2.728   1.000 7.577   0 5   A   A C4    1 ? 
ATOM   110 P  P     . C   A 1 6  ? 3.985   4.712   3.390   1.000 10.622  0 6   C   A P     1 ? 
ATOM   111 O  OP1   . C   A 1 6  ? 5.238   3.933   3.762   1.000 9.829   0 6   C   A OP1   1 ? 
ATOM   112 O  OP2   . C   A 1 6  ? 3.208   4.250   2.163   1.000 9.523   0 6   C   A OP2   1 ? 
ATOM   113 O  "O5'" . C   A 1 6  ? 2.948   4.613   4.623   1.000 9.115   0 6   C   A "O5'" 1 ? 
ATOM   114 C  "C5'" . C   A 1 6  ? 3.273   5.129   5.923   1.000 8.996   0 6   C   A "C5'" 1 ? 
ATOM   115 C  "C4'" . C   A 1 6  ? 1.983   5.295   6.676   1.000 9.384   0 6   C   A "C4'" 1 ? 
ATOM   116 O  "O4'" . C   A 1 6  ? 1.115   6.239   6.000   1.000 8.835   0 6   C   A "O4'" 1 ? 
ATOM   117 C  "C3'" . C   A 1 6  ? 1.113   4.040   6.819   1.000 9.412   0 6   C   A "C3'" 1 ? 
ATOM   118 O  "O3'" . C   A 1 6  ? 1.587   3.254   7.893   1.000 9.972   0 6   C   A "O3'" 1 ? 
ATOM   119 C  "C2'" . C   A 1 6  ? -0.254  4.633   7.135   1.000 9.114   0 6   C   A "C2'" 1 ? 
ATOM   120 O  "O2'" . C   A 1 6  ? -0.377  5.122   8.462   1.000 9.188   0 6   C   A "O2'" 1 ? 
ATOM   121 C  "C1'" . C   A 1 6  ? -0.236  5.816   6.173   1.000 9.261   0 6   C   A "C1'" 1 ? 
ATOM   122 N  N1    . C   A 1 6  ? -0.812  5.478   4.841   1.000 8.140   0 6   C   A N1    1 ? 
ATOM   123 C  C2    . C   A 1 6  ? -2.210  5.479   4.683   1.000 8.659   0 6   C   A C2    1 ? 
ATOM   124 O  O2    . C   A 1 6  ? -2.933  5.684   5.662   1.000 8.479   0 6   C   A O2    1 ? 
ATOM   125 N  N3    . C   A 1 6  ? -2.734  5.235   3.465   1.000 7.998   0 6   C   A N3    1 ? 
ATOM   126 C  C4    . C   A 1 6  ? -1.918  5.033   2.412   1.000 8.340   0 6   C   A C4    1 ? 
ATOM   127 N  N4    . C   A 1 6  ? -2.462  4.835   1.230   1.000 8.243   0 6   C   A N4    1 ? 
ATOM   128 C  C5    . C   A 1 6  ? -0.509  5.036   2.549   1.000 8.343   0 6   C   A C5    1 ? 
ATOM   129 C  C6    . C   A 1 6  ? -0.003  5.245   3.779   1.000 8.355   0 6   C   A C6    1 ? 
ATOM   130 P  P     . U   A 1 7  ? 1.333   1.677   7.827   1.000 11.155  0 7   U   A P     1 ? 
ATOM   131 O  OP1   . U   A 1 7  ? 2.094   1.024   8.957   1.000 12.755  0 7   U   A OP1   1 ? 
ATOM   132 O  OP2   . U   A 1 7  ? 1.534   1.124   6.448   1.000 9.425   0 7   U   A OP2   1 ? 
ATOM   133 O  "O5'" . U   A 1 7  ? -0.231  1.533   8.092   1.000 10.580  0 7   U   A "O5'" 1 ? 
ATOM   134 C  "C5'" . U   A 1 7  ? -0.806  2.022   9.318   1.000 10.628  0 7   U   A "C5'" 1 ? 
ATOM   135 C  "C4'" . U   A 1 7  ? -2.291  1.834   9.217   1.000 11.532  0 7   U   A "C4'" 1 ? 
ATOM   136 O  "O4'" . U   A 1 7  ? -2.837  2.697   8.192   1.000 10.827  0 7   U   A "O4'" 1 ? 
ATOM   137 C  "C3'" . U   A 1 7  ? -2.766  0.434   8.806   1.000 11.897  0 7   U   A "C3'" 1 ? 
ATOM   138 O  "O3'" . U   A 1 7  ? -2.742  -0.419  9.928   1.000 13.082  0 7   U   A "O3'" 1 ? 
ATOM   139 C  "C2'" . U   A 1 7  ? -4.176  0.727   8.298   1.000 11.082  0 7   U   A "C2'" 1 ? 
ATOM   140 O  "O2'" . U   A 1 7  ? -5.089  0.958   9.349   1.000 11.443  0 7   U   A "O2'" 1 ? 
ATOM   141 C  "C1'" . U   A 1 7  ? -3.934  2.044   7.572   1.000 11.152  0 7   U   A "C1'" 1 ? 
ATOM   142 N  N1    . U   A 1 7  ? -3.637  1.913   6.140   1.000 10.061  0 7   U   A N1    1 ? 
ATOM   143 C  C2    . U   A 1 7  ? -4.730  1.799   5.303   1.000 9.869   0 7   U   A C2    1 ? 
ATOM   144 O  O2    . U   A 1 7  ? -5.843  1.654   5.744   1.000 9.531   0 7   U   A O2    1 ? 
ATOM   145 N  N3    . U   A 1 7  ? -4.458  1.810   3.960   1.000 9.194   0 7   U   A N3    1 ? 
ATOM   146 C  C4    . U   A 1 7  ? -3.197  1.884   3.395   1.000 9.022   0 7   U   A C4    1 ? 
ATOM   147 O  O4    . U   A 1 7  ? -3.088  1.896   2.179   1.000 8.422   0 7   U   A O4    1 ? 
ATOM   148 C  C5    . U   A 1 7  ? -2.110  1.975   4.323   1.000 9.370   0 7   U   A C5    1 ? 
ATOM   149 C  C6    . U   A 1 7  ? -2.365  2.021   5.638   1.000 9.595   0 7   U   A C6    1 ? 
ATOM   150 P  P     . U   A 1 8  ? -2.316  -1.898  9.556   1.000 15.003  0 8   U   A P     1 ? 
ATOM   151 O  OP1   . U   A 1 8  ? -2.131  -2.671  10.854  1.000 18.223  0 8   U   A OP1   1 ? 
ATOM   152 O  OP2   . U   A 1 8  ? -1.276  -2.128  8.462   1.000 15.691  0 8   U   A OP2   1 ? 
ATOM   153 O  "O5'" . U   A 1 8  ? -3.556  -2.570  8.824   1.000 13.913  0 8   U   A "O5'" 1 ? 
ATOM   154 C  "C5'" . U   A 1 8  ? -4.762  -2.718  9.583   1.000 15.075  0 8   U   A "C5'" 1 ? 
ATOM   155 C  "C4'" . U   A 1 8  ? -5.869  -3.174  8.672   1.000 14.803  0 8   U   A "C4'" 1 ? 
ATOM   156 O  "O4'" . U   A 1 8  ? -6.243  -2.110  7.767   1.000 13.758  0 8   U   A "O4'" 1 ? 
ATOM   157 C  "C3'" . U   A 1 8  ? -5.566  -4.352  7.741   1.000 15.211  0 8   U   A "C3'" 1 ? 
ATOM   158 O  "O3'" . U   A 1 8  ? -5.586  -5.554  8.490   1.000 14.447  0 8   U   A "O3'" 1 ? 
ATOM   159 C  "C2'" . U   A 1 8  ? -6.745  -4.196  6.775   1.000 14.257  0 8   U   A "C2'" 1 ? 
ATOM   160 O  "O2'" . U   A 1 8  ? -7.992  -4.511  7.362   1.000 15.479  0 8   U   A "O2'" 1 ? 
ATOM   161 C  "C1'" . U   A 1 8  ? -6.696  -2.685  6.560   1.000 13.431  0 8   U   A "C1'" 1 ? 
ATOM   162 N  N1    . U   A 1 8  ? -5.795  -2.291  5.461   1.000 11.512  0 8   U   A N1    1 ? 
ATOM   163 C  C2    . U   A 1 8  ? -6.338  -2.293  4.199   1.000 10.609  0 8   U   A C2    1 ? 
ATOM   164 O  O2    . U   A 1 8  ? -7.474  -2.699  3.985   1.000 10.257  0 8   U   A O2    1 ? 
ATOM   165 N  N3    . U   A 1 8  ? -5.485  -1.900  3.198   1.000 10.091  0 8   U   A N3    1 ? 
ATOM   166 C  C4    . U   A 1 8  ? -4.161  -1.531  3.335   1.000 10.621  0 8   U   A C4    1 ? 
ATOM   167 O  O4    . U   A 1 8  ? -3.508  -1.207  2.342   1.000 10.693  0 8   U   A O4    1 ? 
ATOM   168 C  C5    . U   A 1 8  ? -3.678  -1.527  4.686   1.000 11.141  0 8   U   A C5    1 ? 
ATOM   169 C  C6    . U   A 1 8  ? -4.501  -1.879  5.685   1.000 11.603  0 8   U   A C6    1 ? 
ATOM   170 P  P     . A   A 1 9  ? -4.676  -6.735  7.931   1.000 15.416  0 9   A   A P     1 ? 
ATOM   171 O  OP1   . A   A 1 9  ? -4.784  -7.844  8.949   1.000 18.540  0 9   A   A OP1   1 ? 
ATOM   172 O  OP2   . A   A 1 9  ? -3.263  -6.297  7.598   1.000 14.363  0 9   A   A OP2   1 ? 
ATOM   173 O  "O5'" . A   A 1 9  ? -5.250  -7.209  6.522   1.000 13.824  0 9   A   A "O5'" 1 ? 
ATOM   174 C  "C5'" . A   A 1 9  ? -6.474  -7.918  6.521   1.000 13.927  0 9   A   A "C5'" 1 ? 
ATOM   175 C  "C4'" . A   A 1 9  ? -6.976  -8.001  5.099   1.000 13.531  0 9   A   A "C4'" 1 ? 
ATOM   176 O  "O4'" . A   A 1 9  ? -7.031  -6.674  4.526   1.000 13.322  0 9   A   A "O4'" 1 ? 
ATOM   177 C  "C3'" . A   A 1 9  ? -6.113  -8.767  4.093   1.000 12.916  0 9   A   A "C3'" 1 ? 
ATOM   178 O  "O3'" . A   A 1 9  ? -6.339  -10.154 4.320   1.000 12.045  0 9   A   A "O3'" 1 ? 
ATOM   179 C  "C2'" . A   A 1 9  ? -6.736  -8.272  2.795   1.000 12.119  0 9   A   A "C2'" 1 ? 
ATOM   180 O  "O2'" . A   A 1 9  ? -8.008  -8.835  2.586   1.000 11.847  0 9   A   A "O2'" 1 ? 
ATOM   181 C  "C1'" . A   A 1 9  ? -6.878  -6.784  3.123   1.000 11.696  0 9   A   A "C1'" 1 ? 
ATOM   182 N  N9    . A   A 1 9  ? -5.728  -5.982  2.728   1.000 11.072  0 9   A   A N9    1 ? 
ATOM   183 C  C8    . A   A 1 9  ? -4.732  -5.469  3.507   1.000 10.310  0 9   A   A C8    1 ? 
ATOM   184 N  N7    . A   A 1 9  ? -3.851  -4.772  2.827   1.000 10.466  0 9   A   A N7    1 ? 
ATOM   185 C  C5    . A   A 1 9  ? -4.311  -4.847  1.530   1.000 9.832   0 9   A   A C5    1 ? 
ATOM   186 C  C6    . A   A 1 9  ? -3.839  -4.280  0.345   1.000 10.060  0 9   A   A C6    1 ? 
ATOM   187 N  N6    . A   A 1 9  ? -2.730  -3.556  0.301   1.000 10.289  0 9   A   A N6    1 ? 
ATOM   188 N  N1    . A   A 1 9  ? -4.519  -4.545  -0.785  1.000 9.554   0 9   A   A N1    1 ? 
ATOM   189 C  C2    . A   A 1 9  ? -5.625  -5.292  -0.715  1.000 9.678   0 9   A   A C2    1 ? 
ATOM   190 N  N3    . A   A 1 9  ? -6.193  -5.847  0.352   1.000 9.628   0 9   A   A N3    1 ? 
ATOM   191 C  C4    . A   A 1 9  ? -5.467  -5.575  1.450   1.000 9.874   0 9   A   A C4    1 ? 
ATOM   192 P  P     . A   A 1 10 ? -5.141  -11.149 3.959   1.000 11.319  0 10  A   A P     1 ? 
ATOM   193 O  OP1   . A   A 1 10 ? -5.517  -12.472 4.536   1.000 11.719  0 10  A   A OP1   1 ? 
ATOM   194 O  OP2   . A   A 1 10 ? -3.788  -10.601 4.368   1.000 11.604  0 10  A   A OP2   1 ? 
ATOM   195 O  "O5'" . A   A 1 10 ? -5.073  -11.195 2.332   1.000 9.372   0 10  A   A "O5'" 1 ? 
ATOM   196 C  "C5'" . A   A 1 10 ? -6.154  -11.890 1.682   1.000 9.744   0 10  A   A "C5'" 1 ? 
ATOM   197 C  "C4'" . A   A 1 10 ? -6.110  -11.608 0.214   1.000 9.571   0 10  A   A "C4'" 1 ? 
ATOM   198 O  "O4'" . A   A 1 10 ? -6.274  -10.187 -0.014  1.000 8.857   0 10  A   A "O4'" 1 ? 
ATOM   199 C  "C3'" . A   A 1 10 ? -4.801  -11.945 -0.484  1.000 10.541  0 10  A   A "C3'" 1 ? 
ATOM   200 O  "O3'" . A   A 1 10 ? -4.790  -13.344 -0.708  1.000 11.302  0 10  A   A "O3'" 1 ? 
ATOM   201 C  "C2'" . A   A 1 10 ? -5.014  -11.133 -1.746  1.000 9.661   0 10  A   A "C2'" 1 ? 
ATOM   202 O  "O2'" . A   A 1 10 ? -6.000  -11.745 -2.542  1.000 11.382  0 10  A   A "O2'" 1 ? 
ATOM   203 C  "C1'" . A   A 1 10 ? -5.507  -9.838  -1.129  1.000 9.397   0 10  A   A "C1'" 1 ? 
ATOM   204 N  N9    . A   A 1 10 ? -4.419  -8.988  -0.686  1.000 8.469   0 10  A   A N9    1 ? 
ATOM   205 C  C8    . A   A 1 10 ? -3.845  -8.871  0.554   1.000 8.576   0 10  A   A C8    1 ? 
ATOM   206 N  N7    . A   A 1 10 ? -2.875  -7.990  0.584   1.000 8.418   0 10  A   A N7    1 ? 
ATOM   207 C  C5    . A   A 1 10 ? -2.775  -7.544  -0.722  1.000 8.379   0 10  A   A C5    1 ? 
ATOM   208 C  C6    . A   A 1 10 ? -1.907  -6.640  -1.351  1.000 8.633   0 10  A   A C6    1 ? 
ATOM   209 N  N6    . A   A 1 10 ? -0.981  -5.932  -0.728  1.000 9.111   0 10  A   A N6    1 ? 
ATOM   210 N  N1    . A   A 1 10 ? -2.107  -6.406  -2.662  1.000 9.828   0 10  A   A N1    1 ? 
ATOM   211 C  C2    . A   A 1 10 ? -3.068  -7.090  -3.305  1.000 8.975   0 10  A   A C2    1 ? 
ATOM   212 N  N3    . A   A 1 10 ? -3.921  -7.997  -2.839  1.000 8.408   0 10  A   A N3    1 ? 
ATOM   213 C  C4    . A   A 1 10 ? -3.717  -8.172  -1.520  1.000 8.493   0 10  A   A C4    1 ? 
ATOM   214 P  P     . G   A 1 11 ? -3.374  -14.062 -0.918  1.000 13.896  0 11  G   A P     1 ? 
ATOM   215 O  OP1   . G   A 1 11 ? -3.649  -15.497 -1.064  1.000 14.283  0 11  G   A OP1   1 ? 
ATOM   216 O  OP2   . G   A 1 11 ? -2.397  -13.666 0.171   1.000 12.465  0 11  G   A OP2   1 ? 
ATOM   217 O  "O5'" . G   A 1 11 ? -2.771  -13.524 -2.265  1.000 12.889  0 11  G   A "O5'" 1 ? 
ATOM   218 C  "C5'" . G   A 1 11 ? -3.485  -13.836 -3.456  1.000 13.694  0 11  G   A "C5'" 1 ? 
ATOM   219 C  "C4'" . G   A 1 11 ? -2.930  -13.020 -4.585  1.000 15.097  0 11  G   A "C4'" 1 ? 
ATOM   220 O  "O4'" . G   A 1 11 ? -3.123  -11.611 -4.325  1.000 14.387  0 11  G   A "O4'" 1 ? 
ATOM   221 C  "C3'" . G   A 1 11 ? -1.429  -13.154 -4.850  1.000 15.575  0 11  G   A "C3'" 1 ? 
ATOM   222 O  "O3'" . G   A 1 11 ? -1.214  -14.250 -5.729  1.000 18.986  0 11  G   A "O3'" 1 ? 
ATOM   223 C  "C2'" . G   A 1 11 ? -1.167  -11.873 -5.625  1.000 14.714  0 11  G   A "C2'" 1 ? 
ATOM   224 O  "O2'" . G   A 1 11 ? -1.595  -12.007 -6.961  1.000 14.483  0 11  G   A "O2'" 1 ? 
ATOM   225 C  "C1'" . G   A 1 11 ? -2.014  -10.899 -4.816  1.000 13.951  0 11  G   A "C1'" 1 ? 
ATOM   226 N  N9    . G   A 1 11 ? -1.273  -10.317 -3.705  1.000 12.670  0 11  G   A N9    1 ? 
ATOM   227 C  C8    . G   A 1 11 ? -1.298  -10.601 -2.364  1.000 12.367  0 11  G   A C8    1 ? 
ATOM   228 N  N7    . G   A 1 11 ? -0.464  -9.864  -1.670  1.000 12.441  0 11  G   A N7    1 ? 
ATOM   229 C  C5    . G   A 1 11 ? 0.129   -9.037  -2.614  1.000 11.989  0 11  G   A C5    1 ? 
ATOM   230 C  C6    . G   A 1 11 ? 1.092   -8.010  -2.465  1.000 11.785  0 11  G   A C6    1 ? 
ATOM   231 O  O6    . G   A 1 11 ? 1.631   -7.617  -1.431  1.000 11.757  0 11  G   A O6    1 ? 
ATOM   232 N  N1    . G   A 1 11 ? 1.437   -7.444  -3.689  1.000 12.308  0 11  G   A N1    1 ? 
ATOM   233 C  C2    . G   A 1 11 ? 0.898   -7.792  -4.900  1.000 12.299  0 11  G   A C2    1 ? 
ATOM   234 N  N2    . G   A 1 11 ? 1.378   -7.147  -5.970  1.000 12.337  0 11  G   A N2    1 ? 
ATOM   235 N  N3    . G   A 1 11 ? -0.033  -8.742  -5.045  1.000 11.831  0 11  G   A N3    1 ? 
ATOM   236 C  C4    . G   A 1 11 ? -0.359  -9.309  -3.864  1.000 11.968  0 11  G   A C4    1 ? 
ATOM   237 P  P     . U   A 1 12 ? 0.215   -14.964 -5.526  1.000 17.112  0 12  U   A P     1 ? 
ATOM   238 O  OP1   . U   A 1 12 ? 0.237   -16.344 -6.236  1.000 21.535  0 12  U   A OP1   1 ? 
ATOM   239 O  OP2   . U   A 1 12 ? 0.741   -14.999 -4.115  1.000 16.596  0 12  U   A OP2   1 ? 
ATOM   240 O  "O5'" . U   A 1 12 ? 1.259   -14.037 -6.325  1.000 16.236  0 12  U   A "O5'" 1 ? 
ATOM   241 C  "C5'" . U   A 1 12 ? 1.042   -13.795 -7.733  1.000 16.102  0 12  U   A "C5'" 1 ? 
ATOM   242 C  "C4'" . U   A 1 12 ? 2.030   -12.759 -8.212  1.000 16.896  0 12  U   A "C4'" 1 ? 
ATOM   243 O  "O4'" . U   A 1 12 ? 1.750   -11.456 -7.636  1.000 15.422  0 12  U   A "O4'" 1 ? 
ATOM   244 C  "C3'" . U   A 1 12 ? 3.486   -13.016 -7.824  1.000 16.613  0 12  U   A "C3'" 1 ? 
ATOM   245 O  "O3'" . U   A 1 12 ? 4.039   -13.959 -8.735  1.000 18.161  0 12  U   A "O3'" 1 ? 
ATOM   246 C  "C2'" . U   A 1 12 ? 4.080   -11.623 -7.988  1.000 15.174  0 12  U   A "C2'" 1 ? 
ATOM   247 O  "O2'" . U   A 1 12 ? 4.149   -11.261 -9.342  1.000 15.688  0 12  U   A "O2'" 1 ? 
ATOM   248 C  "C1'" . U   A 1 12 ? 2.971   -10.782 -7.372  1.000 14.885  0 12  U   A "C1'" 1 ? 
ATOM   249 N  N1    . U   A 1 12 ? 3.145   -10.592 -5.912  1.000 13.193  0 12  U   A N1    1 ? 
ATOM   250 C  C2    . U   A 1 12 ? 4.029   -9.596  -5.529  1.000 13.262  0 12  U   A C2    1 ? 
ATOM   251 O  O2    . U   A 1 12 ? 4.601   -8.907  -6.360  1.000 12.873  0 12  U   A O2    1 ? 
ATOM   252 N  N3    . U   A 1 12 ? 4.147   -9.389  -4.165  1.000 12.261  0 12  U   A N3    1 ? 
ATOM   253 C  C4    . U   A 1 12 ? 3.493   -10.096 -3.184  1.000 11.896  0 12  U   A C4    1 ? 
ATOM   254 O  O4    . U   A 1 12 ? 3.691   -9.833  -2.004  1.000 12.645  0 12  U   A O4    1 ? 
ATOM   255 C  C5    . U   A 1 12 ? 2.628   -11.138 -3.663  1.000 12.609  0 12  U   A C5    1 ? 
ATOM   256 C  C6    . U   A 1 12 ? 2.506   -11.362 -4.979  1.000 12.632  0 12  U   A C6    1 ? 
ATOM   257 P  P     . C   A 1 13 ? 5.231   -14.812 -8.100  1.000 19.760  0 13  C   A P     1 ? 
ATOM   258 O  OP1   . C   A 1 13 ? 5.590   -15.774 -9.219  1.000 21.351  0 13  C   A OP1   1 ? 
ATOM   259 O  OP2   . C   A 1 13 ? 5.081   -15.376 -6.721  1.000 19.601  0 13  C   A OP2   1 ? 
ATOM   260 O  "O5'" . C   A 1 13 ? 6.549   -13.894 -7.898  1.000 16.862  0 13  C   A "O5'" 1 ? 
ATOM   261 C  "C5'" . C   A 1 13 ? 7.079   -13.189 -9.031  1.000 14.992  0 13  C   A "C5'" 1 ? 
ATOM   262 C  "C4'" . C   A 1 13 ? 7.969   -12.076 -8.539  1.000 15.645  0 13  C   A "C4'" 1 ? 
ATOM   263 O  "O4'" . C   A 1 13 ? 7.201   -11.059 -7.838  1.000 14.881  0 13  C   A "O4'" 1 ? 
ATOM   264 C  "C3'" . C   A 1 13 ? 9.048   -12.455 -7.526  1.000 15.317  0 13  C   A "C3'" 1 ? 
ATOM   265 O  "O3'" . C   A 1 13 ? 10.158  -13.060 -8.185  1.000 18.648  0 13  C   A "O3'" 1 ? 
ATOM   266 C  "C2'" . C   A 1 13 ? 9.410   -11.070 -6.995  1.000 14.384  0 13  C   A "C2'" 1 ? 
ATOM   267 O  "O2'" . C   A 1 13 ? 10.141  -10.301 -7.925  1.000 13.763  0 13  C   A "O2'" 1 ? 
ATOM   268 C  "C1'" . C   A 1 13 ? 8.004   -10.501 -6.821  1.000 13.562  0 13  C   A "C1'" 1 ? 
ATOM   269 N  N1    . C   A 1 13 ? 7.467   -10.852 -5.478  1.000 12.686  0 13  C   A N1    1 ? 
ATOM   270 C  C2    . C   A 1 13 ? 7.932   -10.080 -4.413  1.000 11.823  0 13  C   A C2    1 ? 
ATOM   271 O  O2    . C   A 1 13 ? 8.721   -9.162  -4.667  1.000 12.715  0 13  C   A O2    1 ? 
ATOM   272 N  N3    . C   A 1 13 ? 7.522   -10.356 -3.154  1.000 11.271  0 13  C   A N3    1 ? 
ATOM   273 C  C4    . C   A 1 13 ? 6.645   -11.344 -2.952  1.000 11.997  0 13  C   A C4    1 ? 
ATOM   274 N  N4    . C   A 1 13 ? 6.284   -11.588 -1.703  1.000 12.426  0 13  C   A N4    1 ? 
ATOM   275 C  C5    . C   A 1 13 ? 6.165   -12.153 -4.023  1.000 12.134  0 13  C   A C5    1 ? 
ATOM   276 C  C6    . C   A 1 13 ? 6.597   -11.876 -5.261  1.000 12.659  0 13  C   A C6    1 ? 
HETATM 277 P  P     . G46 A 1 14 ? 11.077  -14.125 -7.359  1.000 21.576  0 14  G46 A P     1 ? 
HETATM 278 O  O1P   . G46 A 1 14 ? 12.025  -14.416 -8.488  1.000 22.056  0 14  G46 A O1P   1 ? 
HETATM 279 S  S2P   . G46 A 1 14 ? 10.039  -15.382 -6.565  1.000 23.233  0 14  G46 A S2P   1 ? 
HETATM 280 O  "O5'" . G46 A 1 14 ? 11.800  -13.350 -6.181  1.000 17.288  0 14  G46 A "O5'" 1 ? 
HETATM 281 C  "C5'" . G46 A 1 14 ? 12.731  -12.334 -6.583  1.000 16.296  0 14  G46 A "C5'" 1 ? 
HETATM 282 C  "C4'" . G46 A 1 14 ? 13.166  -11.467 -5.384  1.000 16.287  0 14  G46 A "C4'" 1 ? 
HETATM 283 O  "O4'" . G46 A 1 14 ? 12.041  -10.865 -4.775  1.000 13.696  0 14  G46 A "O4'" 1 ? 
HETATM 284 C  "C3'" . G46 A 1 14 ? 13.664  -12.324 -4.235  1.000 16.474  0 14  G46 A "C3'" 1 ? 
HETATM 285 O  "O3'" . G46 A 1 14 ? 15.000  -12.767 -4.453  1.000 20.085  0 14  G46 A "O3'" 1 ? 
HETATM 286 C  "C2'" . G46 A 1 14 ? 13.641  -11.366 -3.075  1.000 15.215  0 14  G46 A "C2'" 1 ? 
HETATM 287 C  "C1'" . G46 A 1 14 ? 12.334  -10.658 -3.351  1.000 13.558  0 14  G46 A "C1'" 1 ? 
HETATM 288 O  "O2'" . G46 A 1 14 ? 14.726  -10.488 -3.215  1.000 15.614  0 14  G46 A "O2'" 1 ? 
HETATM 289 N  N9    . G46 A 1 14 ? 11.267  -11.295 -2.625  1.000 11.710  0 14  G46 A N9    1 ? 
HETATM 290 C  C8    . G46 A 1 14 ? 10.366  -12.184 -2.980  1.000 11.363  0 14  G46 A C8    1 ? 
HETATM 291 N  N7    . G46 A 1 14 ? 9.616   -12.421 -1.908  1.000 11.930  0 14  G46 A N7    1 ? 
HETATM 292 C  C5    . G46 A 1 14 ? 10.035  -11.691 -0.877  1.000 10.813  0 14  G46 A C5    1 ? 
HETATM 293 C  C6    . G46 A 1 14 ? 9.679   -11.548 0.432   1.000 10.920  0 14  G46 A C6    1 ? 
HETATM 294 O  O6    . G46 A 1 14 ? 8.754   -12.148 0.985   1.000 10.876  0 14  G46 A O6    1 ? 
HETATM 295 N  N1    . G46 A 1 14 ? 10.391  -10.663 1.216   1.000 10.074  0 14  G46 A N1    1 ? 
HETATM 296 C  C2    . G46 A 1 14 ? 11.440  -9.977  0.672   1.000 10.392  0 14  G46 A C2    1 ? 
HETATM 297 N  N2    . G46 A 1 14 ? 12.157  -9.133  1.420   1.000 10.802  0 14  G46 A N2    1 ? 
HETATM 298 N  N3    . G46 A 1 14 ? 11.782  -10.130 -0.597  1.000 10.835  0 14  G46 A N3    1 ? 
HETATM 299 C  C4    . G46 A 1 14 ? 11.083  -11.007 -1.353  1.000 11.241  0 14  G46 A C4    1 ? 
HETATM 300 P  P     . G46 A 1 15 ? 15.596  -14.079 -3.612  1.000 26.507  0 15  G46 A P     1 ? 
HETATM 301 O  O1P   . G46 A 1 15 ? 16.926  -14.166 -4.316  1.000 26.324  0 15  G46 A O1P   1 ? 
HETATM 302 S  S2P   . G46 A 1 15 ? 14.464  -15.491 -3.779  1.000 25.890  0 15  G46 A S2P   1 ? 
HETATM 303 O  "O5'" . G46 A 1 15 ? 15.487  -13.874 -2.005  1.000 25.841  0 15  G46 A "O5'" 1 ? 
HETATM 304 C  "C5'" . G46 A 1 15 ? 16.556  -13.392 -1.303  1.000 25.552  0 15  G46 A "C5'" 1 ? 
HETATM 305 C  "C4'" . G46 A 1 15 ? 16.060  -12.689 -0.061  1.000 25.951  0 15  G46 A "C4'" 1 ? 
HETATM 306 O  "O4'" . G46 A 1 15 ? 14.616  -12.524 -0.028  1.000 23.541  0 15  G46 A "O4'" 1 ? 
HETATM 307 C  "C3'" . G46 A 1 15 ? 16.376  -13.495 1.199   1.000 24.446  0 15  G46 A "C3'" 1 ? 
HETATM 308 O  "O3'" . G46 A 1 15 ? 17.777  -13.401 1.508   1.000 29.101  0 15  G46 A "O3'" 1 ? 
HETATM 309 C  "C2'" . G46 A 1 15 ? 15.694  -12.631 2.152   1.000 23.585  0 15  G46 A "C2'" 1 ? 
HETATM 310 C  "C1'" . G46 A 1 15 ? 14.387  -12.218 1.342   1.000 20.029  0 15  G46 A "C1'" 1 ? 
HETATM 311 O  "O2'" . G46 A 1 15 ? 16.617  -11.479 2.354   1.000 23.251  0 15  G46 A "O2'" 1 ? 
HETATM 312 N  N9    . G46 A 1 15 ? 13.125  -12.932 1.576   1.000 15.319  0 15  G46 A N9    1 ? 
HETATM 313 C  C8    . G46 A 1 15 ? 12.402  -13.676 0.746   1.000 14.108  0 15  G46 A C8    1 ? 
HETATM 314 N  N7    . G46 A 1 15 ? 11.324  -14.096 1.383   1.000 13.101  0 15  G46 A N7    1 ? 
HETATM 315 C  C5    . G46 A 1 15 ? 11.349  -13.610 2.609   1.000 13.066  0 15  G46 A C5    1 ? 
HETATM 316 C  C6    . G46 A 1 15 ? 10.509  -13.707 3.651   1.000 13.627  0 15  G46 A C6    1 ? 
HETATM 317 O  O6    . G46 A 1 15 ? 9.444   -14.343 3.720   1.000 14.937  0 15  G46 A O6    1 ? 
HETATM 318 N  N1    . G46 A 1 15 ? 10.919  -13.082 4.821   1.000 14.097  0 15  G46 A N1    1 ? 
HETATM 319 C  C2    . G46 A 1 15 ? 12.091  -12.320 4.886   1.000 13.170  0 15  G46 A C2    1 ? 
HETATM 320 N  N2    . G46 A 1 15 ? 12.389  -11.729 6.069   1.000 13.619  0 15  G46 A N2    1 ? 
HETATM 321 N  N3    . G46 A 1 15 ? 12.880  -12.208 3.797   1.000 11.998  0 15  G46 A N3    1 ? 
HETATM 322 C  C4    . G46 A 1 15 ? 12.488  -12.859 2.703   1.000 13.325  0 15  G46 A C4    1 ? 
HETATM 323 O  "O5'" . LCC B 1 1  ? 3.063   -16.981 12.917  1.000 22.793  0 1   LCC B "O5'" 1 ? 
HETATM 324 C  "C5'" . LCC B 1 1  ? 3.662   -16.526 14.139  1.000 22.163  0 1   LCC B "C5'" 1 ? 
HETATM 325 C  "C4'" . LCC B 1 1  ? 5.083   -16.150 13.697  1.000 21.128  0 1   LCC B "C4'" 1 ? 
HETATM 326 O  "O4'" . LCC B 1 1  ? 5.887   -17.189 13.037  1.000 20.977  0 1   LCC B "O4'" 1 ? 
HETATM 327 C  "C1'" . LCC B 1 1  ? 6.981   -16.483 12.348  1.000 19.510  0 1   LCC B "C1'" 1 ? 
HETATM 328 N  N1    . LCC B 1 1  ? 6.800   -16.806 10.954  1.000 18.417  0 1   LCC B N1    1 ? 
HETATM 329 C  C6    . LCC B 1 1  ? 5.605   -17.422 10.588  1.000 19.816  0 1   LCC B C6    1 ? 
HETATM 330 C  C5    . LCC B 1 1  ? 5.457   -17.793 9.274   1.000 20.653  0 1   LCC B C5    1 ? 
HETATM 331 C  C5M   . LCC B 1 1  ? 4.230   -18.378 8.909   1.000 23.959  0 1   LCC B C5M   1 ? 
HETATM 332 C  C4    . LCC B 1 1  ? 6.520   -17.533 8.400   1.000 19.706  0 1   LCC B C4    1 ? 
HETATM 333 N  N4    . LCC B 1 1  ? 6.340   -17.863 7.133   1.000 21.472  0 1   LCC B N4    1 ? 
HETATM 334 N  N3    . LCC B 1 1  ? 7.659   -16.950 8.789   1.000 17.986  0 1   LCC B N3    1 ? 
HETATM 335 C  C2    . LCC B 1 1  ? 7.773   -16.612 10.066  1.000 17.304  0 1   LCC B C2    1 ? 
HETATM 336 O  O2    . LCC B 1 1  ? 8.790   -16.060 10.445  1.000 16.650  0 1   LCC B O2    1 ? 
HETATM 337 C  "C3'" . LCC B 1 1  ? 5.185   -15.073 12.688  1.000 21.203  0 1   LCC B "C3'" 1 ? 
HETATM 338 C  "C2'" . LCC B 1 1  ? 6.712   -15.095 12.707  1.000 20.336  0 1   LCC B "C2'" 1 ? 
HETATM 339 O  "O2'" . LCC B 1 1  ? 7.007   -14.972 14.077  1.000 20.307  0 1   LCC B "O2'" 1 ? 
HETATM 340 O  "O3'" . LCC B 1 1  ? 4.617   -13.865 13.226  1.000 23.406  0 1   LCC B "O3'" 1 ? 
HETATM 341 C  "C6'" . LCC B 1 1  ? 5.814   -15.537 14.843  1.000 20.491  0 1   LCC B "C6'" 1 ? 
HETATM 342 O  "O5'" . LCC B 1 2  ? 5.769   -11.916 11.977  1.000 18.665  0 2   LCC B "O5'" 1 ? 
HETATM 343 C  "C5'" . LCC B 1 2  ? 6.665   -11.406 12.980  1.000 17.196  0 2   LCC B "C5'" 1 ? 
HETATM 344 C  "C4'" . LCC B 1 2  ? 7.976   -11.236 12.214  1.000 15.827  0 2   LCC B "C4'" 1 ? 
HETATM 345 O  "O4'" . LCC B 1 2  ? 8.431   -12.425 11.595  1.000 15.867  0 2   LCC B "O4'" 1 ? 
HETATM 346 C  "C1'" . LCC B 1 2  ? 9.306   -12.081 10.515  1.000 13.866  0 2   LCC B "C1'" 1 ? 
HETATM 347 N  N1    . LCC B 1 2  ? 8.734   -12.657 9.286   1.000 13.250  0 2   LCC B N1    1 ? 
HETATM 348 C  C6    . LCC B 1 2  ? 7.419   -13.183 9.207   1.000 12.748  0 2   LCC B C6    1 ? 
HETATM 349 C  C5    . LCC B 1 2  ? 7.026   -13.714 7.985   1.000 13.159  0 2   LCC B C5    1 ? 
HETATM 350 C  C5M   . LCC B 1 2  ? 5.736   -14.201 7.826   1.000 15.010  0 2   LCC B C5M   1 ? 
HETATM 351 C  C4    . LCC B 1 2  ? 7.885   -13.737 6.948   1.000 13.514  0 2   LCC B C4    1 ? 
HETATM 352 N  N4    . LCC B 1 2  ? 7.498   -14.231 5.778   1.000 14.007  0 2   LCC B N4    1 ? 
HETATM 353 N  N3    . LCC B 1 2  ? 9.114   -13.242 7.059   1.000 13.878  0 2   LCC B N3    1 ? 
HETATM 354 C  C2    . LCC B 1 2  ? 9.512   -12.712 8.213   1.000 12.687  0 2   LCC B C2    1 ? 
HETATM 355 O  O2    . LCC B 1 2  ? 10.669  -12.287 8.242   1.000 13.010  0 2   LCC B O2    1 ? 
HETATM 356 C  "C3'" . LCC B 1 2  ? 7.896   -10.355 10.959  1.000 15.973  0 2   LCC B "C3'" 1 ? 
HETATM 357 C  "C2'" . LCC B 1 2  ? 9.356   -10.579 10.637  1.000 14.607  0 2   LCC B "C2'" 1 ? 
HETATM 358 O  "O2'" . LCC B 1 2  ? 10.033  -10.259 11.854  1.000 14.535  0 2   LCC B "O2'" 1 ? 
HETATM 359 O  "O3'" . LCC B 1 2  ? 7.549   -8.986  11.282  1.000 17.357  0 2   LCC B "O3'" 1 ? 
HETATM 360 C  "C6'" . LCC B 1 2  ? 9.149   -10.557 13.061  1.000 14.647  0 2   LCC B "C6'" 1 ? 
HETATM 361 P  P     . LCC B 1 2  ? 4.327   -12.444 12.469  1.000 20.306  0 2   LCC B P     1 ? 
HETATM 362 O  O1P   . LCC B 1 2  ? 3.579   -12.794 11.266  1.000 19.466  0 2   LCC B O1P   1 ? 
HETATM 363 O  O2P   . LCC B 1 2  ? 3.803   -11.584 13.562  1.000 21.151  0 2   LCC B O2P   1 ? 
HETATM 364 O  "O5'" . LCC B 1 3  ? 8.013   -7.688  9.266   1.000 11.795  0 3   LCC B "O5'" 1 ? 
HETATM 365 C  "C5'" . LCC B 1 3  ? 9.207   -7.060  9.826   1.000 10.887  0 3   LCC B "C5'" 1 ? 
HETATM 366 C  "C4'" . LCC B 1 3  ? 10.201  -7.052  8.660   1.000 10.029  0 3   LCC B "C4'" 1 ? 
HETATM 367 O  "O4'" . LCC B 1 3  ? 10.436  -8.453  8.226   1.000 9.536   0 3   LCC B "O4'" 1 ? 
HETATM 368 C  "C1'" . LCC B 1 3  ? 11.012  -8.288  6.915   1.000 9.754   0 3   LCC B "C1'" 1 ? 
HETATM 369 N  N1    . LCC B 1 3  ? 10.047  -9.021  6.032   1.000 9.119   0 3   LCC B N1    1 ? 
HETATM 370 C  C6    . LCC B 1 3  ? 8.806   -9.476  6.528   1.000 9.535   0 3   LCC B C6    1 ? 
HETATM 371 C  C5    . LCC B 1 3  ? 7.978   -10.197 5.685   1.000 9.646   0 3   LCC B C5    1 ? 
HETATM 372 C  C5M   . LCC B 1 3  ? 6.704   -10.600 6.110   1.000 10.336  0 3   LCC B C5M   1 ? 
HETATM 373 C  C4    . LCC B 1 3  ? 8.448   -10.475 4.406   1.000 10.215  0 3   LCC B C4    1 ? 
HETATM 374 N  N4    . LCC B 1 3  ? 7.685   -11.218 3.577   1.000 11.672  0 3   LCC B N4    1 ? 
HETATM 375 N  N3    . LCC B 1 3  ? 9.626   -10.061 3.963   1.000 9.887   0 3   LCC B N3    1 ? 
HETATM 376 C  C2    . LCC B 1 3  ? 10.439  -9.350  4.795   1.000 9.544   0 3   LCC B C2    1 ? 
HETATM 377 O  O2    . LCC B 1 3  ? 11.532  -8.975  4.343   1.000 10.010  0 3   LCC B O2    1 ? 
HETATM 378 C  "C3'" . LCC B 1 3  ? 9.776   -6.444  7.398   1.000 9.799   0 3   LCC B "C3'" 1 ? 
HETATM 379 C  "C2'" . LCC B 1 3  ? 11.108  -6.799  6.734   1.000 9.827   0 3   LCC B "C2'" 1 ? 
HETATM 380 O  "O2'" . LCC B 1 3  ? 12.098  -6.227  7.647   1.000 10.371  0 3   LCC B "O2'" 1 ? 
HETATM 381 O  "O3'" . LCC B 1 3  ? 9.599   -5.035  7.578   1.000 10.657  0 3   LCC B "O3'" 1 ? 
HETATM 382 C  "C6'" . LCC B 1 3  ? 11.486  -6.407  9.019   1.000 9.911   0 3   LCC B "C6'" 1 ? 
HETATM 383 P  P     . LCC B 1 3  ? 6.836   -7.970  10.247  1.000 15.210  0 3   LCC B P     1 ? 
HETATM 384 O  O1P   . LCC B 1 3  ? 5.846   -8.657  9.375   1.000 14.477  0 3   LCC B O1P   1 ? 
HETATM 385 O  O2P   . LCC B 1 3  ? 6.476   -6.802  11.071  1.000 14.659  0 3   LCC B O2P   1 ? 
HETATM 386 P  P     . LCG B 1 4  ? 8.623   -4.097  6.757   1.000 8.869   0 4   LCG B P     1 ? 
HETATM 387 O  OP1   . LCG B 1 4  ? 8.753   -2.754  7.387   1.000 8.787   0 4   LCG B OP1   1 ? 
HETATM 388 O  "O5'" . LCG B 1 4  ? 9.235   -4.169  5.297   1.000 7.726   0 4   LCG B "O5'" 1 ? 
HETATM 389 C  "C5'" . LCG B 1 4  ? 10.457  -3.459  5.071   1.000 7.487   0 4   LCG B "C5'" 1 ? 
HETATM 390 C  "C3'" . LCG B 1 4  ? 9.884   -3.438  2.598   1.000 7.909   0 4   LCG B "C3'" 1 ? 
HETATM 391 C  "C6'" . LCG B 1 4  ? 12.220  -3.175  3.180   1.000 7.576   0 4   LCG B "C6'" 1 ? 
HETATM 392 N  N9    . LCG B 1 4  ? 9.668   -6.350  1.956   1.000 7.136   0 4   LCG B N9    1 ? 
HETATM 393 C  C8    . LCG B 1 4  ? 8.825   -6.769  2.907   1.000 7.285   0 4   LCG B C8    1 ? 
HETATM 394 C  C4    . LCG B 1 4  ? 9.412   -7.024  0.840   1.000 6.880   0 4   LCG B C4    1 ? 
HETATM 395 N  N7    . LCG B 1 4  ? 7.958   -7.644  2.377   1.000 6.952   0 4   LCG B N7    1 ? 
HETATM 396 C  C5    . LCG B 1 4  ? 8.351   -7.845  1.109   1.000 7.027   0 4   LCG B C5    1 ? 
HETATM 397 C  C6    . LCG B 1 4  ? 7.892   -8.647  0.142   1.000 7.331   0 4   LCG B C6    1 ? 
HETATM 398 C  "C2'" . LCG B 1 4  ? 10.720  -4.001  1.501   1.000 7.580   0 4   LCG B "C2'" 1 ? 
HETATM 399 O  O6    . LCG B 1 4  ? 6.937   -9.408  0.257   1.000 8.280   0 4   LCG B O6    1 ? 
HETATM 400 C  "C4'" . LCG B 1 4  ? 10.895  -3.831  3.646   1.000 7.477   0 4   LCG B "C4'" 1 ? 
HETATM 401 C  "C1'" . LCG B 1 4  ? 10.831  -5.430  2.021   1.000 7.415   0 4   LCG B "C1'" 1 ? 
HETATM 402 C  C2    . LCG B 1 4  ? 9.530   -7.747  -1.344  1.000 6.883   0 4   LCG B C2    1 ? 
HETATM 403 N  N1    . LCG B 1 4  ? 8.457   -8.591  -1.075  1.000 6.911   0 4   LCG B N1    1 ? 
HETATM 404 O  "O4'" . LCG B 1 4  ? 10.990  -5.283  3.453   1.000 7.278   0 4   LCG B "O4'" 1 ? 
HETATM 405 O  OP2   . LCG B 1 4  ? 7.286   -4.755  6.646   1.000 7.796   0 4   LCG B OP2   1 ? 
HETATM 406 N  N2    . LCG B 1 4  ? 10.040  -7.787  -2.600  1.000 7.071   0 4   LCG B N2    1 ? 
HETATM 407 N  N3    . LCG B 1 4  ? 10.048  -6.966  -0.376  1.000 6.868   0 4   LCG B N3    1 ? 
HETATM 408 O  "O2'" . LCG B 1 4  ? 12.056  -3.364  1.661   1.000 7.878   0 4   LCG B "O2'" 1 ? 
HETATM 409 O  "O3'" . LCG B 1 4  ? 9.756   -1.994  2.563   1.000 8.461   0 4   LCG B "O3'" 1 ? 
ATOM   410 P  P     . A   B 1 5  ? 8.426   -1.324  2.061   1.000 9.002   0 5   A   B P     1 ? 
ATOM   411 O  OP1   . A   B 1 5  ? 8.624   0.086   2.491   1.000 9.929   0 5   A   B OP1   1 ? 
ATOM   412 O  OP2   . A   B 1 5  ? 7.136   -2.011  2.454   1.000 7.946   0 5   A   B OP2   1 ? 
ATOM   413 O  "O5'" . A   B 1 5  ? 8.538   -1.440  0.443   1.000 8.537   0 5   A   B "O5'" 1 ? 
ATOM   414 C  "C5'" . A   B 1 5  ? 9.661   -0.856  -0.253  1.000 8.335   0 5   A   B "C5'" 1 ? 
ATOM   415 C  "C4'" . A   B 1 5  ? 9.591   -1.328  -1.687  1.000 8.429   0 5   A   B "C4'" 1 ? 
ATOM   416 O  "O4'" . A   B 1 5  ? 9.830   -2.766  -1.726  1.000 8.701   0 5   A   B "O4'" 1 ? 
ATOM   417 C  "C3'" . A   B 1 5  ? 8.237   -1.156  -2.367  1.000 8.978   0 5   A   B "C3'" 1 ? 
ATOM   418 O  "O3'" . A   B 1 5  ? 8.066   0.190   -2.790  1.000 9.034   0 5   A   B "O3'" 1 ? 
ATOM   419 C  "C2'" . A   B 1 5  ? 8.398   -2.185  -3.490  1.000 8.796   0 5   A   B "C2'" 1 ? 
ATOM   420 O  "O2'" . A   B 1 5  ? 9.291   -1.665  -4.454  1.000 8.908   0 5   A   B "O2'" 1 ? 
ATOM   421 C  "C1'" . A   B 1 5  ? 9.008   -3.351  -2.704  1.000 8.825   0 5   A   B "C1'" 1 ? 
ATOM   422 N  N9    . A   B 1 5  ? 8.046   -4.216  -2.036  1.000 8.588   0 5   A   B N9    1 ? 
ATOM   423 C  C8    . A   B 1 5  ? 7.576   -4.152  -0.746  1.000 8.663   0 5   A   B C8    1 ? 
ATOM   424 N  N7    . A   B 1 5  ? 6.702   -5.091  -0.473  1.000 8.373   0 5   A   B N7    1 ? 
ATOM   425 C  C5    . A   B 1 5  ? 6.544   -5.758  -1.678  1.000 8.632   0 5   A   B C5    1 ? 
ATOM   426 C  C6    . A   B 1 5  ? 5.752   -6.852  -2.050  1.000 9.700   0 5   A   B C6    1 ? 
ATOM   427 N  N6    . A   B 1 5  ? 4.936   -7.476  -1.207  1.000 10.110  0 5   A   B N6    1 ? 
ATOM   428 N  N1    . A   B 1 5  ? 5.836   -7.291  -3.330  1.000 9.456   0 5   A   B N1    1 ? 
ATOM   429 C  C2    . A   B 1 5  ? 6.649   -6.645  -4.169  1.000 9.579   0 5   A   B C2    1 ? 
ATOM   430 N  N3    . A   B 1 5  ? 7.462   -5.622  -3.932  1.000 9.563   0 5   A   B N3    1 ? 
ATOM   431 C  C4    . A   B 1 5  ? 7.356   -5.221  -2.648  1.000 8.752   0 5   A   B C4    1 ? 
ATOM   432 P  P     . C   B 1 6  ? 6.539   0.706   -2.884  1.000 9.420   0 6   C   B P     1 ? 
ATOM   433 O  OP1   . C   B 1 6  ? 6.677   2.156   -3.156  1.000 8.473   0 6   C   B OP1   1 ? 
ATOM   434 O  OP2   . C   B 1 6  ? 5.714   0.287   -1.717  1.000 9.812   0 6   C   B OP2   1 ? 
ATOM   435 O  "O5'" . C   B 1 6  ? 5.881   -0.059  -4.114  1.000 9.105   0 6   C   B "O5'" 1 ? 
ATOM   436 C  "C5'" . C   B 1 6  ? 6.516   0.069   -5.393  1.000 10.070  0 6   C   B "C5'" 1 ? 
ATOM   437 C  "C4'" . C   B 1 6  ? 5.988   -1.011  -6.296  1.000 10.293  0 6   C   B "C4'" 1 ? 
ATOM   438 O  "O4'" . C   B 1 6  ? 6.270   -2.322  -5.743  1.000 10.268  0 6   C   B "O4'" 1 ? 
ATOM   439 C  "C3'" . C   B 1 6  ? 4.472   -1.016  -6.525  1.000 10.886  0 6   C   B "C3'" 1 ? 
ATOM   440 O  "O3'" . C   B 1 6  ? 4.132   -0.122  -7.567  1.000 12.431  0 6   C   B "O3'" 1 ? 
ATOM   441 C  "C2'" . C   B 1 6  ? 4.241   -2.454  -6.969  1.000 10.460  0 6   C   B "C2'" 1 ? 
ATOM   442 O  "O2'" . C   B 1 6  ? 4.682   -2.710  -8.272  1.000 10.313  0 6   C   B "O2'" 1 ? 
ATOM   443 C  "C1'" . C   B 1 6  ? 5.197   -3.192  -6.038  1.000 9.780   0 6   C   B "C1'" 1 ? 
ATOM   444 N  N1    . C   B 1 6  ? 4.559   -3.568  -4.760  1.000 9.281   0 6   C   B N1    1 ? 
ATOM   445 C  C2    . C   B 1 6  ? 3.802   -4.736  -4.765  1.000 9.815   0 6   C   B C2    1 ? 
ATOM   446 O  O2    . C   B 1 6  ? 3.653   -5.321  -5.847  1.000 9.369   0 6   C   B O2    1 ? 
ATOM   447 N  N3    . C   B 1 6  ? 3.247   -5.176  -3.606  1.000 9.501   0 6   C   B N3    1 ? 
ATOM   448 C  C4    . C   B 1 6  ? 3.423   -4.478  -2.477  1.000 9.990   0 6   C   B C4    1 ? 
ATOM   449 N  N4    . C   B 1 6  ? 2.889   -4.969  -1.354  1.000 9.368   0 6   C   B N4    1 ? 
ATOM   450 C  C5    . C   B 1 6  ? 4.195   -3.270  -2.461  1.000 9.658   0 6   C   B C5    1 ? 
ATOM   451 C  C6    . C   B 1 6  ? 4.721   -2.843  -3.618  1.000 9.472   0 6   C   B C6    1 ? 
ATOM   452 P  P     . U   B 1 7  ? 2.639   0.469   -7.558  1.000 11.323  0 7   U   B P     1 ? 
ATOM   453 O  OP1   . U   B 1 7  ? 2.601   1.514   -8.659  1.000 14.137  0 7   U   B OP1   1 ? 
ATOM   454 O  OP2   . U   B 1 7  ? 2.273   0.918   -6.193  1.000 10.398  0 7   U   B OP2   1 ? 
ATOM   455 O  "O5'" . U   B 1 7  ? 1.670   -0.748  -7.947  1.000 11.597  0 7   U   B "O5'" 1 ? 
ATOM   456 C  "C5'" . U   B 1 7  ? 1.779   -1.361  -9.234  1.000 11.887  0 7   U   B "C5'" 1 ? 
ATOM   457 C  "C4'" . U   B 1 7  ? 0.803   -2.498  -9.281  1.000 12.067  0 7   U   B "C4'" 1 ? 
ATOM   458 O  "O4'" . U   B 1 7  ? 1.200   -3.535  -8.350  1.000 12.250  0 7   U   B "O4'" 1 ? 
ATOM   459 C  "C3'" . U   B 1 7  ? -0.614  -2.130  -8.835  1.000 11.736  0 7   U   B "C3'" 1 ? 
ATOM   460 O  "O3'" . U   B 1 7  ? -1.312  -1.489  -9.884  1.000 11.881  0 7   U   B "O3'" 1 ? 
ATOM   461 C  "C2'" . U   B 1 7  ? -1.175  -3.512  -8.570  1.000 11.695  0 7   U   B "C2'" 1 ? 
ATOM   462 O  "O2'" . U   B 1 7  ? -1.386  -4.204  -9.793  1.000 11.740  0 7   U   B "O2'" 1 ? 
ATOM   463 C  "C1'" . U   B 1 7  ? 0.008   -4.103  -7.812  1.000 11.378  0 7   U   B "C1'" 1 ? 
ATOM   464 N  N1    . U   B 1 7  ? 0.010   -3.874  -6.356  1.000 10.489  0 7   U   B N1    1 ? 
ATOM   465 C  C2    . U   B 1 7  ? -0.723  -4.751  -5.584  1.000 10.014  0 7   U   B C2    1 ? 
ATOM   466 O  O2    . U   B 1 7  ? -1.453  -5.585  -6.079  1.000 9.888   0 7   U   B O2    1 ? 
ATOM   467 N  N3    . U   B 1 7  ? -0.602  -4.599  -4.223  1.000 10.042  0 7   U   B N3    1 ? 
ATOM   468 C  C4    . U   B 1 7  ? 0.207   -3.694  -3.574  1.000 9.887   0 7   U   B C4    1 ? 
ATOM   469 O  O4    . U   B 1 7  ? 0.233   -3.676  -2.346  1.000 9.727   0 7   U   B O4    1 ? 
ATOM   470 C  C5    . U   B 1 7  ? 0.925   -2.802  -4.437  1.000 10.342  0 7   U   B C5    1 ? 
ATOM   471 C  C6    . U   B 1 7  ? 0.815   -2.934  -5.774  1.000 10.649  0 7   U   B C6    1 ? 
ATOM   472 P  P     . U   B 1 8  ? -2.477  -0.484  -9.443  1.000 13.201  0 8   U   B P     1 ? 
ATOM   473 O  OP1   . U   B 1 8  ? -2.896  0.173   -10.736 1.000 13.085  0 8   U   B OP1   1 ? 
ATOM   474 O  OP2   . U   B 1 8  ? -2.120  0.462   -8.319  1.000 11.486  0 8   U   B OP2   1 ? 
ATOM   475 O  "O5'" . U   B 1 8  ? -3.650  -1.429  -8.888  1.000 12.701  0 8   U   B "O5'" 1 ? 
ATOM   476 C  "C5'" . U   B 1 8  ? -4.323  -2.359  -9.773  1.000 13.349  0 8   U   B "C5'" 1 ? 
ATOM   477 C  "C4'" . U   B 1 8  ? -5.149  -3.282  -8.914  1.000 13.234  0 8   U   B "C4'" 1 ? 
ATOM   478 O  "O4'" . U   B 1 8  ? -4.308  -4.040  -8.015  1.000 13.218  0 8   U   B "O4'" 1 ? 
ATOM   479 C  "C3'" . U   B 1 8  ? -6.116  -2.586  -7.957  1.000 13.686  0 8   U   B "C3'" 1 ? 
ATOM   480 O  "O3'" . U   B 1 8  ? -7.227  -2.137  -8.702  1.000 13.794  0 8   U   B "O3'" 1 ? 
ATOM   481 C  "C2'" . U   B 1 8  ? -6.413  -3.730  -7.000  1.000 13.505  0 8   U   B "C2'" 1 ? 
ATOM   482 O  "O2'" . U   B 1 8  ? -7.246  -4.717  -7.567  1.000 13.735  0 8   U   B "O2'" 1 ? 
ATOM   483 C  "C1'" . U   B 1 8  ? -5.007  -4.300  -6.821  1.000 12.991  0 8   U   B "C1'" 1 ? 
ATOM   484 N  N1    . U   B 1 8  ? -4.297  -3.686  -5.684  1.000 12.694  0 8   U   B N1    1 ? 
ATOM   485 C  C2    . U   B 1 8  ? -4.597  -4.190  -4.423  1.000 12.084  0 8   U   B C2    1 ? 
ATOM   486 O  O2    . U   B 1 8  ? -5.371  -5.119  -4.253  1.000 13.436  0 8   U   B O2    1 ? 
ATOM   487 N  N3    . U   B 1 8  ? -3.943  -3.598  -3.383  1.000 11.417  0 8   U   B N3    1 ? 
ATOM   488 C  C4    . U   B 1 8  ? -3.061  -2.540  -3.465  1.000 12.819  0 8   U   B C4    1 ? 
ATOM   489 O  O4    . U   B 1 8  ? -2.563  -2.088  -2.436  1.000 14.276  0 8   U   B O4    1 ? 
ATOM   490 C  C5    . U   B 1 8  ? -2.829  -2.046  -4.792  1.000 12.159  0 8   U   B C5    1 ? 
ATOM   491 C  C6    . U   B 1 8  ? -3.444  -2.625  -5.835  1.000 11.954  0 8   U   B C6    1 ? 
ATOM   492 P  P     . A   B 1 9  ? -8.022  -0.865  -8.153  1.000 14.777  0 9   A   B P     1 ? 
ATOM   493 O  OP1   . A   B 1 9  ? -9.003  -0.501  -9.231  1.000 15.355  0 9   A   B OP1   1 ? 
ATOM   494 O  OP2   . A   B 1 9  ? -7.111  0.266   -7.799  1.000 15.178  0 9   A   B OP2   1 ? 
ATOM   495 O  "O5'" . A   B 1 9  ? -8.719  -1.378  -6.810  1.000 13.983  0 9   A   B "O5'" 1 ? 
ATOM   496 C  "C5'" . A   B 1 9  ? -9.863  -2.236  -6.917  1.000 13.961  0 9   A   B "C5'" 1 ? 
ATOM   497 C  "C4'" . A   B 1 9  ? -10.336 -2.595  -5.533  1.000 13.825  0 9   A   B "C4'" 1 ? 
ATOM   498 O  "O4'" . A   B 1 9  ? -9.307  -3.348  -4.857  1.000 14.019  0 9   A   B "O4'" 1 ? 
ATOM   499 C  "C3'" . A   B 1 9  ? -10.608 -1.439  -4.571  1.000 14.625  0 9   A   B "C3'" 1 ? 
ATOM   500 O  "O3'" . A   B 1 9  ? -11.853 -0.848  -4.908  1.000 15.715  0 9   A   B "O3'" 1 ? 
ATOM   501 C  "C2'" . A   B 1 9  ? -10.598 -2.206  -3.260  1.000 13.441  0 9   A   B "C2'" 1 ? 
ATOM   502 O  "O2'" . A   B 1 9  ? -11.719 -3.038  -3.109  1.000 14.550  0 9   A   B "O2'" 1 ? 
ATOM   503 C  "C1'" . A   B 1 9  ? -9.384  -3.103  -3.470  1.000 13.566  0 9   A   B "C1'" 1 ? 
ATOM   504 N  N9    . A   B 1 9  ? -8.154  -2.471  -3.025  1.000 12.029  0 9   A   B N9    1 ? 
ATOM   505 C  C8    . A   B 1 9  ? -7.206  -1.821  -3.773  1.000 12.579  0 9   A   B C8    1 ? 
ATOM   506 N  N7    . A   B 1 9  ? -6.219  -1.353  -3.048  1.000 12.326  0 9   A   B N7    1 ? 
ATOM   507 C  C5    . A   B 1 9  ? -6.547  -1.703  -1.748  1.000 11.533  0 9   A   B C5    1 ? 
ATOM   508 C  C6    . A   B 1 9  ? -5.880  -1.529  -0.526  1.000 11.628  0 9   A   B C6    1 ? 
ATOM   509 N  N6    . A   B 1 9  ? -4.723  -0.892  -0.413  1.000 11.572  0 9   A   B N6    1 ? 
ATOM   510 N  N1    . A   B 1 9  ? -6.463  -2.025  0.585   1.000 11.228  0 9   A   B N1    1 ? 
ATOM   511 C  C2    . A   B 1 9  ? -7.638  -2.651  0.458   1.000 11.106  0 9   A   B C2    1 ? 
ATOM   512 N  N3    . A   B 1 9  ? -8.334  -2.919  -0.641  1.000 10.701  0 9   A   B N3    1 ? 
ATOM   513 C  C4    . A   B 1 9  ? -7.737  -2.394  -1.723  1.000 11.887  0 9   A   B C4    1 ? 
ATOM   514 P  P     . A   B 1 10 ? -11.978 0.730   -4.692  1.000 17.058  0 10  A   B P     1 ? 
ATOM   515 O  OP1   . A   B 1 10 ? -13.216 1.327   -5.353  1.000 18.920  0 10  A   B OP1   1 ? 
ATOM   516 O  OP2   . A   B 1 10 ? -10.729 1.522   -4.927  1.000 13.367  0 10  A   B OP2   1 ? 
ATOM   517 O  "O5'" . A   B 1 10 ? -12.131 0.812   -3.069  1.000 13.090  0 10  A   B "O5'" 1 ? 
ATOM   518 C  "C5'" . A   B 1 10 ? -13.269 0.227   -2.457  1.000 11.415  0 10  A   B "C5'" 1 ? 
ATOM   519 C  "C4'" . A   B 1 10 ? -13.016 0.214   -0.967  1.000 9.800   0 10  A   B "C4'" 1 ? 
ATOM   520 O  "O4'" . A   B 1 10 ? -11.847 -0.589  -0.691  1.000 9.259   0 10  A   B "O4'" 1 ? 
ATOM   521 C  "C3'" . A   B 1 10 ? -12.701 1.564   -0.318  1.000 9.359   0 10  A   B "C3'" 1 ? 
ATOM   522 O  "O3'" . A   B 1 10 ? -13.923 2.260   -0.079  1.000 8.461   0 10  A   B "O3'" 1 ? 
ATOM   523 C  "C2'" . A   B 1 10 ? -12.064 1.077   0.979   1.000 8.718   0 10  A   B "C2'" 1 ? 
ATOM   524 O  "O2'" . A   B 1 10 ? -13.023 0.581   1.895   1.000 8.811   0 10  A   B "O2'" 1 ? 
ATOM   525 C  "C1'" . A   B 1 10 ? -11.189 -0.061  0.445   1.000 8.616   0 10  A   B "C1'" 1 ? 
ATOM   526 N  N9    . A   B 1 10 ? -9.867  0.429   0.081   1.000 8.469   0 10  A   B N9    1 ? 
ATOM   527 C  C8    . A   B 1 10 ? -9.376  0.840   -1.126  1.000 8.652   0 10  A   B C8    1 ? 
ATOM   528 N  N7    . A   B 1 10 ? -8.136  1.278   -1.062  1.000 9.218   0 10  A   B N7    1 ? 
ATOM   529 C  C5    . A   B 1 10 ? -7.805  1.160   0.274   1.000 8.749   0 10  A   B C5    1 ? 
ATOM   530 C  C6    . A   B 1 10 ? -6.627  1.466   0.991   1.000 8.484   0 10  A   B C6    1 ? 
ATOM   531 N  N6    . A   B 1 10 ? -5.545  1.976   0.415   1.000 8.287   0 10  A   B N6    1 ? 
ATOM   532 N  N1    . A   B 1 10 ? -6.664  1.306   2.330   1.000 8.395   0 10  A   B N1    1 ? 
ATOM   533 C  C2    . A   B 1 10 ? -7.766  0.786   2.884   1.000 8.973   0 10  A   B C2    1 ? 
ATOM   534 N  N3    . A   B 1 10 ? -8.913  0.431   2.309   1.000 8.273   0 10  A   B N3    1 ? 
ATOM   535 C  C4    . A   B 1 10 ? -8.884  0.699   0.999   1.000 8.489   0 10  A   B C4    1 ? 
ATOM   536 P  P     . G   B 1 11 ? -13.925 3.859   -0.117  1.000 8.644   0 11  G   B P     1 ? 
ATOM   537 O  OP1   . G   B 1 11 ? -15.313 4.351   0.039   1.000 8.177   0 11  G   B OP1   1 ? 
ATOM   538 O  OP2   . G   B 1 11 ? -13.135 4.401   -1.279  1.000 8.251   0 11  G   B OP2   1 ? 
ATOM   539 O  "O5'" . G   B 1 11 ? -13.068 4.318   1.223   1.000 7.758   0 11  G   B "O5'" 1 ? 
ATOM   540 C  "C5'" . G   B 1 11 ? -13.739 4.145   2.492   1.000 7.992   0 11  G   B "C5'" 1 ? 
ATOM   541 C  "C4'" . G   B 1 11 ? -12.729 4.305   3.597   1.000 7.742   0 11  G   B "C4'" 1 ? 
ATOM   542 O  "O4'" . G   B 1 11 ? -11.647 3.363   3.417   1.000 7.531   0 11  G   B "O4'" 1 ? 
ATOM   543 C  "C3'" . G   B 1 11 ? -12.037 5.663   3.693   1.000 8.420   0 11  G   B "C3'" 1 ? 
ATOM   544 O  "O3'" . G   B 1 11 ? -12.914 6.581   4.345   1.000 9.046   0 11  G   B "O3'" 1 ? 
ATOM   545 C  "C2'" . G   B 1 11 ? -10.880 5.249   4.606   1.000 8.174   0 11  G   B "C2'" 1 ? 
ATOM   546 O  "O2'" . G   B 1 11 ? -11.352 5.035   5.916   1.000 8.709   0 11  G   B "O2'" 1 ? 
ATOM   547 C  "C1'" . G   B 1 11 ? -10.473 3.927   3.972   1.000 8.030   0 11  G   B "C1'" 1 ? 
ATOM   548 N  N9    . G   B 1 11 ? -9.472  4.134   2.937   1.000 7.870   0 11  G   B N9    1 ? 
ATOM   549 C  C8    . G   B 1 11 ? -9.602  4.181   1.565   1.000 7.976   0 11  G   B C8    1 ? 
ATOM   550 N  N7    . G   B 1 11 ? -8.460  4.449   0.956   1.000 7.619   0 11  G   B N7    1 ? 
ATOM   551 C  C5    . G   B 1 11 ? -7.550  4.640   1.994   1.000 7.761   0 11  G   B C5    1 ? 
ATOM   552 C  C6    . G   B 1 11 ? -6.151  4.893   1.968   1.000 7.777   0 11  G   B C6    1 ? 
ATOM   553 O  O6    . G   B 1 11 ? -5.399  5.092   1.003   1.000 8.254   0 11  G   B O6    1 ? 
ATOM   554 N  N1    . G   B 1 11 ? -5.618  4.961   3.244   1.000 7.425   0 11  G   B N1    1 ? 
ATOM   555 C  C2    . G   B 1 11 ? -6.339  4.833   4.402   1.000 7.634   0 11  G   B C2    1 ? 
ATOM   556 N  N2    . G   B 1 11 ? -5.642  4.974   5.528   1.000 7.694   0 11  G   B N2    1 ? 
ATOM   557 N  N3    . G   B 1 11 ? -7.639  4.543   4.458   1.000 6.915   0 11  G   B N3    1 ? 
ATOM   558 C  C4    . G   B 1 11 ? -8.168  4.459   3.212   1.000 7.821   0 11  G   B C4    1 ? 
ATOM   559 P  P     . U   B 1 12 ? -12.659 8.161   4.375   1.000 10.017  0 12  U   B P     1 ? 
ATOM   560 O  OP1   . U   B 1 12 ? -13.873 8.852   4.979   1.000 10.892  0 12  U   B OP1   1 ? 
ATOM   561 O  OP2   . U   B 1 12 ? -12.240 8.576   2.994   1.000 8.895   0 12  U   B OP2   1 ? 
ATOM   562 O  "O5'" . U   B 1 12 ? -11.388 8.429   5.294   1.000 9.520   0 12  U   B "O5'" 1 ? 
ATOM   563 C  "C5'" . U   B 1 12 ? -11.499 8.274   6.721   1.000 10.634  0 12  U   B "C5'" 1 ? 
ATOM   564 C  "C4'" . U   B 1 12 ? -10.124 8.466   7.311   1.000 10.456  0 12  U   B "C4'" 1 ? 
ATOM   565 O  "O4'" . U   B 1 12 ? -9.185  7.471   6.793   1.000 9.801   0 12  U   B "O4'" 1 ? 
ATOM   566 C  "C3'" . U   B 1 12 ? -9.434  9.793   6.990   1.000 10.702  0 12  U   B "C3'" 1 ? 
ATOM   567 O  "O3'" . U   B 1 12 ? -9.941  10.807  7.848   1.000 11.880  0 12  U   B "O3'" 1 ? 
ATOM   568 C  "C2'" . U   B 1 12 ? -7.996  9.437   7.349   1.000 10.384  0 12  U   B "C2'" 1 ? 
ATOM   569 O  "O2'" . U   B 1 12 ? -7.822  9.344   8.752   1.000 10.580  0 12  U   B "O2'" 1 ? 
ATOM   570 C  "C1'" . U   B 1 12 ? -7.901  8.058   6.708   1.000 10.085  0 12  U   B "C1'" 1 ? 
ATOM   571 N  N1    . U   B 1 12 ? -7.516  8.117   5.285   1.000 9.289   0 12  U   B N1    1 ? 
ATOM   572 C  C2    . U   B 1 12 ? -6.170  8.274   5.024   1.000 9.586   0 12  U   B C2    1 ? 
ATOM   573 O  O2    . U   B 1 12 ? -5.340  8.431   5.925   1.000 9.143   0 12  U   B O2    1 ? 
ATOM   574 N  N3    . U   B 1 12 ? -5.845  8.269   3.691   1.000 8.443   0 12  U   B N3    1 ? 
ATOM   575 C  C4    . U   B 1 12 ? -6.691  8.130   2.607   1.000 9.121   0 12  U   B C4    1 ? 
ATOM   576 O  O4    . U   B 1 12 ? -6.215  8.086   1.460   1.000 8.962   0 12  U   B O4    1 ? 
ATOM   577 C  C5    . U   B 1 12 ? -8.073  7.953   2.968   1.000 9.491   0 12  U   B C5    1 ? 
ATOM   578 C  C6    . U   B 1 12 ? -8.428  7.973   4.266   1.000 9.648   0 12  U   B C6    1 ? 
ATOM   579 P  P     . C   B 1 13 ? -9.978  12.278  7.199   1.000 12.870  0 13  C   B P     1 ? 
ATOM   580 O  OP1   . C   B 1 13 ? -10.795 13.106  8.116   1.000 13.476  0 13  C   B OP1   1 ? 
ATOM   581 O  OP2   . C   B 1 13 ? -10.387 12.381  5.745   1.000 13.073  0 13  C   B OP2   1 ? 
ATOM   582 O  "O5'" . C   B 1 13 ? -8.459  12.843  7.278   1.000 12.470  0 13  C   B "O5'" 1 ? 
ATOM   583 C  "C5'" . C   B 1 13 ? -7.782  12.799  8.554   1.000 12.513  0 13  C   B "C5'" 1 ? 
ATOM   584 C  "C4'" . C   B 1 13 ? -6.296  12.878  8.304   1.000 12.767  0 13  C   B "C4'" 1 ? 
ATOM   585 O  "O4'" . C   B 1 13 ? -5.811  11.716  7.581   1.000 12.027  0 13  C   B "O4'" 1 ? 
ATOM   586 C  "C3'" . C   B 1 13 ? -5.850  14.046  7.426   1.000 12.501  0 13  C   B "C3'" 1 ? 
ATOM   587 O  "O3'" . C   B 1 13 ? -5.851  15.205  8.249   1.000 14.991  0 13  C   B "O3'" 1 ? 
ATOM   588 C  "C2'" . C   B 1 13 ? -4.459  13.564  7.023   1.000 12.210  0 13  C   B "C2'" 1 ? 
ATOM   589 O  "O2'" . C   B 1 13 ? -3.519  13.568  8.066   1.000 12.287  0 13  C   B "O2'" 1 ? 
ATOM   590 C  "C1'" . C   B 1 13 ? -4.756  12.099  6.729   1.000 11.264  0 13  C   B "C1'" 1 ? 
ATOM   591 N  N1    . C   B 1 13 ? -5.174  11.872  5.324   1.000 10.628  0 13  C   B N1    1 ? 
ATOM   592 C  C2    . C   B 1 13 ? -4.158  11.778  4.373   1.000 9.861   0 13  C   B C2    1 ? 
ATOM   593 O  O2    . C   B 1 13 ? -2.989  11.899  4.758   1.000 9.768   0 13  C   B O2    1 ? 
ATOM   594 N  N3    . C   B 1 13 ? -4.486  11.582  3.070   1.000 9.347   0 13  C   B N3    1 ? 
ATOM   595 C  C4    . C   B 1 13 ? -5.769  11.456  2.706   1.000 9.877   0 13  C   B C4    1 ? 
ATOM   596 N  N4    . C   B 1 13 ? -6.034  11.254  1.428   1.000 9.249   0 13  C   B N4    1 ? 
ATOM   597 C  C5    . C   B 1 13 ? -6.816  11.550  3.659   1.000 10.108  0 13  C   B C5    1 ? 
ATOM   598 C  C6    . C   B 1 13 ? -6.487  11.784  4.939   1.000 10.581  0 13  C   B C6    1 ? 
HETATM 599 P  P     . G46 B 1 14 ? -5.928  16.667  7.532   1.000 17.189  0 14  G46 B P     1 ? 
HETATM 600 O  O1P   . G46 B 1 14 ? -5.723  17.608  8.660   1.000 16.550  0 14  G46 B O1P   1 ? 
HETATM 601 S  S2P   . G46 B 1 14 ? -7.541  16.653  6.522   1.000 17.265  0 14  G46 B S2P   1 ? 
HETATM 602 O  "O5'" . G46 B 1 14 ? -4.762  16.824  6.469   1.000 13.043  0 14  G46 B "O5'" 1 ? 
HETATM 603 C  "C5'" . G46 B 1 14 ? -3.454  17.031  7.018   1.000 12.564  0 14  G46 B "C5'" 1 ? 
HETATM 604 C  "C4'" . G46 B 1 14 ? -2.409  16.980  5.880   1.000 12.328  0 14  G46 B "C4'" 1 ? 
HETATM 605 O  "O4'" . G46 B 1 14 ? -2.376  15.702  5.180   1.000 10.860  0 14  G46 B "O4'" 1 ? 
HETATM 606 C  "C3'" . G46 B 1 14 ? -2.837  17.888  4.735   1.000 12.749  0 14  G46 B "C3'" 1 ? 
HETATM 607 O  "O3'" . G46 B 1 14 ? -2.592  19.319  5.167   1.000 15.490  0 14  G46 B "O3'" 1 ? 
HETATM 608 C  "C2'" . G46 B 1 14 ? -1.893  17.455  3.651   1.000 11.424  0 14  G46 B "C2'" 1 ? 
HETATM 609 C  "C1'" . G46 B 1 14 ? -2.008  15.953  3.783   1.000 10.164  0 14  G46 B "C1'" 1 ? 
HETATM 610 O  "O2'" . G46 B 1 14 ? -0.503  17.906  4.022   1.000 11.872  0 14  G46 B "O2'" 1 ? 
HETATM 611 N  N9    . G46 B 1 14 ? -3.053  15.426  2.952   1.000 9.127   0 14  G46 B N9    1 ? 
HETATM 612 C  C8    . G46 B 1 14 ? -4.312  15.155  3.208   1.000 8.797   0 14  G46 B C8    1 ? 
HETATM 613 N  N7    . G46 B 1 14 ? -4.869  14.704  2.090   1.000 8.714   0 14  G46 B N7    1 ? 
HETATM 614 C  C5    . G46 B 1 14 ? -3.937  14.669  1.111   1.000 8.814   0 14  G46 B C5    1 ? 
HETATM 615 C  C6    . G46 B 1 14 ? -3.944  14.299  -0.181  1.000 9.102   0 14  G46 B C6    1 ? 
HETATM 616 O  O6    . G46 B 1 14 ? -4.953  13.872  -0.789  1.000 8.779   0 14  G46 B O6    1 ? 
HETATM 617 N  N1    . G46 B 1 14 ? -2.727  14.447  -0.892  1.000 8.936   0 14  G46 B N1    1 ? 
HETATM 618 C  C2    . G46 B 1 14 ? -1.584  14.934  -0.275  1.000 9.062   0 14  G46 B C2    1 ? 
HETATM 619 N  N2    . G46 B 1 14 ? -0.456  15.063  -0.952  1.000 8.990   0 14  G46 B N2    1 ? 
HETATM 620 N  N3    . G46 B 1 14 ? -1.627  15.238  1.032   1.000 9.057   0 14  G46 B N3    1 ? 
HETATM 621 C  C4    . G46 B 1 14 ? -2.801  15.151  1.684   1.000 8.839   0 14  G46 B C4    1 ? 
HETATM 622 P  P     . G46 B 1 15 ? -3.325  20.562  4.446   1.000 20.357  0 15  G46 B P     1 ? 
HETATM 623 O  O1P   . G46 B 1 15 ? -2.927  21.807  5.190   1.000 20.389  0 15  G46 B O1P   1 ? 
HETATM 624 S  S2P   . G46 B 1 15 ? -5.176  20.179  4.097   1.000 22.632  0 15  G46 B S2P   1 ? 
HETATM 625 O  "O5'" . G46 B 1 15 ? -2.392  20.519  3.092   1.000 19.207  0 15  G46 B "O5'" 1 ? 
HETATM 626 C  "C5'" . G46 B 1 15 ? -2.869  20.932  1.848   1.000 19.784  0 15  G46 B "C5'" 1 ? 
HETATM 627 C  "C4'" . G46 B 1 15 ? -1.800  20.527  0.851   1.000 19.078  0 15  G46 B "C4'" 1 ? 
HETATM 628 O  "O4'" . G46 B 1 15 ? -1.867  19.073  0.708   1.000 16.396  0 15  G46 B "O4'" 1 ? 
HETATM 629 C  "C3'" . G46 B 1 15 ? -2.215  21.033  -0.501  1.000 19.419  0 15  G46 B "C3'" 1 ? 
HETATM 630 O  "O3'" . G46 B 1 15 ? -1.875  22.424  -0.566  1.000 23.435  0 15  G46 B "O3'" 1 ? 
HETATM 631 C  "C2'" . G46 B 1 15 ? -1.454  20.119  -1.403  1.000 17.823  0 15  G46 B "C2'" 1 ? 
HETATM 632 C  "C1'" . G46 B 1 15 ? -1.785  18.749  -0.709  1.000 15.034  0 15  G46 B "C1'" 1 ? 
HETATM 633 O  "O2'" . G46 B 1 15 ? -0.038  20.366  -1.326  1.000 18.611  0 15  G46 B "O2'" 1 ? 
HETATM 634 N  N9    . G46 B 1 15 ? -3.058  18.064  -1.045  1.000 12.710  0 15  G46 B N9    1 ? 
HETATM 635 C  C8    . G46 B 1 15 ? -4.114  17.872  -0.281  1.000 11.935  0 15  G46 B C8    1 ? 
HETATM 636 N  N7    . G46 B 1 15 ? -5.051  17.233  -0.984  1.000 11.320  0 15  G46 B N7    1 ? 
HETATM 637 C  C5    . G46 B 1 15 ? -4.519  16.995  -2.214  1.000 11.062  0 15  G46 B C5    1 ? 
HETATM 638 C  C6    . G46 B 1 15 ? -4.972  16.390  -3.329  1.000 11.410  0 15  G46 B C6    1 ? 
HETATM 639 O  O6    . G46 B 1 15 ? -6.053  15.826  -3.460  1.000 11.297  0 15  G46 B O6    1 ? 
HETATM 640 N  N1    . G46 B 1 15 ? -4.152  16.378  -4.483  1.000 10.850  0 15  G46 B N1    1 ? 
HETATM 641 C  C2    . G46 B 1 15 ? -2.917  16.900  -4.438  1.000 10.736  0 15  G46 B C2    1 ? 
HETATM 642 N  N2    . G46 B 1 15 ? -2.219  16.855  -5.582  1.000 11.056  0 15  G46 B N2    1 ? 
HETATM 643 N  N3    . G46 B 1 15 ? -2.474  17.497  -3.297  1.000 10.280  0 15  G46 B N3    1 ? 
HETATM 644 C  C4    . G46 B 1 15 ? -3.288  17.522  -2.230  1.000 11.200  0 15  G46 B C4    1 ? 
HETATM 645 N  N1    . LXI C 2 .  ? 12.664  -16.497 4.046   1.000 36.685  0 101 LXI A N1    1 ? 
HETATM 646 C  C1    . LXI C 2 .  ? 12.109  -17.122 2.999   1.000 30.511  0 101 LXI A C1    1 ? 
HETATM 647 N  N2    . LXI C 2 .  ? 10.880  -17.486 3.337   1.000 30.099  0 101 LXI A N2    1 ? 
HETATM 648 C  C2    . LXI C 2 .  ? 10.687  -17.086 4.602   1.000 29.740  0 101 LXI A C2    1 ? 
HETATM 649 C  C3    . LXI C 2 .  ? 9.608   -17.230 5.385   1.000 29.858  0 101 LXI A C3    1 ? 
HETATM 650 N  N3    . LXI C 2 .  ? 9.687   -16.710 6.696   1.000 29.909  0 101 LXI A N3    1 ? 
HETATM 651 C  C4    . LXI C 2 .  ? 10.871  -16.067 7.098   1.000 26.821  0 101 LXI A C4    1 ? 
HETATM 652 N  N4    . LXI C 2 .  ? 11.917  -15.927 6.265   1.000 27.516  0 101 LXI A N4    1 ? 
HETATM 653 C  C5    . LXI C 2 .  ? 11.791  -16.462 5.040   1.000 28.774  0 101 LXI A C5    1 ? 
HETATM 654 O  O1    . LXI C 2 .  ? 8.582   -17.820 4.958   1.000 32.063  0 101 LXI A O1    1 ? 
HETATM 655 N  N5    . LXI C 2 .  ? 10.908  -15.594 8.307   1.000 27.672  0 101 LXI A N5    1 ? 
HETATM 656 C  C6    . LXI C 2 .  ? 13.961  -15.832 4.258   1.000 45.598  0 101 LXI A C6    1 ? 
HETATM 657 O  O2    . LXI C 2 .  ? 14.707  -15.677 2.996   1.000 61.666  0 101 LXI A O2    1 ? 
HETATM 658 C  C7    . LXI C 2 .  ? 14.799  -16.563 5.222   1.000 55.428  0 101 LXI A C7    1 ? 
HETATM 659 O  O3    . LXI C 2 .  ? 14.912  -15.662 6.272   1.000 53.298  0 101 LXI A O3    1 ? 
HETATM 660 C  C8    . LXI C 2 .  ? 16.140  -16.787 4.502   1.000 65.621  0 101 LXI A C8    1 ? 
HETATM 661 O  O4    . LXI C 2 .  ? 17.066  -15.813 4.999   1.000 68.593  0 101 LXI A O4    1 ? 
HETATM 662 C  C9    . LXI C 2 .  ? 15.902  -16.533 2.966   1.000 71.072  0 101 LXI A C9    1 ? 
HETATM 663 C  C10   . LXI C 2 .  ? 15.781  -17.812 2.042   1.000 77.171  0 101 LXI A C10   1 ? 
HETATM 664 O  O5    . LXI C 2 .  ? 14.496  -17.893 1.326   1.000 93.350  0 101 LXI A O5    1 ? 
HETATM 665 P  P1    . LXI C 2 .  ? 13.636  -19.384 0.841   1.000 114.320 0 101 LXI A P1    1 ? 
HETATM 666 S  S1    . LXI C 2 .  ? 13.450  -20.205 2.643   1.000 106.165 0 101 LXI A S1    1 ? 
HETATM 667 O  O6    . LXI C 2 .  ? 14.956  -20.041 0.419   1.000 122.780 0 101 LXI A O6    1 ? 
HETATM 668 N  N6    . LXI C 2 .  ? 11.974  -19.346 -0.033  1.000 107.121 0 101 LXI A N6    1 ? 
HETATM 669 C  C11   . LXI C 2 .  ? 11.086  -20.347 0.149   1.000 103.262 0 101 LXI A C11   1 ? 
HETATM 670 C  C12   . LXI C 2 .  ? 9.982   -20.146 -0.590  1.000 97.918  0 101 LXI A C12   1 ? 
HETATM 671 N  N7    . LXI C 2 .  ? 10.141  -19.013 -1.264  1.000 98.968  0 101 LXI A N7    1 ? 
HETATM 672 C  C13   . LXI C 2 .  ? 11.350  -18.541 -0.920  1.000 102.230 0 101 LXI A C13   1 ? 
HETATM 673 N  N8    . LXI C 2 .  ? 11.842  -17.406 -1.409  1.000 94.005  0 101 LXI A N8    1 ? 
HETATM 674 MG MG    . MG  D 3 .  ? 3.726   5.000   -5.409  1.000 18.913  0 102 MG  A MG    1 ? 
HETATM 675 N  N1    . LXI E 2 .  ? -7.287  19.123  -3.475  1.000 24.712  0 101 LXI B N1    1 ? 
HETATM 676 C  C1    . LXI E 2 .  ? -6.908  19.754  -2.353  1.000 23.515  0 101 LXI B C1    1 ? 
HETATM 677 N  N2    . LXI E 2 .  ? -5.672  20.265  -2.556  1.000 21.364  0 101 LXI B N2    1 ? 
HETATM 678 C  C2    . LXI E 2 .  ? -5.317  19.956  -3.814  1.000 19.760  0 101 LXI B C2    1 ? 
HETATM 679 C  C3    . LXI E 2 .  ? -4.231  20.251  -4.526  1.000 18.338  0 101 LXI B C3    1 ? 
HETATM 680 N  N3    . LXI E 2 .  ? -4.159  19.804  -5.811  1.000 20.354  0 101 LXI B N3    1 ? 
HETATM 681 C  C4    . LXI E 2 .  ? -5.209  19.074  -6.412  1.000 18.352  0 101 LXI B C4    1 ? 
HETATM 682 N  N4    . LXI E 2 .  ? -6.257  18.828  -5.657  1.000 17.788  0 101 LXI B N4    1 ? 
HETATM 683 C  C5    . LXI E 2 .  ? -6.317  19.273  -4.378  1.000 19.857  0 101 LXI B C5    1 ? 
HETATM 684 O  O1    . LXI E 2 .  ? -3.281  20.915  -4.068  1.000 20.624  0 101 LXI B O1    1 ? 
HETATM 685 N  N5    . LXI E 2 .  ? -5.135  18.637  -7.708  1.000 19.335  0 101 LXI B N5    1 ? 
HETATM 686 C  C6    . LXI E 2 .  ? -8.592  18.476  -3.901  1.000 35.399  0 101 LXI B C6    1 ? 
HETATM 687 O  O2    . LXI E 2 .  ? -9.721  19.493  -3.480  1.000 44.274  0 101 LXI B O2    1 ? 
HETATM 688 C  C7    . LXI E 2 .  ? -9.034  17.102  -3.458  1.000 41.647  0 101 LXI B C7    1 ? 
HETATM 689 O  O3    . LXI E 2 .  ? -9.557  16.420  -4.638  1.000 33.186  0 101 LXI B O3    1 ? 
HETATM 690 C  C8    . LXI E 2 .  ? -10.137 17.403  -2.400  1.000 47.986  0 101 LXI B C8    1 ? 
HETATM 691 O  O4    . LXI E 2 .  ? -11.114 16.355  -2.334  1.000 54.034  0 101 LXI B O4    1 ? 
HETATM 692 C  C9    . LXI E 2 .  ? -10.810 18.748  -2.813  1.000 52.958  0 101 LXI B C9    1 ? 
HETATM 693 C  C10   . LXI E 2 .  ? -11.432 19.424  -1.545  1.000 61.532  0 101 LXI B C10   1 ? 
HETATM 694 O  O5    . LXI E 2 .  ? -10.370 19.902  -0.684  1.000 83.076  0 101 LXI B O5    1 ? 
HETATM 695 P  P1    . LXI E 2 .  ? -10.009 19.619  0.913   1.000 96.031  0 101 LXI B P1    1 ? 
HETATM 696 S  S1    . LXI E 2 .  ? -9.726  17.448  1.464   1.000 83.949  0 101 LXI B S1    1 ? 
HETATM 697 O  O6    . LXI E 2 .  ? -11.030 20.156  1.816   1.000 94.155  0 101 LXI B O6    1 ? 
HETATM 698 N  N6    . LXI E 2 .  ? -8.454  20.453  0.867   1.000 94.959  0 101 LXI B N6    1 ? 
HETATM 699 C  C11   . LXI E 2 .  ? -7.246  20.091  1.303   1.000 96.463  0 101 LXI B C11   1 ? 
HETATM 700 C  C12   . LXI E 2 .  ? -6.389  21.077  1.006   1.000 96.812  0 101 LXI B C12   1 ? 
HETATM 701 N  N7    . LXI E 2 .  ? -7.032  22.051  0.379   1.000 93.414  0 101 LXI B N7    1 ? 
HETATM 702 C  C13   . LXI E 2 .  ? -8.295  21.654  0.303   1.000 90.182  0 101 LXI B C13   1 ? 
HETATM 703 N  N8    . LXI E 2 .  ? -9.262  22.363  -0.269  1.000 84.986  0 101 LXI B N8    1 ? 
HETATM 704 MG MG    . MG  F 3 .  ? 5.626   -0.066  5.721   1.000 15.380  0 102 MG  B MG    1 ? 
HETATM 705 MG MG    . MG  G 3 .  ? -6.537  4.506   -3.152  1.000 27.268  0 103 MG  B MG    1 ? 
HETATM 706 O  O     . HOH H 4 .  ? -4.367  -14.401 5.570   1.000 28.185  0 201 HOH A O     1 ? 
HETATM 707 O  O     . HOH H 4 .  ? 2.135   5.741   -4.216  1.000 26.294  0 202 HOH A O     1 ? 
HETATM 708 O  O     . HOH H 4 .  ? 5.668   -9.318  -9.883  1.000 20.889  0 203 HOH A O     1 ? 
HETATM 709 O  O     . HOH H 4 .  ? -8.327  -7.181  0.000   1.000 18.786  0 204 HOH A O     1 ? 
HETATM 710 O  O     . HOH H 4 .  ? 4.498   1.817   9.377   1.000 16.844  0 205 HOH A O     1 ? 
HETATM 711 O  O     . HOH H 4 .  ? 6.447   3.937   6.026   1.000 11.516  0 206 HOH A O     1 ? 
HETATM 712 O  O     . HOH H 4 .  ? 14.576  -10.324 4.221   1.000 29.365  0 207 HOH A O     1 ? 
HETATM 713 O  O     . HOH H 4 .  ? 1.860   15.874  -4.040  1.000 25.312  0 208 HOH A O     1 ? 
HETATM 714 O  O     . HOH H 4 .  ? -5.297  9.398   -2.116  1.000 19.938  0 209 HOH A O     1 ? 
HETATM 715 O  O     . HOH H 4 .  ? -1.194  -7.630  2.567   1.000 32.209  0 210 HOH A O     1 ? 
HETATM 716 O  O     . HOH H 4 .  ? -7.845  -6.142  9.701   1.000 41.790  0 211 HOH A O     1 ? 
HETATM 717 O  O     . HOH H 4 .  ? 1.508   -8.018  1.187   1.000 27.427  0 212 HOH A O     1 ? 
HETATM 718 O  O     . HOH H 4 .  ? 7.771   7.284   -1.064  1.000 32.050  0 213 HOH A O     1 ? 
HETATM 719 O  O     . HOH H 4 .  ? 2.669   -11.046 0.144   1.000 28.049  0 214 HOH A O     1 ? 
HETATM 720 O  O     . HOH H 4 .  ? -5.672  -7.005  11.328  1.000 24.854  0 215 HOH A O     1 ? 
HETATM 721 O  O     . HOH H 4 .  ? 1.286   1.749   3.851   1.000 26.654  0 216 HOH A O     1 ? 
HETATM 722 O  O     . HOH H 4 .  ? 5.915   7.770   5.803   1.000 9.342   0 217 HOH A O     1 ? 
HETATM 723 O  O     . HOH H 4 .  ? -1.610  -4.328  6.823   1.000 17.372  0 218 HOH A O     1 ? 
HETATM 724 O  O     . HOH H 4 .  ? -0.854  -0.948  1.949   1.000 21.937  0 219 HOH A O     1 ? 
HETATM 725 O  O     . HOH H 4 .  ? -4.795  1.103   12.028  1.000 32.941  0 220 HOH A O     1 ? 
HETATM 726 O  O     . HOH H 4 .  ? 0.035   9.473   6.488   1.000 12.323  0 221 HOH A O     1 ? 
HETATM 727 O  O     . HOH H 4 .  ? 1.781   13.453  2.023   1.000 25.596  0 222 HOH A O     1 ? 
HETATM 728 O  O     . HOH H 4 .  ? -5.597  9.943   -9.045  1.000 24.164  0 223 HOH A O     1 ? 
HETATM 729 O  O     . HOH H 4 .  ? -2.894  8.994   -3.679  1.000 14.528  0 224 HOH A O     1 ? 
HETATM 730 O  O     . HOH H 4 .  ? -2.782  -14.111 -8.228  1.000 28.098  0 225 HOH A O     1 ? 
HETATM 731 O  O     . HOH H 4 .  ? 9.937   -15.881 -0.173  1.000 29.265  0 226 HOH A O     1 ? 
HETATM 732 O  O     . HOH H 4 .  ? -0.414  -1.097  6.070   1.000 14.162  0 227 HOH A O     1 ? 
HETATM 733 O  O     . HOH H 4 .  ? 3.452   6.249   -7.029  1.000 10.975  0 228 HOH A O     1 ? 
HETATM 734 O  O     . HOH H 4 .  ? -2.067  9.059   -6.755  1.000 22.555  0 229 HOH A O     1 ? 
HETATM 735 O  O     . HOH H 4 .  ? -7.304  -14.223 -2.596  1.000 19.209  0 230 HOH A O     1 ? 
HETATM 736 O  O     . HOH H 4 .  ? 1.614   5.166   10.432  1.000 22.017  0 231 HOH A O     1 ? 
HETATM 737 O  O     . HOH H 4 .  ? -0.341  7.219   -2.134  1.000 22.026  0 232 HOH A O     1 ? 
HETATM 738 O  O     . HOH H 4 .  ? -9.277  -11.187 3.453   0.333 20.644  0 233 HOH A O     1 ? 
HETATM 739 O  O     . HOH H 4 .  ? -9.284  13.073  -5.248  1.000 31.472  0 234 HOH A O     1 ? 
HETATM 740 O  O     . HOH H 4 .  ? -0.737  1.548   0.603   1.000 15.935  0 235 HOH A O     1 ? 
HETATM 741 O  O     . HOH H 4 .  ? 3.588   -14.870 -4.248  1.000 20.004  0 236 HOH A O     1 ? 
HETATM 742 O  O     . HOH H 4 .  ? -0.802  4.373   -1.097  1.000 19.146  0 237 HOH A O     1 ? 
HETATM 743 O  O     . HOH H 4 .  ? -7.691  -14.219 3.725   0.330 14.269  0 238 HOH A O     1 ? 
HETATM 744 O  O     . HOH H 4 .  ? -3.038  6.857   -1.795  1.000 17.574  0 239 HOH A O     1 ? 
HETATM 745 O  O     . HOH H 4 .  ? 7.840   -14.723 -2.012  1.000 21.854  0 240 HOH A O     1 ? 
HETATM 746 O  O     . HOH H 4 .  ? 3.838   -0.660  6.426   1.000 17.894  0 241 HOH A O     1 ? 
HETATM 747 O  O     . HOH H 4 .  ? 4.420   -13.883 -1.292  1.000 23.030  0 242 HOH A O     1 ? 
HETATM 748 O  O     . HOH H 4 .  ? 1.293   -7.723  -8.940  1.000 21.787  0 243 HOH A O     1 ? 
HETATM 749 O  O     . HOH H 4 .  ? 4.936   0.923   4.126   1.000 17.747  0 244 HOH A O     1 ? 
HETATM 750 O  O     . HOH H 4 .  ? -7.022  10.996  -3.976  1.000 23.497  0 245 HOH A O     1 ? 
HETATM 751 O  O     . HOH H 4 .  ? 5.460   1.637   6.946   1.000 14.352  0 246 HOH A O     1 ? 
HETATM 752 O  O     . HOH I 4 .  ? 4.990   -9.924  1.617   1.000 30.583  0 201 HOH B O     1 ? 
HETATM 753 O  O     . HOH I 4 .  ? -5.279  5.440   -1.425  1.000 19.159  0 202 HOH B O     1 ? 
HETATM 754 O  O     . HOH I 4 .  ? -8.211  1.247   -4.926  1.000 26.023  0 203 HOH B O     1 ? 
HETATM 755 O  O     . HOH I 4 .  ? -5.340  9.231   9.504   1.000 15.798  0 204 HOH B O     1 ? 
HETATM 756 O  O     . HOH I 4 .  ? -2.792  -6.382  -9.644  1.000 19.816  0 205 HOH B O     1 ? 
HETATM 757 O  O     . HOH I 4 .  ? -7.004  7.759   -1.007  1.000 27.189  0 206 HOH B O     1 ? 
HETATM 758 O  O     . HOH I 4 .  ? 3.880   -4.880  -9.511  1.000 26.190  0 207 HOH B O     1 ? 
HETATM 759 O  O     . HOH I 4 .  ? -16.730 6.032   -1.401  1.000 17.061  0 208 HOH B O     1 ? 
HETATM 760 O  O     . HOH I 4 .  ? -11.774 6.648   -1.117  1.000 28.842  0 209 HOH B O     1 ? 
HETATM 761 O  O     . HOH I 4 .  ? 5.483   -1.669  4.483   1.000 15.726  0 210 HOH B O     1 ? 
HETATM 762 O  O     . HOH I 4 .  ? 4.501   -10.922 9.211   1.000 31.238  0 211 HOH B O     1 ? 
HETATM 763 O  O     . HOH I 4 .  ? 4.757   3.028   -8.897  1.000 12.088  0 212 HOH B O     1 ? 
HETATM 764 O  O     . HOH I 4 .  ? -1.051  -3.407  -12.310 1.000 35.553  0 213 HOH B O     1 ? 
HETATM 765 O  O     . HOH I 4 .  ? 1.382   19.179  2.636   1.000 32.331  0 214 HOH B O     1 ? 
HETATM 766 O  O     . HOH I 4 .  ? 12.564  -6.754  -1.229  1.000 32.081  0 215 HOH B O     1 ? 
HETATM 767 O  O     . HOH I 4 .  ? 13.802  -7.566  4.502   1.000 29.686  0 216 HOH B O     1 ? 
HETATM 768 O  O     . HOH I 4 .  ? -11.045 -0.159  3.820   1.000 20.548  0 217 HOH B O     1 ? 
HETATM 769 O  O     . HOH I 4 .  ? 2.125   3.595   -6.379  1.000 18.978  0 218 HOH B O     1 ? 
HETATM 770 O  O     . HOH I 4 .  ? 5.596   -7.858  3.678   1.000 11.438  0 219 HOH B O     1 ? 
HETATM 771 O  O     . HOH I 4 .  ? -8.363  4.746   -1.736  1.000 15.229  0 220 HOH B O     1 ? 
HETATM 772 O  O     . HOH I 4 .  ? -6.324  2.490   -2.674  1.000 16.170  0 221 HOH B O     1 ? 
HETATM 773 O  O     . HOH I 4 .  ? 1.162   -1.754  -0.645  1.000 14.282  0 222 HOH B O     1 ? 
HETATM 774 O  O     . HOH I 4 .  ? -14.296 4.168   -3.738  1.000 16.092  0 223 HOH B O     1 ? 
HETATM 775 O  O     . HOH I 4 .  ? -4.665  0.720   -6.665  1.000 18.565  0 224 HOH B O     1 ? 
HETATM 776 O  O     . HOH I 4 .  ? -3.422  11.389  9.717   1.000 22.258  0 225 HOH B O     1 ? 
HETATM 777 O  O     . HOH I 4 .  ? -4.713  0.758   -3.952  1.000 17.577  0 226 HOH B O     1 ? 
HETATM 778 O  O     . HOH I 4 .  ? -0.657  0.513   -5.994  1.000 15.787  0 227 HOH B O     1 ? 
HETATM 779 O  O     . HOH I 4 .  ? 8.537   -4.855  -6.343  1.000 13.044  0 228 HOH B O     1 ? 
HETATM 780 O  O     . HOH I 4 .  ? -0.778  -0.038  -1.999  1.000 27.374  0 229 HOH B O     1 ? 
HETATM 781 O  O     . HOH I 4 .  ? -2.603  -7.788  -7.267  1.000 31.084  0 230 HOH B O     1 ? 
HETATM 782 O  O     . HOH I 4 .  ? -7.656  16.952  -0.080  1.000 27.420  0 231 HOH B O     1 ? 
HETATM 783 O  O     . HOH I 4 .  ? 5.196   -1.494  0.518   1.000 15.683  0 232 HOH B O     1 ? 
HETATM 784 O  O     . HOH I 4 .  ? -10.472 10.730  3.153   1.000 16.027  0 233 HOH B O     1 ? 
HETATM 785 O  O     . HOH I 4 .  ? 10.267  0.888   -5.035  1.000 12.518  0 234 HOH B O     1 ? 
HETATM 786 O  O     . HOH I 4 .  ? 6.438   -1.189  7.423   1.000 15.411  0 235 HOH B O     1 ? 
HETATM 787 O  O     . HOH I 4 .  ? -17.202 3.962   2.095   0.330 10.527  0 236 HOH B O     1 ? 
HETATM 788 O  O     . HOH I 4 .  ? -15.747 1.180   2.345   0.330 4.929   0 237 HOH B O     1 ? 
HETATM 789 O  O     . HOH I 4 .  ? 5.900   -4.554  2.213   1.000 21.452  0 238 HOH B O     1 ? 
HETATM 790 O  O     . HOH I 4 .  ? -12.779 1.943   -8.108  1.000 34.753  0 239 HOH B O     1 ? 
HETATM 791 O  O     . HOH I 4 .  ? -10.697 7.648   0.759   1.000 20.187  0 240 HOH B O     1 ? 
HETATM 792 O  O     . HOH I 4 .  ? -3.648  7.340   7.977   1.000 27.609  0 241 HOH B O     1 ? 
HETATM 793 O  O     . HOH I 4 .  ? 5.999   -1.024  -10.210 1.000 26.294  0 242 HOH B O     1 ? 
HETATM 794 O  O     . HOH I 4 .  ? -7.746  14.473  1.728   1.000 20.652  0 243 HOH B O     1 ? 
HETATM 795 O  O     . HOH I 4 .  ? 5.860   -7.278  6.276   1.000 22.934  0 244 HOH B O     1 ? 
HETATM 796 O  O     . HOH I 4 .  ? -8.948  11.169  0.984   1.000 16.435  0 245 HOH B O     1 ? 
HETATM 797 O  O     . HOH I 4 .  ? 2.767   0.378   -1.511  1.000 22.309  0 246 HOH B O     1 ? 
HETATM 798 O  O     . HOH I 4 .  ? 4.227   -6.878  1.605   1.000 25.880  0 247 HOH B O     1 ? 
HETATM 799 O  O     . HOH I 4 .  ? 3.194   -3.290  1.071   1.000 15.192  0 248 HOH B O     1 ? 
HETATM 800 O  O     . HOH I 4 .  ? 4.998   -12.489 3.773   1.000 20.597  0 249 HOH B O     1 ? 
HETATM 801 O  O     . HOH I 4 .  ? 4.846   -15.337 4.889   1.000 31.105  0 250 HOH B O     1 ? 
HETATM 802 O  O     . HOH I 4 .  ? -10.580 3.647   -2.778  1.000 21.879  0 251 HOH B O     1 ? 
HETATM 803 O  O     . HOH I 4 .  ? 4.002   3.598   -3.603  1.000 20.166  0 252 HOH B O     1 ? 
HETATM 804 O  O     . HOH I 4 .  ? -6.245  5.286   8.604   1.000 24.627  0 253 HOH B O     1 ? 
HETATM 805 O  O     . HOH I 4 .  ? -14.944 7.811   0.298   1.000 35.546  0 254 HOH B O     1 ? 
HETATM 806 O  O     . HOH I 4 .  ? -18.713 5.712   0.244   1.000 34.806  0 255 HOH B O     1 ? 
HETATM 807 O  O     . HOH I 4 .  ? 5.003   3.751   -6.420  1.000 11.945  0 256 HOH B O     1 ? 
HETATM 808 O  O     . HOH I 4 .  ? -7.667  4.046   -4.623  1.000 32.057  0 257 HOH B O     1 ? 
HETATM 809 O  O     . HOH I 4 .  ? 3.727   0.090   1.985   1.000 31.621  0 258 HOH B O     1 ? 
HETATM 810 O  O     . HOH I 4 .  ? 2.456   5.662   -9.467  1.000 27.709  0 259 HOH B O     1 ? 
HETATM 811 O  O     . HOH I 4 .  ? -7.012  6.473   -3.698  1.000 26.068  0 260 HOH B O     1 ? 
HETATM 812 O  O     . HOH I 4 .  ? -4.640  4.344   -4.181  1.000 24.468  0 261 HOH B O     1 ? 
# 
